data_3WIE
#
_entry.id   3WIE
#
_cell.length_a   79.910
_cell.length_b   92.331
_cell.length_c   120.470
_cell.angle_alpha   90.00
_cell.angle_beta   91.12
_cell.angle_gamma   90.00
#
_symmetry.space_group_name_H-M   'P 1 21 1'
#
loop_
_entity.id
_entity.type
_entity.pdbx_description
1 polymer 'Glucose 1-dehydrogenase'
2 non-polymer 'ZINC ION'
3 non-polymer '[[(2R,3R,4R,5R)-5-(6-aminopurin-9-yl)-3-oxidanyl-4-phosphonooxy-oxolan-2-yl]methoxy-oxidanyl-phosphoryl] [(2R,3S,4R,5R)-5-(3-carboxypyridin-1-ium-1-yl)-3,4-bis(oxidanyl)oxolan-2-yl]methyl phosphate'
4 non-polymer beta-D-glucopyranose
5 water water
#
_entity_poly.entity_id   1
_entity_poly.type   'polypeptide(L)'
_entity_poly.pdbx_seq_one_letter_code
;MSTINAIVTDAPKGGVKYTKIDMPEPEKYEAKLKPVYIGICGTDRGEVAGALSFTYNPEGENFLVLGHEALLQVLDVSDN
NYIKRGDFVVPLVRRPGKCVNCRIGRQDNCSIGDPDKHEAGITGLHGFMRDVIYDDIQNLVKVNDPDLGKIAVLTEPLKN
VMKAFEVFDVVSKRSIFQNDDSTFIGKKMVVIGSGSEAFLYSFVGKDRGFDVTMVNRHDETENKMKMMDDFGVGFSNYLK
DMPDKIDLLVDTSGDPSTIFKFVKKVNNNGVVILFGFNGKAPGYPVNGEDIDYIVERNITIAGSVDAAKIHYVQALDSLS
NWYHRHPQTIKDIITYEAKPEETNIFFQKPKGEIKTVIKWPLEHHHHHH
;
_entity_poly.pdbx_strand_id   A,B,C,D
#
# COMPACT_ATOMS: atom_id res chain seq x y z
N SER A 2 32.25 37.50 -7.23
CA SER A 2 33.71 37.22 -7.24
C SER A 2 34.08 36.30 -8.42
N THR A 3 35.36 36.05 -8.64
CA THR A 3 35.82 35.23 -9.77
C THR A 3 36.23 33.88 -9.21
N ILE A 4 35.83 32.80 -9.88
CA ILE A 4 36.14 31.43 -9.42
C ILE A 4 36.37 30.56 -10.64
N ASN A 5 37.02 29.43 -10.42
CA ASN A 5 37.12 28.37 -11.46
C ASN A 5 35.84 27.52 -11.48
N ALA A 6 35.46 27.10 -12.67
CA ALA A 6 34.24 26.38 -12.91
C ALA A 6 34.44 25.57 -14.18
N ILE A 7 33.75 24.41 -14.27
CA ILE A 7 33.62 23.74 -15.58
C ILE A 7 32.22 23.96 -16.10
N VAL A 8 32.13 24.56 -17.30
CA VAL A 8 30.87 25.05 -17.82
C VAL A 8 30.58 24.63 -19.27
N THR A 9 29.30 24.75 -19.65
CA THR A 9 28.82 24.51 -21.02
C THR A 9 27.85 25.64 -21.35
N ASP A 10 27.25 25.61 -22.52
CA ASP A 10 26.20 26.54 -22.87
C ASP A 10 25.05 25.64 -23.28
N ALA A 11 24.10 25.43 -22.37
CA ALA A 11 23.02 24.47 -22.62
C ALA A 11 21.97 25.10 -23.52
N PRO A 12 21.41 24.34 -24.47
CA PRO A 12 21.68 22.96 -24.86
C PRO A 12 22.72 22.75 -25.98
N LYS A 13 23.43 23.81 -26.36
CA LYS A 13 24.24 23.80 -27.59
C LYS A 13 25.42 22.85 -27.50
N GLY A 14 26.07 22.79 -26.33
CA GLY A 14 27.21 21.90 -26.12
C GLY A 14 28.42 22.66 -25.61
N GLY A 15 29.59 22.01 -25.68
CA GLY A 15 30.84 22.70 -25.36
C GLY A 15 31.19 22.46 -23.92
N VAL A 16 32.47 22.60 -23.62
CA VAL A 16 32.95 22.46 -22.26
C VAL A 16 34.24 23.26 -22.12
N LYS A 17 34.37 24.04 -21.05
CA LYS A 17 35.59 24.74 -20.78
C LYS A 17 35.78 24.71 -19.29
N TYR A 18 36.96 24.33 -18.83
CA TYR A 18 37.42 24.70 -17.50
C TYR A 18 37.87 26.16 -17.64
N THR A 19 37.40 27.03 -16.77
CA THR A 19 37.47 28.44 -17.06
C THR A 19 37.23 29.29 -15.83
N LYS A 20 37.54 30.59 -15.95
CA LYS A 20 37.26 31.56 -14.88
C LYS A 20 35.87 32.06 -15.15
N ILE A 21 35.07 32.22 -14.08
CA ILE A 21 33.75 32.89 -14.20
C ILE A 21 33.52 33.79 -12.99
N ASP A 22 32.59 34.71 -13.14
CA ASP A 22 32.09 35.52 -12.01
C ASP A 22 30.72 35.06 -11.49
N MET A 23 30.63 34.94 -10.18
CA MET A 23 29.44 34.44 -9.52
C MET A 23 29.20 35.26 -8.29
N PRO A 24 27.93 35.55 -7.97
CA PRO A 24 27.74 36.37 -6.77
C PRO A 24 28.29 35.67 -5.55
N GLU A 25 28.79 36.43 -4.58
CA GLU A 25 29.12 35.88 -3.29
C GLU A 25 28.25 36.60 -2.22
N PRO A 26 27.14 35.96 -1.90
CA PRO A 26 26.27 36.58 -0.95
C PRO A 26 26.94 36.57 0.38
N GLU A 27 26.56 37.51 1.22
CA GLU A 27 27.02 37.53 2.59
C GLU A 27 25.96 36.87 3.46
N LYS A 28 24.73 36.81 2.95
CA LYS A 28 23.64 36.09 3.63
C LYS A 28 23.48 34.75 2.93
N TYR A 29 23.70 33.65 3.67
CA TYR A 29 23.53 32.27 3.13
C TYR A 29 23.39 31.28 4.25
N GLU A 30 22.82 30.12 3.97
CA GLU A 30 22.78 29.05 4.96
C GLU A 30 24.05 28.27 4.98
N ALA A 31 24.59 27.96 3.81
CA ALA A 31 25.76 27.13 3.75
C ALA A 31 26.57 27.49 2.56
N LYS A 32 27.88 27.33 2.73
CA LYS A 32 28.83 27.62 1.73
C LYS A 32 29.80 26.43 1.66
N LEU A 33 30.10 25.99 0.47
CA LEU A 33 30.76 24.71 0.34
C LEU A 33 31.73 24.79 -0.77
N LYS A 34 32.67 23.87 -0.75
CA LYS A 34 33.49 23.59 -1.96
C LYS A 34 33.31 22.11 -2.36
N PRO A 35 33.53 21.81 -3.63
CA PRO A 35 33.53 20.43 -4.09
C PRO A 35 34.85 19.71 -3.78
N VAL A 36 34.77 18.44 -3.36
CA VAL A 36 35.90 17.52 -3.18
C VAL A 36 36.05 16.52 -4.34
N TYR A 37 34.99 15.76 -4.64
CA TYR A 37 34.89 15.00 -5.90
C TYR A 37 33.57 15.27 -6.61
N ILE A 38 33.61 15.32 -7.94
CA ILE A 38 32.40 15.35 -8.73
C ILE A 38 32.44 14.17 -9.70
N GLY A 39 31.34 13.38 -9.76
CA GLY A 39 31.27 12.23 -10.64
C GLY A 39 30.80 12.64 -12.01
N ILE A 40 31.03 11.82 -13.01
CA ILE A 40 30.37 12.08 -14.29
C ILE A 40 29.73 10.83 -14.90
N CYS A 41 28.78 11.07 -15.77
CA CYS A 41 27.82 10.05 -16.21
C CYS A 41 27.41 10.48 -17.61
N GLY A 42 26.67 9.64 -18.29
CA GLY A 42 26.35 9.89 -19.71
C GLY A 42 25.53 11.12 -19.97
N THR A 43 24.78 11.56 -18.97
CA THR A 43 24.09 12.82 -19.05
C THR A 43 25.11 13.99 -19.21
N ASP A 44 26.12 14.04 -18.36
CA ASP A 44 27.19 15.06 -18.50
C ASP A 44 27.74 15.04 -19.96
N ARG A 45 28.12 13.83 -20.43
CA ARG A 45 28.64 13.67 -21.80
C ARG A 45 27.59 14.06 -22.83
N GLY A 46 26.33 13.74 -22.57
CA GLY A 46 25.24 14.17 -23.47
C GLY A 46 25.14 15.68 -23.62
N GLU A 47 25.22 16.40 -22.51
CA GLU A 47 25.05 17.87 -22.53
C GLU A 47 26.12 18.56 -23.37
N VAL A 48 27.33 17.99 -23.35
CA VAL A 48 28.51 18.59 -23.97
C VAL A 48 28.54 18.35 -25.48
N ALA A 49 28.05 17.20 -25.92
CA ALA A 49 27.80 16.96 -27.36
C ALA A 49 26.63 17.75 -27.92
N GLY A 50 25.86 18.43 -27.07
CA GLY A 50 24.68 19.15 -27.54
C GLY A 50 23.56 18.19 -27.96
N ALA A 51 23.59 16.99 -27.41
CA ALA A 51 22.63 15.95 -27.76
C ALA A 51 21.34 16.03 -26.95
N LEU A 52 21.29 16.90 -25.94
CA LEU A 52 20.15 16.97 -25.05
C LEU A 52 19.47 18.30 -25.26
N SER A 53 18.27 18.29 -25.84
CA SER A 53 17.53 19.55 -26.12
C SER A 53 16.56 20.01 -25.00
N PHE A 54 16.46 19.24 -23.90
CA PHE A 54 15.74 19.69 -22.70
C PHE A 54 16.63 20.49 -21.68
N THR A 55 17.96 20.47 -21.86
CA THR A 55 18.82 21.26 -21.02
C THR A 55 18.68 22.75 -21.40
N TYR A 56 18.80 23.64 -20.40
CA TYR A 56 18.97 25.10 -20.57
C TYR A 56 19.86 25.70 -19.47
N ASN A 57 20.39 26.92 -19.70
CA ASN A 57 21.19 27.65 -18.72
C ASN A 57 20.28 28.36 -17.71
N PRO A 58 20.84 28.75 -16.55
CA PRO A 58 19.97 29.47 -15.61
C PRO A 58 19.55 30.81 -16.21
N GLU A 59 18.43 31.35 -15.71
CA GLU A 59 17.75 32.52 -16.28
C GLU A 59 18.66 33.70 -16.40
N GLY A 60 18.81 34.20 -17.63
CA GLY A 60 19.56 35.41 -17.91
C GLY A 60 21.03 35.16 -17.83
N GLU A 61 21.45 33.93 -18.15
CA GLU A 61 22.86 33.59 -18.28
C GLU A 61 23.11 32.81 -19.55
N ASN A 62 24.37 32.73 -19.93
CA ASN A 62 24.76 32.12 -21.22
C ASN A 62 25.74 30.97 -21.05
N PHE A 63 25.96 30.54 -19.79
CA PHE A 63 26.67 29.32 -19.50
C PHE A 63 25.95 28.53 -18.37
N LEU A 64 26.41 27.30 -18.14
CA LEU A 64 25.84 26.38 -17.15
C LEU A 64 26.96 25.56 -16.59
N VAL A 65 27.18 25.71 -15.29
CA VAL A 65 28.15 24.91 -14.56
C VAL A 65 27.68 23.46 -14.52
N LEU A 66 28.61 22.55 -14.84
CA LEU A 66 28.32 21.15 -14.97
C LEU A 66 28.44 20.49 -13.63
N GLY A 67 27.89 19.30 -13.55
CA GLY A 67 28.19 18.46 -12.42
C GLY A 67 27.01 18.32 -11.48
N HIS A 68 26.55 17.08 -11.35
CA HIS A 68 25.46 16.78 -10.46
C HIS A 68 25.72 15.67 -9.48
N GLU A 69 26.80 14.90 -9.69
CA GLU A 69 27.10 13.81 -8.74
C GLU A 69 28.25 14.28 -7.84
N ALA A 70 27.96 14.72 -6.60
CA ALA A 70 28.91 15.47 -5.90
C ALA A 70 29.07 15.06 -4.51
N LEU A 71 30.32 15.24 -4.07
CA LEU A 71 30.65 15.20 -2.67
C LEU A 71 31.32 16.56 -2.40
N LEU A 72 30.88 17.20 -1.33
CA LEU A 72 31.22 18.58 -1.05
C LEU A 72 31.61 18.64 0.37
N GLN A 73 32.40 19.67 0.71
CA GLN A 73 32.75 19.92 2.12
C GLN A 73 32.21 21.26 2.60
N VAL A 74 31.68 21.32 3.82
CA VAL A 74 31.10 22.55 4.36
C VAL A 74 32.22 23.57 4.83
N LEU A 75 32.38 24.68 4.10
CA LEU A 75 33.27 25.82 4.50
C LEU A 75 32.66 26.63 5.65
N ASP A 76 31.36 26.86 5.61
CA ASP A 76 30.68 27.69 6.59
C ASP A 76 29.18 27.48 6.49
N VAL A 77 28.49 27.65 7.60
CA VAL A 77 27.09 27.33 7.71
C VAL A 77 26.46 28.05 8.89
N SER A 78 25.30 28.66 8.69
CA SER A 78 24.54 29.19 9.80
C SER A 78 24.33 28.07 10.83
N ASP A 79 24.17 28.45 12.08
CA ASP A 79 24.15 27.49 13.17
C ASP A 79 22.96 26.58 13.00
N ASN A 80 23.16 25.28 13.16
CA ASN A 80 22.03 24.38 13.06
C ASN A 80 22.31 23.09 13.79
N ASN A 81 21.29 22.26 13.96
CA ASN A 81 21.48 20.97 14.61
C ASN A 81 22.11 19.85 13.80
N TYR A 82 22.39 20.04 12.51
CA TYR A 82 22.67 18.92 11.62
C TYR A 82 24.08 18.87 10.99
N ILE A 83 24.59 20.02 10.55
CA ILE A 83 25.89 20.04 9.95
C ILE A 83 26.73 21.21 10.48
N LYS A 84 28.03 21.02 10.47
CA LYS A 84 28.90 22.11 10.83
C LYS A 84 30.08 22.16 9.88
N ARG A 85 30.87 23.22 10.05
CA ARG A 85 32.03 23.47 9.22
C ARG A 85 32.89 22.21 9.21
N GLY A 86 33.44 21.81 8.08
CA GLY A 86 34.21 20.57 8.05
C GLY A 86 33.47 19.34 7.49
N ASP A 87 32.22 19.16 7.86
CA ASP A 87 31.42 17.98 7.50
C ASP A 87 31.41 17.81 5.98
N PHE A 88 31.32 16.56 5.53
CA PHE A 88 31.07 16.23 4.11
C PHE A 88 29.58 16.01 3.80
N VAL A 89 29.13 16.34 2.59
CA VAL A 89 27.70 16.30 2.28
C VAL A 89 27.54 16.02 0.82
N VAL A 90 26.40 15.44 0.44
CA VAL A 90 25.95 15.27 -0.96
C VAL A 90 24.74 16.18 -1.11
N PRO A 91 24.78 17.08 -2.13
CA PRO A 91 23.69 17.95 -2.40
C PRO A 91 22.63 17.26 -3.28
N LEU A 92 21.38 17.57 -3.00
CA LEU A 92 20.25 17.23 -3.89
C LEU A 92 20.47 17.77 -5.26
N VAL A 93 20.25 16.94 -6.29
CA VAL A 93 20.29 17.42 -7.65
C VAL A 93 19.00 18.18 -8.00
N ARG A 94 17.86 17.53 -7.74
CA ARG A 94 16.56 18.06 -8.12
C ARG A 94 15.96 18.86 -7.02
N ARG A 95 15.51 20.08 -7.39
CA ARG A 95 14.97 21.04 -6.42
C ARG A 95 13.52 21.23 -6.70
N PRO A 96 12.69 21.32 -5.66
CA PRO A 96 11.23 21.28 -5.83
C PRO A 96 10.62 22.58 -6.37
N GLY A 97 9.54 22.46 -7.13
CA GLY A 97 8.67 23.57 -7.47
C GLY A 97 7.50 23.64 -6.54
N LYS A 98 6.30 23.82 -7.09
CA LYS A 98 5.09 24.08 -6.27
C LYS A 98 4.06 22.99 -6.33
N CYS A 99 4.30 21.92 -7.08
CA CYS A 99 3.24 20.97 -7.33
C CYS A 99 2.85 20.25 -6.08
N VAL A 100 1.88 19.38 -6.24
CA VAL A 100 1.49 18.52 -5.13
C VAL A 100 2.60 17.54 -4.65
N ASN A 101 3.39 17.00 -5.59
CA ASN A 101 4.57 16.15 -5.29
C ASN A 101 5.83 16.92 -4.85
N CYS A 102 6.14 17.95 -5.59
CA CYS A 102 7.25 18.85 -5.31
C CYS A 102 7.15 19.38 -3.83
N ARG A 103 5.95 19.67 -3.32
CA ARG A 103 5.76 20.34 -2.01
C ARG A 103 5.83 19.44 -0.81
N ILE A 104 5.81 18.13 -1.04
CA ILE A 104 6.13 17.22 0.07
C ILE A 104 7.50 16.59 -0.03
N GLY A 105 8.36 17.18 -0.85
CA GLY A 105 9.74 16.71 -1.05
C GLY A 105 9.87 15.48 -1.96
N ARG A 106 8.88 15.32 -2.82
CA ARG A 106 8.88 14.32 -3.82
C ARG A 106 8.89 14.93 -5.18
N GLN A 107 9.82 15.87 -5.37
CA GLN A 107 10.12 16.43 -6.67
C GLN A 107 10.66 15.43 -7.75
N ASP A 108 11.15 14.29 -7.31
CA ASP A 108 11.50 13.21 -8.20
C ASP A 108 10.27 12.77 -8.99
N ASN A 109 9.12 12.86 -8.34
CA ASN A 109 7.79 12.65 -8.91
C ASN A 109 6.98 13.91 -9.35
N CYS A 110 7.64 14.96 -9.80
CA CYS A 110 6.95 16.21 -10.07
C CYS A 110 5.82 15.99 -11.07
N SER A 111 4.67 16.63 -10.79
CA SER A 111 3.45 16.43 -11.59
C SER A 111 3.44 17.28 -12.86
N ILE A 112 4.37 18.22 -12.96
CA ILE A 112 4.43 19.17 -14.03
C ILE A 112 5.61 18.94 -14.95
N GLY A 113 6.74 18.54 -14.40
CA GLY A 113 8.02 18.59 -15.12
C GLY A 113 8.56 20.00 -15.13
N ASP A 114 9.43 20.28 -16.10
CA ASP A 114 9.91 21.62 -16.35
C ASP A 114 8.77 22.53 -16.71
N PRO A 115 8.72 23.74 -16.14
CA PRO A 115 9.70 24.43 -15.28
C PRO A 115 9.40 24.35 -13.77
N ASP A 116 8.59 23.41 -13.34
CA ASP A 116 8.32 23.34 -11.92
C ASP A 116 9.60 22.96 -11.18
N LYS A 117 10.20 21.88 -11.59
CA LYS A 117 11.34 21.33 -10.87
C LYS A 117 12.56 21.79 -11.65
N HIS A 118 13.71 21.83 -10.98
CA HIS A 118 14.98 22.15 -11.64
C HIS A 118 16.08 21.22 -11.13
N GLU A 119 17.04 20.96 -12.00
CA GLU A 119 18.13 20.04 -11.68
C GLU A 119 19.47 20.70 -11.80
N ALA A 120 20.25 20.57 -10.74
CA ALA A 120 21.54 21.18 -10.74
C ALA A 120 22.40 20.57 -11.85
N GLY A 121 22.92 21.45 -12.66
CA GLY A 121 23.81 21.12 -13.74
C GLY A 121 23.17 20.67 -15.01
N ILE A 122 21.86 20.64 -15.03
CA ILE A 122 21.11 20.13 -16.15
C ILE A 122 20.05 21.10 -16.64
N THR A 123 19.21 21.55 -15.73
CA THR A 123 18.08 22.38 -16.09
C THR A 123 17.97 23.70 -15.34
N GLY A 124 18.58 24.74 -15.85
CA GLY A 124 18.36 26.08 -15.33
C GLY A 124 18.91 26.37 -13.96
N LEU A 125 19.81 25.54 -13.47
CA LEU A 125 20.44 25.72 -12.16
C LEU A 125 21.85 25.20 -12.30
N HIS A 126 22.82 26.00 -11.83
CA HIS A 126 24.22 25.65 -11.93
C HIS A 126 24.53 24.43 -11.11
N GLY A 127 25.46 23.66 -11.64
CA GLY A 127 26.01 22.51 -11.01
C GLY A 127 27.17 22.72 -10.06
N PHE A 128 27.86 21.61 -9.77
CA PHE A 128 28.75 21.62 -8.65
C PHE A 128 30.26 21.63 -9.03
N MET A 129 30.56 21.68 -10.33
CA MET A 129 31.94 21.78 -10.82
C MET A 129 32.42 23.26 -10.79
N ARG A 130 32.69 23.75 -9.59
CA ARG A 130 33.04 25.10 -9.39
C ARG A 130 33.54 25.24 -7.99
N ASP A 131 34.46 26.19 -7.82
CA ASP A 131 35.21 26.37 -6.56
C ASP A 131 34.34 26.64 -5.42
N VAL A 132 33.24 27.35 -5.62
CA VAL A 132 32.43 27.71 -4.45
C VAL A 132 30.95 27.46 -4.69
N ILE A 133 30.26 27.01 -3.67
CA ILE A 133 28.80 26.73 -3.83
C ILE A 133 28.09 27.16 -2.56
N TYR A 134 26.97 27.85 -2.73
CA TYR A 134 26.04 28.26 -1.68
C TYR A 134 24.77 27.43 -1.76
N ASP A 135 24.20 27.03 -0.63
CA ASP A 135 23.01 26.26 -0.68
C ASP A 135 22.26 26.34 0.62
N ASP A 136 20.99 25.94 0.61
CA ASP A 136 20.28 25.73 1.89
C ASP A 136 20.63 24.38 2.49
N ILE A 137 20.61 24.31 3.82
CA ILE A 137 20.96 23.13 4.58
C ILE A 137 20.05 21.95 4.22
N GLN A 138 18.76 22.24 4.05
CA GLN A 138 17.75 21.21 3.72
C GLN A 138 18.06 20.44 2.42
N ASN A 139 18.86 21.05 1.56
CA ASN A 139 19.27 20.44 0.30
C ASN A 139 20.50 19.67 0.37
N LEU A 140 21.01 19.43 1.57
CA LEU A 140 22.31 18.75 1.73
C LEU A 140 22.14 17.48 2.58
N VAL A 141 22.88 16.41 2.26
CA VAL A 141 22.71 15.16 3.00
C VAL A 141 24.09 14.84 3.60
N LYS A 142 24.15 14.90 4.91
CA LYS A 142 25.38 14.74 5.63
C LYS A 142 25.92 13.31 5.53
N VAL A 143 27.19 13.15 5.16
CA VAL A 143 27.79 11.87 5.35
C VAL A 143 28.21 11.62 6.77
N ASN A 144 27.57 10.61 7.34
CA ASN A 144 27.70 10.28 8.71
C ASN A 144 28.86 9.34 9.00
N ASP A 145 29.47 8.78 7.96
CA ASP A 145 30.48 7.75 8.10
C ASP A 145 31.85 8.26 7.65
N PRO A 146 32.82 8.39 8.59
CA PRO A 146 34.09 9.01 8.26
C PRO A 146 35.01 8.16 7.49
N ASP A 147 34.79 6.84 7.42
CA ASP A 147 35.70 5.97 6.67
C ASP A 147 35.39 5.93 5.20
N LEU A 148 34.25 6.46 4.78
CA LEU A 148 33.85 6.36 3.34
C LEU A 148 34.74 7.09 2.40
N GLY A 149 35.22 8.27 2.81
CA GLY A 149 36.05 9.08 1.88
C GLY A 149 35.33 9.28 0.57
N LYS A 150 36.03 9.21 -0.53
CA LYS A 150 35.48 9.47 -1.83
C LYS A 150 34.36 8.50 -2.35
N ILE A 151 34.18 7.37 -1.66
CA ILE A 151 33.15 6.42 -2.00
C ILE A 151 31.83 7.15 -1.89
N ALA A 152 31.71 8.05 -0.91
CA ALA A 152 30.49 8.84 -0.77
C ALA A 152 30.09 9.57 -2.05
N VAL A 153 30.99 9.69 -3.02
CA VAL A 153 30.57 10.35 -4.22
C VAL A 153 29.63 9.52 -5.06
N LEU A 154 29.50 8.26 -4.72
CA LEU A 154 28.55 7.34 -5.45
C LEU A 154 27.06 7.51 -5.00
N THR A 155 26.85 8.39 -4.03
CA THR A 155 25.56 8.62 -3.46
C THR A 155 24.53 8.97 -4.55
N GLU A 156 24.91 9.80 -5.53
CA GLU A 156 23.95 10.30 -6.48
C GLU A 156 23.50 9.26 -7.52
N PRO A 157 24.46 8.56 -8.14
CA PRO A 157 23.97 7.49 -9.01
C PRO A 157 23.20 6.40 -8.21
N LEU A 158 23.58 6.14 -6.96
CA LEU A 158 22.94 5.09 -6.24
C LEU A 158 21.50 5.46 -5.73
N LYS A 159 21.25 6.74 -5.43
CA LYS A 159 19.92 7.18 -4.95
C LYS A 159 18.88 6.93 -6.02
N ASN A 160 19.26 7.01 -7.29
CA ASN A 160 18.34 6.66 -8.36
C ASN A 160 17.90 5.19 -8.31
N VAL A 161 18.85 4.32 -7.97
CA VAL A 161 18.55 2.95 -7.74
C VAL A 161 17.62 2.77 -6.58
N MET A 162 17.84 3.50 -5.52
CA MET A 162 16.98 3.30 -4.39
C MET A 162 15.51 3.63 -4.71
N LYS A 163 15.28 4.68 -5.51
CA LYS A 163 13.91 5.09 -5.86
C LYS A 163 13.27 4.10 -6.82
N ALA A 164 14.05 3.56 -7.75
CA ALA A 164 13.58 2.54 -8.68
C ALA A 164 13.14 1.31 -7.88
N PHE A 165 13.86 0.96 -6.83
CA PHE A 165 13.43 -0.12 -5.98
C PHE A 165 12.20 0.18 -5.10
N GLU A 166 12.02 1.45 -4.67
CA GLU A 166 10.78 1.86 -4.04
C GLU A 166 9.60 1.66 -5.06
N VAL A 167 9.81 2.08 -6.28
CA VAL A 167 8.86 1.87 -7.37
C VAL A 167 8.52 0.38 -7.54
N PHE A 168 9.56 -0.45 -7.56
CA PHE A 168 9.36 -1.90 -7.56
C PHE A 168 8.49 -2.32 -6.39
N ASP A 169 8.82 -1.86 -5.20
CA ASP A 169 8.05 -2.28 -4.05
C ASP A 169 6.57 -1.85 -4.12
N VAL A 170 6.31 -0.67 -4.68
CA VAL A 170 4.93 -0.21 -4.83
C VAL A 170 4.19 -1.07 -5.83
N VAL A 171 4.71 -1.22 -7.04
CA VAL A 171 3.95 -1.89 -8.10
C VAL A 171 3.86 -3.37 -7.94
N SER A 172 4.82 -3.97 -7.28
CA SER A 172 4.75 -5.39 -7.01
C SER A 172 3.70 -5.76 -6.01
N LYS A 173 3.10 -4.75 -5.34
CA LYS A 173 1.98 -5.07 -4.48
C LYS A 173 0.70 -5.57 -5.26
N ARG A 174 0.71 -5.52 -6.58
CA ARG A 174 -0.44 -6.02 -7.31
C ARG A 174 -0.71 -7.52 -7.16
N SER A 175 0.24 -8.31 -6.68
CA SER A 175 0.07 -9.73 -6.54
C SER A 175 0.99 -10.20 -5.47
N ILE A 176 0.95 -11.47 -5.09
CA ILE A 176 2.03 -11.98 -4.26
C ILE A 176 3.22 -12.27 -5.19
N PHE A 177 4.30 -11.49 -5.04
CA PHE A 177 5.49 -11.63 -5.91
C PHE A 177 6.49 -12.66 -5.34
N GLN A 178 6.50 -12.79 -4.04
CA GLN A 178 7.38 -13.59 -3.26
C GLN A 178 6.99 -15.05 -3.38
N ASN A 179 7.88 -15.93 -2.88
CA ASN A 179 7.63 -17.35 -2.76
C ASN A 179 6.65 -17.59 -1.64
N ASP A 180 6.12 -18.81 -1.64
CA ASP A 180 5.17 -19.16 -0.64
C ASP A 180 5.82 -19.38 0.69
N ASP A 181 7.11 -19.13 0.83
CA ASP A 181 7.76 -19.06 2.18
C ASP A 181 8.02 -17.63 2.70
N SER A 182 7.47 -16.65 1.96
CA SER A 182 7.60 -15.17 2.20
C SER A 182 8.84 -14.50 1.68
N THR A 183 9.81 -15.27 1.14
CA THR A 183 11.08 -14.69 0.72
C THR A 183 11.16 -14.38 -0.77
N PHE A 184 12.26 -13.75 -1.15
CA PHE A 184 12.68 -13.61 -2.51
C PHE A 184 13.73 -14.64 -2.95
N ILE A 185 14.00 -15.62 -2.10
CA ILE A 185 15.05 -16.64 -2.48
C ILE A 185 14.83 -17.29 -3.88
N GLY A 186 15.81 -17.21 -4.77
CA GLY A 186 15.63 -17.76 -6.11
C GLY A 186 14.95 -16.88 -7.14
N LYS A 187 14.38 -15.73 -6.75
CA LYS A 187 13.76 -14.87 -7.76
C LYS A 187 14.87 -14.28 -8.56
N LYS A 188 14.64 -14.03 -9.82
CA LYS A 188 15.67 -13.76 -10.73
C LYS A 188 15.63 -12.32 -11.24
N MET A 189 16.77 -11.62 -11.14
CA MET A 189 16.87 -10.22 -11.60
C MET A 189 17.93 -10.13 -12.69
N VAL A 190 17.57 -9.52 -13.79
CA VAL A 190 18.45 -9.29 -14.86
C VAL A 190 18.52 -7.79 -15.13
N VAL A 191 19.75 -7.32 -15.12
CA VAL A 191 20.06 -5.93 -15.39
C VAL A 191 20.69 -5.86 -16.73
N ILE A 192 20.08 -5.13 -17.65
CA ILE A 192 20.69 -4.93 -18.92
C ILE A 192 21.75 -3.82 -18.77
N GLY A 193 22.96 -4.12 -19.22
CA GLY A 193 24.11 -3.25 -19.12
C GLY A 193 25.12 -3.70 -18.08
N SER A 194 26.36 -3.22 -18.21
CA SER A 194 27.44 -3.52 -17.26
C SER A 194 28.21 -2.30 -16.73
N GLY A 195 27.60 -1.14 -16.88
CA GLY A 195 28.14 0.14 -16.48
C GLY A 195 27.90 0.45 -15.03
N SER A 196 28.09 1.69 -14.64
CA SER A 196 28.06 1.96 -13.22
C SER A 196 26.67 1.76 -12.57
N GLU A 197 25.62 2.22 -13.23
CA GLU A 197 24.27 2.11 -12.66
C GLU A 197 23.88 0.61 -12.58
N ALA A 198 24.30 -0.16 -13.56
CA ALA A 198 24.07 -1.62 -13.58
C ALA A 198 24.70 -2.30 -12.39
N PHE A 199 25.93 -1.89 -12.06
CA PHE A 199 26.53 -2.49 -10.88
C PHE A 199 25.76 -2.21 -9.62
N LEU A 200 25.32 -0.98 -9.48
CA LEU A 200 24.64 -0.51 -8.25
C LEU A 200 23.19 -1.14 -8.06
N TYR A 201 22.48 -1.25 -9.17
CA TYR A 201 21.26 -2.03 -9.25
C TYR A 201 21.49 -3.44 -8.77
N SER A 202 22.55 -4.07 -9.30
CA SER A 202 22.93 -5.45 -8.96
C SER A 202 23.20 -5.60 -7.54
N PHE A 203 23.94 -4.67 -6.96
CA PHE A 203 24.26 -4.79 -5.55
C PHE A 203 23.05 -4.66 -4.67
N VAL A 204 22.16 -3.71 -4.99
CA VAL A 204 20.92 -3.54 -4.18
C VAL A 204 20.08 -4.79 -4.33
N GLY A 205 20.02 -5.32 -5.55
CA GLY A 205 19.26 -6.58 -5.75
C GLY A 205 19.72 -7.76 -4.92
N LYS A 206 21.03 -7.92 -4.73
CA LYS A 206 21.52 -9.03 -3.89
C LYS A 206 21.15 -8.80 -2.50
N ASP A 207 21.21 -7.54 -2.10
CA ASP A 207 20.76 -7.19 -0.77
C ASP A 207 19.27 -7.50 -0.59
N ARG A 208 18.48 -7.30 -1.63
CA ARG A 208 17.05 -7.60 -1.57
C ARG A 208 16.87 -9.09 -1.34
N GLY A 209 17.72 -9.87 -2.01
CA GLY A 209 17.67 -11.33 -1.94
C GLY A 209 17.54 -12.02 -3.29
N PHE A 210 17.69 -11.28 -4.36
CA PHE A 210 17.51 -11.85 -5.65
C PHE A 210 18.79 -12.59 -6.04
N ASP A 211 18.67 -13.45 -7.04
CA ASP A 211 19.78 -13.93 -7.82
C ASP A 211 19.89 -12.99 -8.95
N VAL A 212 21.10 -12.41 -9.18
CA VAL A 212 21.26 -11.32 -10.12
C VAL A 212 22.25 -11.64 -11.25
N THR A 213 21.94 -11.17 -12.45
CA THR A 213 22.83 -11.34 -13.55
C THR A 213 22.80 -10.03 -14.33
N MET A 214 23.96 -9.40 -14.44
CA MET A 214 24.17 -8.34 -15.43
C MET A 214 24.38 -8.98 -16.80
N VAL A 215 24.02 -8.31 -17.87
CA VAL A 215 24.16 -8.84 -19.17
C VAL A 215 24.55 -7.71 -20.13
N ASN A 216 25.27 -8.07 -21.20
CA ASN A 216 25.67 -7.12 -22.26
C ASN A 216 25.89 -7.86 -23.55
N ARG A 217 26.01 -7.12 -24.66
CA ARG A 217 26.20 -7.75 -25.99
C ARG A 217 27.71 -8.00 -26.36
N HIS A 218 28.57 -8.14 -25.37
CA HIS A 218 29.98 -8.40 -25.59
C HIS A 218 30.49 -8.95 -24.28
N ASP A 219 31.70 -9.49 -24.26
CA ASP A 219 32.27 -10.03 -23.03
C ASP A 219 32.76 -8.89 -22.15
N GLU A 220 33.00 -9.18 -20.89
CA GLU A 220 33.42 -8.14 -19.98
C GLU A 220 34.85 -8.31 -19.50
N THR A 221 35.51 -7.18 -19.24
CA THR A 221 36.86 -7.18 -18.64
C THR A 221 36.90 -7.96 -17.33
N GLU A 222 38.07 -8.47 -16.97
CA GLU A 222 38.17 -9.37 -15.83
C GLU A 222 38.15 -8.57 -14.57
N ASN A 223 38.51 -7.29 -14.68
CA ASN A 223 38.28 -6.34 -13.58
C ASN A 223 36.79 -6.42 -13.12
N LYS A 224 35.87 -6.25 -14.07
CA LYS A 224 34.43 -6.25 -13.76
C LYS A 224 33.96 -7.59 -13.29
N MET A 225 34.49 -8.63 -13.92
CA MET A 225 34.10 -10.01 -13.64
C MET A 225 34.43 -10.36 -12.21
N LYS A 226 35.50 -9.83 -11.68
CA LYS A 226 35.93 -10.15 -10.31
C LYS A 226 35.16 -9.29 -9.30
N MET A 227 34.84 -8.10 -9.76
CA MET A 227 33.93 -7.23 -9.02
C MET A 227 32.53 -7.89 -8.84
N MET A 228 31.93 -8.34 -9.92
CA MET A 228 30.67 -9.12 -9.85
C MET A 228 30.81 -10.31 -8.90
N ASP A 229 31.92 -11.05 -9.07
CA ASP A 229 32.09 -12.29 -8.29
C ASP A 229 32.15 -12.00 -6.83
N ASP A 230 32.85 -10.95 -6.41
CA ASP A 230 32.96 -10.69 -4.98
C ASP A 230 31.61 -10.39 -4.35
N PHE A 231 30.64 -9.95 -5.16
CA PHE A 231 29.26 -9.65 -4.65
C PHE A 231 28.22 -10.73 -4.93
N GLY A 232 28.63 -11.77 -5.66
CA GLY A 232 27.74 -12.90 -5.92
C GLY A 232 26.78 -12.60 -7.08
N VAL A 233 27.20 -11.73 -7.97
CA VAL A 233 26.46 -11.32 -9.11
C VAL A 233 27.02 -12.03 -10.31
N GLY A 234 26.13 -12.53 -11.17
CA GLY A 234 26.54 -13.28 -12.30
C GLY A 234 26.68 -12.39 -13.44
N PHE A 235 27.17 -12.94 -14.54
CA PHE A 235 27.24 -12.18 -15.73
C PHE A 235 27.05 -13.04 -16.92
N SER A 236 26.51 -12.46 -17.97
CA SER A 236 26.34 -13.24 -19.15
C SER A 236 26.22 -12.32 -20.33
N ASN A 237 26.82 -12.71 -21.44
CA ASN A 237 26.82 -11.98 -22.72
C ASN A 237 25.73 -12.61 -23.56
N TYR A 238 24.70 -11.82 -23.82
CA TYR A 238 23.43 -12.39 -24.20
C TYR A 238 23.41 -12.81 -25.66
N LEU A 239 24.45 -12.46 -26.40
CA LEU A 239 24.60 -13.02 -27.75
C LEU A 239 25.10 -14.45 -27.66
N LYS A 240 25.52 -14.91 -26.47
CA LYS A 240 25.91 -16.31 -26.26
C LYS A 240 25.00 -17.11 -25.31
N ASP A 241 24.55 -16.51 -24.19
CA ASP A 241 23.61 -17.20 -23.28
C ASP A 241 22.49 -16.26 -22.90
N MET A 242 21.31 -16.47 -23.47
CA MET A 242 20.16 -15.65 -23.18
C MET A 242 19.60 -15.98 -21.83
N PRO A 243 19.59 -14.99 -20.89
CA PRO A 243 18.89 -15.38 -19.66
C PRO A 243 17.39 -15.59 -19.91
N ASP A 244 16.81 -16.37 -19.05
CA ASP A 244 15.47 -16.80 -19.22
C ASP A 244 14.70 -16.64 -17.90
N LYS A 245 13.37 -16.67 -17.97
CA LYS A 245 12.52 -16.71 -16.78
C LYS A 245 12.79 -15.60 -15.73
N ILE A 246 12.65 -14.36 -16.16
CA ILE A 246 13.07 -13.20 -15.39
C ILE A 246 11.91 -12.66 -14.50
N ASP A 247 12.12 -12.51 -13.20
CA ASP A 247 11.09 -11.93 -12.31
C ASP A 247 11.17 -10.41 -12.21
N LEU A 248 12.39 -9.88 -12.21
CA LEU A 248 12.66 -8.42 -12.22
C LEU A 248 13.67 -8.10 -13.25
N LEU A 249 13.32 -7.23 -14.16
CA LEU A 249 14.24 -6.80 -15.22
C LEU A 249 14.41 -5.31 -15.10
N VAL A 250 15.66 -4.89 -15.15
CA VAL A 250 15.99 -3.47 -15.12
C VAL A 250 16.83 -3.15 -16.32
N ASP A 251 16.45 -2.13 -17.07
CA ASP A 251 17.25 -1.70 -18.21
C ASP A 251 18.03 -0.39 -17.96
N THR A 252 19.34 -0.45 -18.18
CA THR A 252 20.20 0.74 -18.13
C THR A 252 20.67 1.15 -19.53
N SER A 253 20.27 0.39 -20.56
CA SER A 253 20.75 0.62 -21.94
C SER A 253 20.02 1.78 -22.65
N GLY A 254 18.72 1.83 -22.47
CA GLY A 254 17.93 2.74 -23.24
C GLY A 254 17.58 2.22 -24.60
N ASP A 255 17.92 0.97 -24.87
CA ASP A 255 17.76 0.42 -26.21
C ASP A 255 16.50 -0.44 -26.37
N PRO A 256 15.62 -0.05 -27.28
CA PRO A 256 14.35 -0.73 -27.44
C PRO A 256 14.42 -2.23 -27.73
N SER A 257 15.33 -2.59 -28.61
CA SER A 257 15.43 -3.95 -29.10
C SER A 257 15.91 -4.80 -27.99
N THR A 258 16.88 -4.29 -27.24
CA THR A 258 17.37 -5.03 -26.11
C THR A 258 16.22 -5.14 -25.06
N ILE A 259 15.50 -4.05 -24.81
CA ILE A 259 14.45 -4.05 -23.78
C ILE A 259 13.42 -5.10 -24.14
N PHE A 260 12.87 -5.02 -25.35
CA PHE A 260 11.75 -5.89 -25.69
C PHE A 260 12.13 -7.37 -25.82
N LYS A 261 13.38 -7.60 -26.22
CA LYS A 261 13.88 -8.96 -26.29
C LYS A 261 13.83 -9.57 -24.91
N PHE A 262 14.23 -8.80 -23.92
CA PHE A 262 14.22 -9.33 -22.57
C PHE A 262 12.79 -9.30 -21.93
N VAL A 263 11.93 -8.36 -22.31
CA VAL A 263 10.54 -8.37 -21.85
C VAL A 263 9.89 -9.74 -22.16
N LYS A 264 10.22 -10.35 -23.29
CA LYS A 264 9.66 -11.68 -23.63
C LYS A 264 10.20 -12.87 -22.83
N LYS A 265 11.02 -12.64 -21.82
CA LYS A 265 11.46 -13.71 -20.91
C LYS A 265 10.93 -13.48 -19.47
N VAL A 266 10.16 -12.40 -19.29
CA VAL A 266 9.70 -12.06 -17.93
C VAL A 266 8.55 -12.95 -17.54
N ASN A 267 8.59 -13.45 -16.33
CA ASN A 267 7.52 -14.31 -15.88
C ASN A 267 6.21 -13.59 -15.57
N ASN A 268 5.22 -14.40 -15.16
CA ASN A 268 4.00 -13.89 -14.64
C ASN A 268 4.34 -13.05 -13.39
N ASN A 269 3.58 -11.98 -13.28
CA ASN A 269 3.71 -10.93 -12.25
C ASN A 269 5.08 -10.27 -12.24
N GLY A 270 5.82 -10.34 -13.32
CA GLY A 270 7.18 -9.81 -13.28
C GLY A 270 7.15 -8.29 -13.46
N VAL A 271 8.28 -7.66 -13.15
CA VAL A 271 8.41 -6.20 -13.20
C VAL A 271 9.61 -5.81 -13.98
N VAL A 272 9.41 -4.82 -14.84
CA VAL A 272 10.37 -4.26 -15.69
C VAL A 272 10.53 -2.80 -15.33
N ILE A 273 11.78 -2.42 -15.04
CA ILE A 273 12.07 -1.01 -14.66
C ILE A 273 12.80 -0.41 -15.85
N LEU A 274 12.29 0.68 -16.35
CA LEU A 274 12.93 1.38 -17.42
C LEU A 274 13.63 2.56 -16.79
N PHE A 275 14.90 2.65 -17.07
CA PHE A 275 15.77 3.56 -16.38
C PHE A 275 16.71 4.31 -17.31
N GLY A 276 17.44 3.57 -18.10
CA GLY A 276 18.33 4.15 -19.06
C GLY A 276 17.62 4.86 -20.18
N PHE A 277 18.26 5.86 -20.73
CA PHE A 277 17.69 6.56 -21.85
C PHE A 277 18.75 7.03 -22.83
N ASN A 278 18.37 6.93 -24.08
CA ASN A 278 19.20 7.19 -25.21
C ASN A 278 18.26 7.54 -26.35
N GLY A 279 18.04 8.83 -26.58
CA GLY A 279 17.17 9.29 -27.64
C GLY A 279 17.60 8.95 -29.07
N LYS A 280 18.82 8.47 -29.28
CA LYS A 280 19.23 8.13 -30.66
C LYS A 280 19.09 6.63 -30.95
N ALA A 281 18.51 5.89 -29.99
CA ALA A 281 18.45 4.43 -30.09
C ALA A 281 17.44 4.02 -31.16
N PRO A 282 17.83 3.05 -31.98
CA PRO A 282 16.99 2.75 -33.11
C PRO A 282 15.65 2.11 -32.70
N GLY A 283 14.63 2.38 -33.51
CA GLY A 283 13.31 1.84 -33.35
C GLY A 283 13.26 0.33 -33.43
N TYR A 284 12.49 -0.29 -32.55
CA TYR A 284 12.19 -1.73 -32.60
C TYR A 284 10.68 -1.91 -32.79
N PRO A 285 10.27 -2.76 -33.76
CA PRO A 285 8.84 -2.93 -34.03
C PRO A 285 8.18 -3.76 -32.95
N VAL A 286 7.24 -3.14 -32.23
CA VAL A 286 6.52 -3.83 -31.17
C VAL A 286 5.19 -4.21 -31.78
N ASN A 287 4.86 -5.48 -31.73
CA ASN A 287 3.65 -5.96 -32.35
C ASN A 287 2.62 -6.47 -31.35
N GLY A 288 1.49 -6.87 -31.91
CA GLY A 288 0.31 -7.28 -31.18
C GLY A 288 0.59 -8.38 -30.19
N GLU A 289 1.50 -9.26 -30.53
CA GLU A 289 1.78 -10.41 -29.71
C GLU A 289 2.66 -10.02 -28.50
N ASP A 290 3.60 -9.09 -28.70
CA ASP A 290 4.36 -8.46 -27.61
C ASP A 290 3.45 -7.87 -26.50
N ILE A 291 2.48 -7.05 -26.92
CA ILE A 291 1.45 -6.47 -26.05
C ILE A 291 0.75 -7.56 -25.27
N ASP A 292 0.32 -8.56 -26.01
CA ASP A 292 -0.37 -9.69 -25.44
C ASP A 292 0.41 -10.38 -24.36
N TYR A 293 1.70 -10.53 -24.59
CA TYR A 293 2.61 -11.23 -23.70
C TYR A 293 2.53 -10.51 -22.31
N ILE A 294 2.58 -9.19 -22.36
CA ILE A 294 2.52 -8.33 -21.16
C ILE A 294 1.16 -8.46 -20.44
N VAL A 295 0.08 -8.33 -21.24
CA VAL A 295 -1.30 -8.43 -20.73
C VAL A 295 -1.54 -9.75 -20.00
N GLU A 296 -1.25 -10.83 -20.70
CA GLU A 296 -1.58 -12.20 -20.20
C GLU A 296 -0.77 -12.50 -18.98
N ARG A 297 0.36 -11.83 -18.77
CA ARG A 297 1.18 -12.14 -17.59
C ARG A 297 1.04 -11.13 -16.46
N ASN A 298 0.16 -10.16 -16.59
CA ASN A 298 0.03 -9.16 -15.55
C ASN A 298 1.38 -8.55 -15.19
N ILE A 299 2.14 -8.21 -16.19
CA ILE A 299 3.44 -7.61 -16.05
C ILE A 299 3.30 -6.10 -15.92
N THR A 300 4.26 -5.48 -15.23
CA THR A 300 4.34 -4.04 -15.09
C THR A 300 5.63 -3.50 -15.61
N ILE A 301 5.51 -2.40 -16.36
CA ILE A 301 6.65 -1.77 -16.95
C ILE A 301 6.63 -0.36 -16.40
N ALA A 302 7.60 -0.04 -15.56
CA ALA A 302 7.64 1.23 -14.90
C ALA A 302 8.88 2.04 -15.24
N GLY A 303 8.68 3.25 -15.70
CA GLY A 303 9.72 4.24 -15.85
C GLY A 303 10.03 4.93 -14.54
N SER A 304 11.31 5.08 -14.24
CA SER A 304 11.80 5.70 -13.04
C SER A 304 12.83 6.77 -13.31
N VAL A 305 12.67 7.94 -12.74
CA VAL A 305 13.71 8.94 -12.81
C VAL A 305 13.86 9.66 -11.50
N ASP A 306 15.11 9.90 -11.12
CA ASP A 306 15.51 10.71 -9.96
C ASP A 306 15.21 10.05 -8.64
N ALA A 307 15.34 10.76 -7.54
CA ALA A 307 15.00 10.20 -6.25
C ALA A 307 14.73 11.27 -5.23
N ALA A 308 14.10 10.94 -4.13
CA ALA A 308 13.92 11.96 -3.08
C ALA A 308 15.11 11.99 -2.13
N LYS A 309 15.15 12.95 -1.23
CA LYS A 309 16.25 13.01 -0.31
C LYS A 309 16.40 11.77 0.56
N ILE A 310 15.30 11.08 0.87
CA ILE A 310 15.37 9.92 1.73
C ILE A 310 16.19 8.83 1.03
N HIS A 311 16.13 8.80 -0.27
CA HIS A 311 16.93 7.89 -1.04
C HIS A 311 18.43 8.15 -1.08
N TYR A 312 18.82 9.43 -0.92
CA TYR A 312 20.20 9.76 -0.67
C TYR A 312 20.63 9.23 0.68
N VAL A 313 19.83 9.45 1.70
CA VAL A 313 20.19 8.91 2.98
C VAL A 313 20.39 7.34 2.88
N GLN A 314 19.44 6.65 2.22
CA GLN A 314 19.54 5.19 2.07
C GLN A 314 20.78 4.75 1.33
N ALA A 315 21.08 5.52 0.30
CA ALA A 315 22.21 5.23 -0.50
C ALA A 315 23.50 5.33 0.30
N LEU A 316 23.60 6.33 1.18
CA LEU A 316 24.82 6.45 1.99
C LEU A 316 24.90 5.25 2.93
N ASP A 317 23.76 4.82 3.47
CA ASP A 317 23.77 3.70 4.37
C ASP A 317 24.22 2.41 3.72
N SER A 318 23.84 2.21 2.45
CA SER A 318 24.25 1.05 1.74
C SER A 318 25.71 1.15 1.39
N LEU A 319 26.16 2.31 0.94
CA LEU A 319 27.58 2.49 0.57
C LEU A 319 28.49 2.11 1.72
N SER A 320 28.02 2.37 2.92
CA SER A 320 28.82 2.13 4.05
C SER A 320 28.63 0.68 4.63
N ASN A 321 27.46 0.07 4.38
CA ASN A 321 27.28 -1.34 4.65
C ASN A 321 28.25 -2.04 3.74
N TRP A 322 28.27 -1.64 2.48
CA TRP A 322 29.03 -2.37 1.50
C TRP A 322 30.51 -2.24 1.81
N TYR A 323 30.99 -0.99 1.92
CA TYR A 323 32.40 -0.68 2.22
C TYR A 323 33.04 -1.45 3.43
N HIS A 324 32.40 -1.51 4.59
CA HIS A 324 32.88 -2.34 5.67
C HIS A 324 32.69 -3.86 5.48
N ARG A 325 32.15 -4.31 4.33
CA ARG A 325 32.06 -5.72 3.98
C ARG A 325 32.99 -6.07 2.82
N HIS A 326 33.05 -5.21 1.80
CA HIS A 326 33.85 -5.48 0.59
C HIS A 326 34.71 -4.28 0.15
N PRO A 327 35.55 -3.77 1.06
CA PRO A 327 36.35 -2.58 0.77
C PRO A 327 36.83 -2.44 -0.67
N GLN A 328 37.58 -3.41 -1.17
CA GLN A 328 38.33 -3.15 -2.42
C GLN A 328 37.40 -3.07 -3.62
N THR A 329 36.41 -3.95 -3.71
CA THR A 329 35.56 -3.97 -4.92
C THR A 329 34.84 -2.64 -5.07
N ILE A 330 34.43 -2.07 -3.93
CA ILE A 330 33.80 -0.72 -3.90
C ILE A 330 34.75 0.35 -4.46
N LYS A 331 35.94 0.51 -3.85
CA LYS A 331 37.01 1.46 -4.33
C LYS A 331 37.22 1.30 -5.79
N ASP A 332 37.23 0.05 -6.22
CA ASP A 332 37.44 -0.25 -7.62
C ASP A 332 36.30 0.28 -8.52
N ILE A 333 35.17 0.73 -7.94
CA ILE A 333 34.11 1.31 -8.79
C ILE A 333 34.62 2.61 -9.42
N ILE A 334 35.38 3.37 -8.64
CA ILE A 334 35.95 4.61 -9.13
C ILE A 334 37.23 4.25 -9.89
N THR A 335 37.22 4.45 -11.20
CA THR A 335 38.29 3.96 -12.04
C THR A 335 39.26 5.00 -12.55
N TYR A 336 38.99 6.27 -12.27
CA TYR A 336 39.85 7.35 -12.68
C TYR A 336 39.48 8.61 -11.91
N GLU A 337 40.48 9.16 -11.21
CA GLU A 337 40.39 10.46 -10.62
C GLU A 337 41.07 11.48 -11.53
N ALA A 338 40.28 12.16 -12.32
CA ALA A 338 40.75 13.16 -13.25
C ALA A 338 40.95 14.50 -12.55
N LYS A 339 41.56 15.40 -13.32
CA LYS A 339 41.77 16.77 -12.92
C LYS A 339 40.83 17.70 -13.70
N PRO A 340 40.35 18.75 -13.01
CA PRO A 340 39.40 19.64 -13.65
C PRO A 340 39.79 19.99 -15.04
N GLU A 341 41.07 20.17 -15.32
CA GLU A 341 41.52 20.60 -16.68
C GLU A 341 41.48 19.49 -17.72
N GLU A 342 41.39 18.22 -17.30
CA GLU A 342 41.31 17.10 -18.25
C GLU A 342 39.92 16.97 -18.84
N THR A 343 39.45 17.98 -19.57
CA THR A 343 38.05 17.99 -19.94
C THR A 343 37.73 17.09 -21.10
N ASN A 344 38.71 16.34 -21.57
CA ASN A 344 38.51 15.39 -22.68
C ASN A 344 37.73 14.16 -22.20
N ILE A 345 37.72 13.94 -20.88
CA ILE A 345 36.87 12.92 -20.28
C ILE A 345 35.36 13.05 -20.58
N PHE A 346 34.88 14.24 -20.99
CA PHE A 346 33.48 14.40 -21.43
C PHE A 346 33.33 13.94 -22.85
N PHE A 347 34.46 13.72 -23.51
CA PHE A 347 34.51 13.27 -24.90
C PHE A 347 34.98 11.83 -25.01
N GLN A 348 35.78 11.38 -24.05
CA GLN A 348 36.66 10.24 -24.22
C GLN A 348 36.75 9.47 -22.91
N LYS A 349 36.33 8.21 -22.95
CA LYS A 349 36.28 7.40 -21.76
C LYS A 349 37.66 6.83 -21.40
N PRO A 350 38.12 7.05 -20.17
CA PRO A 350 39.18 6.20 -19.64
C PRO A 350 39.01 4.70 -19.96
N LYS A 351 40.13 3.99 -20.09
CA LYS A 351 40.09 2.58 -20.42
C LYS A 351 39.58 1.86 -19.21
N GLY A 352 38.61 0.96 -19.42
CA GLY A 352 38.01 0.20 -18.33
C GLY A 352 37.14 1.03 -17.36
N GLU A 353 36.52 2.09 -17.86
CA GLU A 353 35.67 2.98 -17.05
C GLU A 353 34.46 2.29 -16.39
N ILE A 354 34.32 2.49 -15.10
CA ILE A 354 33.10 2.21 -14.42
C ILE A 354 32.63 3.59 -14.02
N LYS A 355 33.25 4.17 -13.00
CA LYS A 355 32.99 5.57 -12.64
C LYS A 355 34.23 6.43 -12.65
N THR A 356 34.25 7.38 -13.57
CA THR A 356 35.20 8.48 -13.56
C THR A 356 34.71 9.63 -12.66
N VAL A 357 35.60 10.10 -11.77
CA VAL A 357 35.37 11.28 -10.95
C VAL A 357 36.43 12.38 -11.15
N ILE A 358 36.00 13.64 -11.05
CA ILE A 358 36.90 14.79 -11.00
C ILE A 358 37.36 15.06 -9.57
N LYS A 359 38.68 15.17 -9.36
CA LYS A 359 39.19 15.45 -8.01
C LYS A 359 39.42 16.94 -8.00
N TRP A 360 38.80 17.63 -7.06
CA TRP A 360 38.74 19.08 -7.19
C TRP A 360 39.87 19.63 -6.38
N PRO A 361 40.56 20.65 -6.90
CA PRO A 361 41.62 21.34 -6.13
C PRO A 361 41.10 21.93 -4.84
N SER B 2 17.15 -42.51 20.02
CA SER B 2 18.38 -42.53 20.85
C SER B 2 18.16 -41.66 22.04
N THR B 3 18.99 -41.89 23.05
CA THR B 3 19.02 -41.05 24.24
C THR B 3 19.83 -39.77 23.95
N ILE B 4 19.23 -38.62 24.21
CA ILE B 4 19.94 -37.35 24.05
C ILE B 4 19.64 -36.51 25.25
N ASN B 5 20.48 -35.51 25.49
CA ASN B 5 20.22 -34.44 26.47
C ASN B 5 19.25 -33.41 25.92
N ALA B 6 18.50 -32.81 26.83
CA ALA B 6 17.52 -31.83 26.50
C ALA B 6 17.14 -31.07 27.73
N ILE B 7 16.75 -29.80 27.55
CA ILE B 7 16.16 -29.03 28.67
C ILE B 7 14.65 -29.07 28.47
N VAL B 8 13.90 -29.51 29.50
CA VAL B 8 12.46 -29.74 29.35
C VAL B 8 11.63 -29.08 30.45
N THR B 9 10.38 -28.86 30.10
CA THR B 9 9.36 -28.34 31.03
C THR B 9 8.18 -29.27 30.86
N ASP B 10 7.14 -29.00 31.62
CA ASP B 10 5.90 -29.71 31.47
C ASP B 10 4.87 -28.62 31.31
N ALA B 11 4.48 -28.39 30.07
CA ALA B 11 3.67 -27.24 29.75
C ALA B 11 2.20 -27.64 29.85
N PRO B 12 1.36 -26.77 30.43
CA PRO B 12 1.68 -25.42 30.92
C PRO B 12 2.08 -25.38 32.40
N LYS B 13 2.21 -26.54 33.03
CA LYS B 13 2.45 -26.64 34.50
C LYS B 13 3.72 -25.97 34.98
N GLY B 14 4.74 -25.91 34.12
CA GLY B 14 5.99 -25.26 34.47
C GLY B 14 7.03 -26.28 34.89
N GLY B 15 8.03 -25.83 35.63
CA GLY B 15 9.17 -26.67 35.97
C GLY B 15 10.20 -26.66 34.86
N VAL B 16 11.46 -26.84 35.22
CA VAL B 16 12.49 -27.05 34.20
C VAL B 16 13.48 -28.09 34.67
N LYS B 17 14.00 -28.88 33.76
CA LYS B 17 15.02 -29.80 34.11
C LYS B 17 15.85 -30.13 32.90
N TYR B 18 17.15 -30.29 33.12
CA TYR B 18 18.10 -30.74 32.14
C TYR B 18 18.17 -32.24 32.35
N THR B 19 17.83 -33.01 31.33
CA THR B 19 17.68 -34.43 31.52
C THR B 19 17.89 -35.24 30.25
N LYS B 20 17.55 -36.52 30.29
CA LYS B 20 17.71 -37.32 29.06
C LYS B 20 16.35 -37.71 28.52
N ILE B 21 16.25 -37.83 27.22
CA ILE B 21 15.00 -38.18 26.56
C ILE B 21 15.36 -39.02 25.40
N ASP B 22 14.34 -39.69 24.86
CA ASP B 22 14.53 -40.53 23.68
C ASP B 22 14.09 -39.75 22.48
N MET B 23 14.97 -39.59 21.51
CA MET B 23 14.62 -38.96 20.28
C MET B 23 14.82 -39.96 19.17
N PRO B 24 13.73 -40.64 18.75
CA PRO B 24 13.93 -41.54 17.61
C PRO B 24 14.22 -40.77 16.29
N GLU B 25 15.00 -41.37 15.40
CA GLU B 25 15.23 -40.80 14.05
C GLU B 25 13.96 -40.99 13.19
N PRO B 26 13.22 -39.90 12.89
CA PRO B 26 12.01 -40.13 12.08
C PRO B 26 12.38 -40.77 10.73
N GLU B 27 11.42 -41.38 10.04
CA GLU B 27 11.72 -42.16 8.82
C GLU B 27 12.22 -41.24 7.69
N LYS B 28 11.51 -40.14 7.46
CA LYS B 28 11.87 -39.14 6.47
C LYS B 28 12.26 -37.81 7.14
N TYR B 29 13.43 -37.31 6.79
CA TYR B 29 13.84 -35.97 7.22
C TYR B 29 14.75 -35.37 6.21
N GLU B 30 14.70 -34.04 6.03
CA GLU B 30 15.64 -33.44 5.15
C GLU B 30 16.94 -33.03 5.80
N ALA B 31 16.94 -32.83 7.08
CA ALA B 31 18.08 -32.22 7.74
C ALA B 31 18.18 -32.65 9.17
N LYS B 32 19.40 -32.79 9.61
CA LYS B 32 19.72 -33.16 10.94
C LYS B 32 20.65 -32.10 11.48
N LEU B 33 20.33 -31.58 12.66
CA LEU B 33 21.07 -30.48 13.24
C LEU B 33 21.35 -30.66 14.70
N LYS B 34 22.39 -29.99 15.21
CA LYS B 34 22.53 -29.75 16.67
C LYS B 34 22.51 -28.23 17.00
N PRO B 35 22.24 -27.88 18.25
CA PRO B 35 22.39 -26.49 18.70
C PRO B 35 23.84 -26.08 19.02
N VAL B 36 24.22 -24.83 18.71
CA VAL B 36 25.47 -24.21 19.15
C VAL B 36 25.12 -23.20 20.22
N TYR B 37 24.12 -22.31 19.97
CA TYR B 37 23.66 -21.40 21.01
C TYR B 37 22.13 -21.34 21.10
N ILE B 38 21.59 -21.23 22.30
CA ILE B 38 20.19 -20.94 22.49
C ILE B 38 19.94 -19.80 23.49
N GLY B 39 19.24 -18.77 23.02
CA GLY B 39 18.99 -17.55 23.76
C GLY B 39 17.82 -17.83 24.65
N ILE B 40 17.77 -17.24 25.84
CA ILE B 40 16.54 -17.33 26.64
C ILE B 40 15.86 -15.97 26.78
N CYS B 41 14.54 -15.96 26.94
CA CYS B 41 13.78 -14.69 27.06
C CYS B 41 12.64 -14.87 28.03
N GLY B 42 11.83 -13.83 28.19
CA GLY B 42 10.80 -13.81 29.24
C GLY B 42 9.79 -14.88 29.04
N THR B 43 9.59 -15.26 27.78
CA THR B 43 8.69 -16.36 27.48
C THR B 43 9.20 -17.68 28.09
N ASP B 44 10.50 -17.98 27.94
CA ASP B 44 11.02 -19.21 28.51
C ASP B 44 10.86 -19.18 30.02
N ARG B 45 11.15 -18.05 30.62
CA ARG B 45 11.00 -17.96 32.09
C ARG B 45 9.56 -18.07 32.49
N GLY B 46 8.67 -17.41 31.75
CA GLY B 46 7.22 -17.55 31.95
C GLY B 46 6.71 -18.98 31.84
N GLU B 47 7.28 -19.73 30.91
CA GLU B 47 6.88 -21.14 30.74
C GLU B 47 7.30 -21.95 31.96
N VAL B 48 8.54 -21.75 32.37
CA VAL B 48 9.16 -22.51 33.47
C VAL B 48 8.51 -22.14 34.81
N ALA B 49 8.01 -20.91 34.92
CA ALA B 49 7.28 -20.46 36.09
C ALA B 49 5.84 -20.98 36.14
N GLY B 50 5.35 -21.57 35.06
CA GLY B 50 3.96 -22.06 34.99
C GLY B 50 2.96 -20.92 34.75
N ALA B 51 3.44 -19.81 34.20
CA ALA B 51 2.67 -18.59 34.10
C ALA B 51 2.04 -18.36 32.74
N LEU B 52 2.20 -19.29 31.80
CA LEU B 52 1.58 -19.12 30.46
C LEU B 52 0.52 -20.19 30.12
N SER B 53 -0.71 -19.74 29.90
CA SER B 53 -1.84 -20.65 29.81
C SER B 53 -1.96 -21.27 28.43
N PHE B 54 -1.42 -20.57 27.43
CA PHE B 54 -1.55 -20.99 26.02
C PHE B 54 -0.59 -22.14 25.64
N THR B 55 0.48 -22.36 26.38
CA THR B 55 1.51 -23.37 26.08
C THR B 55 1.06 -24.77 26.35
N TYR B 56 1.48 -25.71 25.50
CA TYR B 56 1.20 -27.13 25.64
C TYR B 56 2.26 -28.07 25.06
N ASN B 57 2.24 -29.30 25.57
CA ASN B 57 3.17 -30.33 25.16
C ASN B 57 2.78 -30.86 23.81
N PRO B 58 3.73 -31.43 23.05
CA PRO B 58 3.29 -31.98 21.76
C PRO B 58 2.37 -33.18 22.01
N GLU B 59 1.67 -33.63 20.97
CA GLU B 59 0.63 -34.64 21.12
C GLU B 59 1.18 -35.97 21.60
N GLY B 60 0.59 -36.52 22.66
CA GLY B 60 1.03 -37.78 23.26
C GLY B 60 2.40 -37.78 23.94
N GLU B 61 2.85 -36.63 24.45
CA GLU B 61 4.12 -36.55 25.20
C GLU B 61 3.84 -35.83 26.50
N ASN B 62 4.66 -36.09 27.51
CA ASN B 62 4.46 -35.59 28.87
C ASN B 62 5.34 -34.39 29.16
N PHE B 63 6.14 -33.99 28.16
CA PHE B 63 7.11 -32.93 28.33
C PHE B 63 7.22 -32.08 27.04
N LEU B 64 7.99 -30.99 27.12
CA LEU B 64 8.15 -30.01 26.02
C LEU B 64 9.57 -29.53 26.11
N VAL B 65 10.34 -29.80 25.08
CA VAL B 65 11.67 -29.27 25.01
C VAL B 65 11.53 -27.74 24.81
N LEU B 66 12.24 -27.02 25.67
CA LEU B 66 12.35 -25.59 25.62
C LEU B 66 13.31 -25.05 24.58
N GLY B 67 13.15 -23.77 24.34
CA GLY B 67 14.15 -22.97 23.60
C GLY B 67 13.65 -22.69 22.20
N HIS B 68 13.49 -21.42 21.86
CA HIS B 68 13.07 -21.03 20.53
C HIS B 68 14.00 -20.06 19.84
N GLU B 69 14.94 -19.51 20.58
CA GLU B 69 15.93 -18.60 19.98
C GLU B 69 17.18 -19.38 19.68
N ALA B 70 17.38 -19.81 18.45
CA ALA B 70 18.47 -20.75 18.21
C ALA B 70 19.38 -20.44 17.09
N LEU B 71 20.63 -20.86 17.28
CA LEU B 71 21.53 -20.99 16.20
C LEU B 71 22.03 -22.45 16.18
N LEU B 72 21.91 -23.09 15.03
CA LEU B 72 22.16 -24.50 14.83
C LEU B 72 23.22 -24.74 13.79
N GLN B 73 23.90 -25.88 13.92
CA GLN B 73 24.79 -26.38 12.82
C GLN B 73 24.22 -27.70 12.14
N VAL B 74 24.25 -27.72 10.81
CA VAL B 74 23.76 -28.81 10.00
C VAL B 74 24.75 -29.98 10.13
N LEU B 75 24.30 -31.06 10.75
CA LEU B 75 25.10 -32.30 10.79
C LEU B 75 24.95 -33.03 9.47
N ASP B 76 23.72 -33.28 9.02
CA ASP B 76 23.46 -33.98 7.77
C ASP B 76 22.32 -33.29 7.05
N VAL B 77 22.32 -33.34 5.73
CA VAL B 77 21.21 -32.76 4.97
C VAL B 77 21.08 -33.32 3.55
N SER B 78 19.87 -33.63 3.10
CA SER B 78 19.58 -33.96 1.67
C SER B 78 20.23 -32.97 0.72
N ASP B 79 20.59 -33.40 -0.46
CA ASP B 79 21.25 -32.48 -1.36
C ASP B 79 20.28 -31.42 -1.82
N ASN B 80 20.80 -30.20 -1.90
CA ASN B 80 19.98 -29.07 -2.32
C ASN B 80 20.95 -27.95 -2.55
N ASN B 81 20.42 -26.85 -3.06
CA ASN B 81 21.20 -25.69 -3.49
C ASN B 81 21.67 -24.70 -2.43
N TYR B 82 21.25 -24.88 -1.17
CA TYR B 82 21.32 -23.75 -0.23
C TYR B 82 22.20 -24.00 0.96
N ILE B 83 21.98 -25.13 1.61
CA ILE B 83 22.78 -25.46 2.73
C ILE B 83 23.42 -26.81 2.54
N LYS B 84 24.63 -26.94 3.06
CA LYS B 84 25.31 -28.19 3.15
C LYS B 84 25.76 -28.48 4.58
N ARG B 85 26.29 -29.67 4.79
CA ARG B 85 26.91 -30.10 6.07
C ARG B 85 27.87 -29.04 6.59
N GLY B 86 27.71 -28.65 7.86
CA GLY B 86 28.58 -27.61 8.43
C GLY B 86 28.08 -26.16 8.46
N ASP B 87 27.09 -25.85 7.63
CA ASP B 87 26.45 -24.52 7.63
C ASP B 87 25.75 -24.25 8.91
N PHE B 88 25.78 -23.00 9.27
CA PHE B 88 25.02 -22.54 10.39
C PHE B 88 23.69 -22.02 9.90
N VAL B 89 22.65 -22.30 10.69
CA VAL B 89 21.34 -21.84 10.33
C VAL B 89 20.57 -21.38 11.54
N VAL B 90 19.58 -20.52 11.30
CA VAL B 90 18.61 -20.17 12.31
C VAL B 90 17.29 -20.75 11.90
N PRO B 91 16.67 -21.55 12.78
CA PRO B 91 15.40 -22.13 12.50
C PRO B 91 14.20 -21.26 12.87
N LEU B 92 13.11 -21.50 12.12
CA LEU B 92 11.83 -20.86 12.30
C LEU B 92 11.21 -21.30 13.57
N VAL B 93 10.68 -20.37 14.36
CA VAL B 93 9.91 -20.71 15.51
C VAL B 93 8.51 -21.15 15.13
N ARG B 94 7.83 -20.27 14.40
CA ARG B 94 6.46 -20.54 14.01
C ARG B 94 6.36 -21.35 12.75
N ARG B 95 5.56 -22.44 12.78
CA ARG B 95 5.35 -23.29 11.61
C ARG B 95 3.92 -23.17 11.17
N PRO B 96 3.69 -23.13 9.84
CA PRO B 96 2.38 -22.85 9.27
C PRO B 96 1.32 -23.95 9.47
N GLY B 97 0.08 -23.51 9.57
CA GLY B 97 -1.05 -24.35 9.40
C GLY B 97 -1.57 -24.28 7.99
N LYS B 98 -2.87 -24.12 7.88
CA LYS B 98 -3.59 -24.22 6.59
C LYS B 98 -4.35 -22.93 6.20
N CYS B 99 -4.57 -22.03 7.15
CA CYS B 99 -5.32 -20.78 6.87
C CYS B 99 -4.66 -19.98 5.75
N VAL B 100 -5.38 -18.96 5.29
CA VAL B 100 -5.01 -18.20 4.13
C VAL B 100 -3.63 -17.46 4.30
N ASN B 101 -3.31 -17.01 5.52
CA ASN B 101 -1.97 -16.44 5.83
C ASN B 101 -0.83 -17.48 6.03
N CYS B 102 -1.12 -18.58 6.73
CA CYS B 102 -0.17 -19.68 6.90
C CYS B 102 0.37 -20.24 5.61
N ARG B 103 -0.45 -20.30 4.61
CA ARG B 103 -0.08 -20.99 3.43
C ARG B 103 0.67 -20.20 2.43
N ILE B 104 0.78 -18.89 2.65
CA ILE B 104 1.73 -18.03 1.94
C ILE B 104 3.01 -17.78 2.76
N GLY B 105 3.20 -18.44 3.87
CA GLY B 105 4.37 -18.19 4.66
C GLY B 105 4.28 -17.00 5.58
N ARG B 106 3.05 -16.65 5.89
CA ARG B 106 2.76 -15.60 6.79
C ARG B 106 2.03 -16.13 7.97
N GLN B 107 2.49 -17.26 8.48
CA GLN B 107 1.90 -17.80 9.68
C GLN B 107 2.06 -16.87 10.91
N ASP B 108 2.97 -15.91 10.81
CA ASP B 108 3.05 -14.87 11.86
C ASP B 108 1.73 -14.09 11.96
N ASN B 109 0.99 -14.08 10.85
CA ASN B 109 -0.37 -13.51 10.81
C ASN B 109 -1.50 -14.54 10.66
N CYS B 110 -1.33 -15.70 11.29
CA CYS B 110 -2.31 -16.76 11.19
C CYS B 110 -3.70 -16.18 11.60
N SER B 111 -4.67 -16.36 10.72
CA SER B 111 -6.10 -15.98 10.96
C SER B 111 -6.82 -16.83 11.98
N ILE B 112 -6.23 -17.95 12.41
CA ILE B 112 -6.90 -18.83 13.38
C ILE B 112 -6.29 -18.80 14.76
N GLY B 113 -4.98 -18.67 14.86
CA GLY B 113 -4.33 -18.83 16.17
C GLY B 113 -4.13 -20.31 16.31
N ASP B 114 -3.99 -20.79 17.54
CA ASP B 114 -3.94 -22.22 17.81
C ASP B 114 -5.28 -22.93 17.55
N PRO B 115 -5.23 -24.18 17.05
CA PRO B 115 -4.04 -24.94 16.79
C PRO B 115 -3.71 -24.95 15.30
N ASP B 116 -4.03 -23.91 14.54
CA ASP B 116 -3.54 -23.88 13.15
C ASP B 116 -1.99 -23.72 13.07
N LYS B 117 -1.46 -22.67 13.64
CA LYS B 117 0.00 -22.46 13.67
C LYS B 117 0.54 -23.20 14.90
N HIS B 118 1.84 -23.50 14.90
CA HIS B 118 2.52 -24.01 16.11
C HIS B 118 3.93 -23.38 16.30
N GLU B 119 4.31 -23.20 17.56
CA GLU B 119 5.59 -22.55 17.83
C GLU B 119 6.55 -23.50 18.55
N ALA B 120 7.70 -23.66 17.94
CA ALA B 120 8.75 -24.48 18.56
C ALA B 120 9.14 -23.98 19.93
N GLY B 121 9.06 -24.86 20.92
CA GLY B 121 9.31 -24.56 22.31
C GLY B 121 8.20 -23.97 23.12
N ILE B 122 7.09 -23.72 22.46
CA ILE B 122 6.00 -23.00 23.07
C ILE B 122 4.68 -23.73 22.98
N THR B 123 4.26 -24.06 21.77
CA THR B 123 2.94 -24.57 21.49
C THR B 123 2.88 -25.88 20.73
N GLY B 124 3.03 -26.97 21.45
CA GLY B 124 2.84 -28.31 20.88
C GLY B 124 3.89 -28.77 19.91
N LEU B 125 5.11 -28.26 20.03
CA LEU B 125 6.18 -28.56 19.10
C LEU B 125 7.47 -28.40 19.87
N HIS B 126 8.37 -29.38 19.79
CA HIS B 126 9.60 -29.38 20.62
C HIS B 126 10.57 -28.29 20.23
N GLY B 127 11.09 -27.66 21.25
CA GLY B 127 12.08 -26.60 21.09
C GLY B 127 13.46 -27.09 20.74
N PHE B 128 14.45 -26.23 20.93
CA PHE B 128 15.78 -26.48 20.36
C PHE B 128 16.85 -26.77 21.37
N MET B 129 16.50 -26.72 22.65
CA MET B 129 17.47 -27.13 23.69
C MET B 129 17.59 -28.68 23.80
N ARG B 130 18.23 -29.27 22.81
CA ARG B 130 18.41 -30.72 22.79
C ARG B 130 19.52 -31.05 21.80
N ASP B 131 20.21 -32.19 21.98
CA ASP B 131 21.43 -32.47 21.19
C ASP B 131 21.16 -32.68 19.75
N VAL B 132 19.96 -33.14 19.44
CA VAL B 132 19.67 -33.44 17.99
C VAL B 132 18.33 -32.93 17.54
N ILE B 133 18.24 -32.42 16.33
CA ILE B 133 17.01 -31.76 15.86
C ILE B 133 16.86 -32.14 14.39
N TYR B 134 15.60 -32.50 13.98
CA TYR B 134 15.37 -32.86 12.60
C TYR B 134 14.44 -31.85 12.00
N ASP B 135 14.71 -31.40 10.78
CA ASP B 135 13.82 -30.44 10.23
C ASP B 135 13.78 -30.45 8.72
N ASP B 136 12.83 -29.69 8.16
CA ASP B 136 12.89 -29.41 6.71
C ASP B 136 13.69 -28.13 6.39
N ILE B 137 14.41 -28.23 5.30
CA ILE B 137 15.27 -27.20 4.76
C ILE B 137 14.60 -25.82 4.68
N GLN B 138 13.35 -25.83 4.28
CA GLN B 138 12.59 -24.61 4.08
C GLN B 138 12.46 -23.82 5.38
N ASN B 139 12.43 -24.52 6.50
CA ASN B 139 12.32 -23.97 7.83
C ASN B 139 13.62 -23.48 8.44
N LEU B 140 14.71 -23.47 7.67
CA LEU B 140 16.02 -23.08 8.18
C LEU B 140 16.48 -21.84 7.42
N VAL B 141 17.10 -20.88 8.11
CA VAL B 141 17.52 -19.65 7.45
C VAL B 141 19.03 -19.66 7.59
N LYS B 142 19.71 -19.63 6.45
CA LYS B 142 21.14 -19.81 6.44
C LYS B 142 21.89 -18.57 6.93
N VAL B 143 22.84 -18.78 7.82
CA VAL B 143 23.74 -17.70 8.19
C VAL B 143 24.80 -17.57 7.10
N ASN B 144 24.74 -16.51 6.31
CA ASN B 144 25.75 -16.29 5.26
C ASN B 144 27.04 -15.59 5.68
N ASP B 145 27.02 -14.77 6.72
CA ASP B 145 28.22 -14.06 7.14
C ASP B 145 28.96 -14.94 8.13
N PRO B 146 30.25 -15.29 7.87
CA PRO B 146 30.96 -16.19 8.77
C PRO B 146 31.56 -15.55 10.01
N ASP B 147 31.72 -14.24 10.02
CA ASP B 147 32.26 -13.55 11.23
C ASP B 147 31.24 -13.33 12.32
N LEU B 148 29.95 -13.61 12.07
CA LEU B 148 28.96 -13.30 13.11
C LEU B 148 29.15 -14.16 14.32
N GLY B 149 29.41 -15.45 14.09
CA GLY B 149 29.54 -16.43 15.23
C GLY B 149 28.30 -16.43 16.09
N LYS B 150 28.45 -16.39 17.40
CA LYS B 150 27.34 -16.46 18.31
C LYS B 150 26.33 -15.29 18.23
N ILE B 151 26.74 -14.19 17.62
CA ILE B 151 25.89 -13.03 17.46
C ILE B 151 24.61 -13.45 16.71
N ALA B 152 24.75 -14.42 15.79
CA ALA B 152 23.61 -14.92 15.04
C ALA B 152 22.48 -15.45 15.88
N VAL B 153 22.74 -15.82 17.10
CA VAL B 153 21.64 -16.26 17.97
C VAL B 153 20.63 -15.13 18.25
N LEU B 154 21.03 -13.86 17.98
CA LEU B 154 20.10 -12.74 18.19
C LEU B 154 19.07 -12.60 17.05
N THR B 155 19.22 -13.43 16.01
CA THR B 155 18.31 -13.45 14.90
C THR B 155 16.85 -13.55 15.38
N GLU B 156 16.56 -14.50 16.21
CA GLU B 156 15.15 -14.72 16.54
C GLU B 156 14.51 -13.52 17.29
N PRO B 157 15.19 -12.90 18.27
CA PRO B 157 14.51 -11.75 18.85
C PRO B 157 14.50 -10.56 17.88
N LEU B 158 15.53 -10.42 17.04
CA LEU B 158 15.47 -9.32 16.10
C LEU B 158 14.39 -9.47 14.97
N LYS B 159 14.00 -10.69 14.60
CA LYS B 159 13.09 -10.79 13.47
C LYS B 159 11.73 -10.30 13.97
N ASN B 160 11.42 -10.47 15.25
CA ASN B 160 10.24 -9.86 15.82
C ASN B 160 10.14 -8.33 15.61
N VAL B 161 11.29 -7.67 15.71
CA VAL B 161 11.39 -6.26 15.50
C VAL B 161 11.17 -5.92 14.03
N MET B 162 11.74 -6.72 13.15
CA MET B 162 11.61 -6.49 11.76
C MET B 162 10.15 -6.58 11.33
N LYS B 163 9.40 -7.52 11.84
CA LYS B 163 8.00 -7.56 11.52
C LYS B 163 7.20 -6.35 12.06
N ALA B 164 7.51 -5.93 13.26
CA ALA B 164 6.86 -4.81 13.86
C ALA B 164 7.14 -3.54 13.09
N PHE B 165 8.36 -3.37 12.55
CA PHE B 165 8.60 -2.28 11.62
C PHE B 165 7.86 -2.42 10.31
N GLU B 166 7.58 -3.64 9.81
CA GLU B 166 6.73 -3.81 8.60
C GLU B 166 5.29 -3.34 8.90
N VAL B 167 4.79 -3.70 10.06
CA VAL B 167 3.49 -3.25 10.57
C VAL B 167 3.42 -1.70 10.69
N PHE B 168 4.46 -1.13 11.25
CA PHE B 168 4.64 0.34 11.15
C PHE B 168 4.58 0.90 9.72
N ASP B 169 5.34 0.31 8.78
CA ASP B 169 5.30 0.74 7.39
C ASP B 169 3.91 0.65 6.73
N VAL B 170 3.14 -0.40 7.03
CA VAL B 170 1.80 -0.55 6.52
C VAL B 170 0.87 0.54 7.13
N VAL B 171 0.83 0.69 8.46
CA VAL B 171 -0.17 1.56 9.12
C VAL B 171 0.10 3.04 8.94
N SER B 172 1.37 3.40 8.82
CA SER B 172 1.72 4.78 8.73
C SER B 172 1.44 5.28 7.31
N LYS B 173 1.03 4.40 6.39
CA LYS B 173 0.52 4.92 5.09
C LYS B 173 -0.84 5.65 5.25
N ARG B 174 -1.45 5.65 6.42
CA ARG B 174 -2.72 6.36 6.54
C ARG B 174 -2.56 7.83 6.24
N SER B 175 -1.35 8.39 6.38
CA SER B 175 -1.16 9.82 6.07
C SER B 175 0.30 9.99 5.67
N ILE B 176 0.74 11.22 5.45
CA ILE B 176 2.16 11.49 5.30
C ILE B 176 2.77 11.60 6.66
N PHE B 177 3.63 10.60 6.99
CA PHE B 177 4.22 10.50 8.30
C PHE B 177 5.55 11.23 8.31
N GLN B 178 6.23 11.23 7.16
CA GLN B 178 7.51 11.92 6.98
C GLN B 178 7.43 13.46 7.03
N ASN B 179 8.60 14.07 7.08
CA ASN B 179 8.81 15.48 6.92
C ASN B 179 8.63 15.84 5.48
N ASP B 180 8.46 17.11 5.23
CA ASP B 180 8.23 17.63 3.90
C ASP B 180 9.44 17.60 3.05
N ASP B 181 10.53 17.10 3.58
CA ASP B 181 11.71 16.82 2.78
C ASP B 181 11.86 15.37 2.34
N SER B 182 10.90 14.55 2.74
CA SER B 182 10.82 13.10 2.48
C SER B 182 11.43 12.17 3.52
N THR B 183 12.10 12.73 4.50
CA THR B 183 12.88 12.03 5.50
C THR B 183 12.16 11.85 6.78
N PHE B 184 12.74 11.02 7.62
CA PHE B 184 12.36 10.84 8.98
C PHE B 184 13.22 11.65 9.97
N ILE B 185 14.06 12.54 9.49
CA ILE B 185 14.98 13.24 10.37
C ILE B 185 14.25 13.97 11.51
N GLY B 186 14.64 13.72 12.74
CA GLY B 186 14.03 14.42 13.87
C GLY B 186 12.73 13.80 14.31
N LYS B 187 12.16 12.83 13.61
CA LYS B 187 11.01 12.11 14.17
C LYS B 187 11.43 11.38 15.43
N LYS B 188 10.55 11.24 16.40
CA LYS B 188 10.93 10.72 17.69
C LYS B 188 10.31 9.38 17.93
N MET B 189 11.16 8.42 18.29
CA MET B 189 10.77 7.08 18.65
C MET B 189 11.10 6.88 20.14
N VAL B 190 10.13 6.43 20.90
CA VAL B 190 10.38 6.13 22.25
C VAL B 190 10.11 4.67 22.43
N VAL B 191 11.03 4.01 23.12
CA VAL B 191 10.87 2.56 23.42
C VAL B 191 10.73 2.36 24.91
N ILE B 192 9.57 1.86 25.34
CA ILE B 192 9.34 1.56 26.72
C ILE B 192 10.02 0.26 27.04
N GLY B 193 11.01 0.29 27.92
CA GLY B 193 11.80 -0.85 28.31
C GLY B 193 13.25 -0.71 27.93
N SER B 194 14.11 -1.44 28.61
CA SER B 194 15.55 -1.36 28.37
C SER B 194 16.28 -2.71 28.22
N GLY B 195 15.52 -3.75 27.93
CA GLY B 195 15.96 -5.12 27.79
C GLY B 195 16.42 -5.39 26.39
N SER B 196 16.53 -6.63 25.99
CA SER B 196 17.12 -6.92 24.67
C SER B 196 16.25 -6.55 23.51
N GLU B 197 14.93 -6.75 23.61
CA GLU B 197 14.01 -6.35 22.55
C GLU B 197 14.02 -4.81 22.34
N ALA B 198 14.12 -4.06 23.44
CA ALA B 198 14.16 -2.59 23.40
C ALA B 198 15.37 -2.12 22.74
N PHE B 199 16.48 -2.77 23.07
CA PHE B 199 17.68 -2.39 22.36
C PHE B 199 17.57 -2.70 20.88
N LEU B 200 17.04 -3.88 20.52
CA LEU B 200 16.99 -4.23 19.05
C LEU B 200 15.99 -3.28 18.34
N TYR B 201 14.86 -2.94 18.97
CA TYR B 201 13.95 -1.90 18.41
C TYR B 201 14.67 -0.55 18.16
N SER B 202 15.47 -0.16 19.16
CA SER B 202 16.19 1.13 19.10
C SER B 202 17.19 1.16 18.02
N PHE B 203 17.96 0.06 17.83
CA PHE B 203 18.94 0.05 16.73
C PHE B 203 18.27 0.08 15.40
N VAL B 204 17.18 -0.65 15.21
CA VAL B 204 16.49 -0.55 13.91
C VAL B 204 15.89 0.85 13.75
N GLY B 205 15.32 1.38 14.86
CA GLY B 205 14.80 2.75 14.80
C GLY B 205 15.85 3.73 14.31
N LYS B 206 17.08 3.58 14.80
CA LYS B 206 18.15 4.51 14.39
C LYS B 206 18.47 4.33 12.95
N ASP B 207 18.52 3.09 12.52
CA ASP B 207 18.82 2.89 11.07
C ASP B 207 17.70 3.46 10.20
N ARG B 208 16.46 3.47 10.70
CA ARG B 208 15.34 4.06 9.96
C ARG B 208 15.41 5.59 9.96
N GLY B 209 16.28 6.19 10.79
CA GLY B 209 16.51 7.66 10.81
C GLY B 209 15.74 8.41 11.91
N PHE B 210 15.08 7.68 12.79
CA PHE B 210 14.54 8.29 14.00
C PHE B 210 15.63 8.76 14.99
N ASP B 211 15.25 9.74 15.80
CA ASP B 211 15.83 9.97 17.12
C ASP B 211 15.18 9.08 18.10
N VAL B 212 15.99 8.31 18.85
CA VAL B 212 15.42 7.22 19.60
C VAL B 212 15.82 7.36 21.04
N THR B 213 14.91 7.11 21.95
CA THR B 213 15.19 7.11 23.37
C THR B 213 14.52 5.91 24.00
N MET B 214 15.31 5.07 24.71
CA MET B 214 14.69 4.05 25.59
C MET B 214 14.37 4.71 26.94
N VAL B 215 13.38 4.18 27.62
CA VAL B 215 12.97 4.69 28.88
C VAL B 215 12.62 3.54 29.81
N ASN B 216 12.81 3.78 31.10
CA ASN B 216 12.42 2.81 32.14
C ASN B 216 12.07 3.54 33.44
N ARG B 217 11.61 2.79 34.44
CA ARG B 217 11.26 3.38 35.72
C ARG B 217 12.40 3.31 36.74
N HIS B 218 13.63 3.16 36.28
CA HIS B 218 14.83 3.31 37.10
C HIS B 218 16.00 3.71 36.20
N ASP B 219 17.12 4.11 36.79
CA ASP B 219 18.32 4.39 36.03
C ASP B 219 18.83 3.05 35.54
N GLU B 220 19.71 3.09 34.59
CA GLU B 220 20.26 1.87 34.07
C GLU B 220 21.77 1.74 34.37
N THR B 221 22.25 0.52 34.25
CA THR B 221 23.65 0.24 34.44
C THR B 221 24.51 0.88 33.38
N GLU B 222 25.79 1.01 33.71
CA GLU B 222 26.79 1.71 32.90
C GLU B 222 27.12 0.98 31.60
N ASN B 223 27.03 -0.36 31.62
CA ASN B 223 27.28 -1.13 30.41
C ASN B 223 26.21 -0.73 29.38
N LYS B 224 24.97 -0.82 29.78
CA LYS B 224 23.85 -0.51 28.91
C LYS B 224 23.89 0.93 28.45
N MET B 225 24.12 1.87 29.36
CA MET B 225 24.30 3.28 28.95
C MET B 225 25.38 3.46 27.88
N LYS B 226 26.51 2.81 28.05
CA LYS B 226 27.59 2.95 27.06
C LYS B 226 27.18 2.36 25.70
N MET B 227 26.47 1.26 25.72
CA MET B 227 26.02 0.67 24.45
C MET B 227 25.04 1.63 23.72
N MET B 228 24.08 2.19 24.46
CA MET B 228 23.14 3.16 23.87
C MET B 228 23.91 4.26 23.23
N ASP B 229 24.87 4.79 23.98
CA ASP B 229 25.73 5.85 23.46
C ASP B 229 26.49 5.47 22.23
N ASP B 230 27.07 4.27 22.16
CA ASP B 230 27.76 3.87 20.92
C ASP B 230 26.85 3.89 19.66
N PHE B 231 25.54 3.70 19.84
CA PHE B 231 24.62 3.73 18.67
C PHE B 231 23.87 5.07 18.54
N GLY B 232 24.12 6.02 19.44
CA GLY B 232 23.39 7.27 19.40
C GLY B 232 21.96 7.16 19.88
N VAL B 233 21.72 6.25 20.81
CA VAL B 233 20.45 6.11 21.40
C VAL B 233 20.51 6.71 22.81
N GLY B 234 19.44 7.39 23.19
CA GLY B 234 19.34 8.13 24.43
C GLY B 234 18.53 7.31 25.39
N PHE B 235 18.57 7.72 26.65
CA PHE B 235 17.88 7.02 27.68
C PHE B 235 17.21 7.95 28.70
N SER B 236 16.12 7.54 29.28
CA SER B 236 15.63 8.37 30.32
C SER B 236 14.89 7.56 31.31
N ASN B 237 15.12 7.89 32.58
CA ASN B 237 14.30 7.38 33.66
C ASN B 237 13.06 8.26 33.69
N TYR B 238 11.91 7.71 33.31
CA TYR B 238 10.71 8.55 33.15
C TYR B 238 10.04 8.91 34.50
N LEU B 239 10.52 8.34 35.61
CA LEU B 239 10.14 8.85 36.96
C LEU B 239 10.64 10.27 37.11
N LYS B 240 11.78 10.57 36.51
CA LYS B 240 12.37 11.90 36.49
C LYS B 240 12.10 12.73 35.28
N ASP B 241 12.08 12.13 34.08
CA ASP B 241 11.88 12.93 32.83
C ASP B 241 11.24 12.06 31.74
N MET B 242 10.00 12.41 31.41
CA MET B 242 9.16 11.67 30.53
C MET B 242 9.23 12.35 29.16
N PRO B 243 9.73 11.64 28.15
CA PRO B 243 9.77 12.24 26.78
C PRO B 243 8.37 12.66 26.34
N ASP B 244 8.24 13.75 25.60
CA ASP B 244 6.96 14.08 25.01
C ASP B 244 7.13 14.18 23.49
N LYS B 245 6.04 14.52 22.79
CA LYS B 245 6.02 14.69 21.31
C LYS B 245 6.56 13.40 20.59
N ILE B 246 5.93 12.26 20.84
CA ILE B 246 6.41 10.97 20.35
C ILE B 246 5.68 10.64 19.05
N ASP B 247 6.42 10.30 18.00
CA ASP B 247 5.83 9.88 16.73
C ASP B 247 5.68 8.41 16.61
N LEU B 248 6.59 7.65 17.22
CA LEU B 248 6.54 6.20 17.20
C LEU B 248 6.88 5.70 18.59
N LEU B 249 5.96 5.01 19.19
CA LEU B 249 6.10 4.49 20.55
C LEU B 249 6.04 2.97 20.48
N VAL B 250 7.08 2.29 20.97
CA VAL B 250 7.09 0.83 21.00
C VAL B 250 7.12 0.41 22.44
N ASP B 251 6.21 -0.45 22.84
CA ASP B 251 6.27 -0.93 24.19
C ASP B 251 6.72 -2.38 24.32
N THR B 252 7.68 -2.61 25.20
CA THR B 252 8.20 -3.98 25.49
C THR B 252 7.92 -4.42 26.90
N SER B 253 7.19 -3.59 27.68
CA SER B 253 6.88 -3.90 29.07
C SER B 253 5.63 -4.80 29.29
N GLY B 254 4.61 -4.62 28.48
CA GLY B 254 3.35 -5.25 28.76
C GLY B 254 2.53 -4.49 29.82
N ASP B 255 3.04 -3.38 30.35
CA ASP B 255 2.37 -2.68 31.45
C ASP B 255 1.37 -1.58 31.01
N PRO B 256 0.07 -1.84 31.21
CA PRO B 256 -1.02 -0.93 30.83
C PRO B 256 -0.84 0.50 31.27
N SER B 257 -0.35 0.67 32.48
CA SER B 257 -0.28 1.97 33.05
C SER B 257 0.80 2.77 32.36
N THR B 258 1.93 2.14 32.14
CA THR B 258 3.00 2.80 31.42
C THR B 258 2.62 3.06 29.97
N ILE B 259 1.94 2.11 29.36
CA ILE B 259 1.54 2.23 27.95
C ILE B 259 0.65 3.48 27.79
N PHE B 260 -0.43 3.49 28.55
CA PHE B 260 -1.45 4.53 28.34
C PHE B 260 -0.97 5.92 28.69
N LYS B 261 -0.08 6.00 29.67
CA LYS B 261 0.58 7.24 29.99
C LYS B 261 1.45 7.80 28.90
N PHE B 262 2.20 6.93 28.21
CA PHE B 262 2.94 7.36 27.04
C PHE B 262 2.06 7.58 25.79
N VAL B 263 0.98 6.84 25.67
CA VAL B 263 0.06 7.11 24.55
C VAL B 263 -0.38 8.59 24.59
N LYS B 264 -0.57 9.15 25.80
CA LYS B 264 -0.95 10.57 25.93
C LYS B 264 0.16 11.55 25.58
N LYS B 265 1.32 11.06 25.14
CA LYS B 265 2.38 11.95 24.59
C LYS B 265 2.55 11.86 23.08
N VAL B 266 1.74 11.03 22.44
CA VAL B 266 1.95 10.70 21.03
C VAL B 266 1.36 11.81 20.17
N ASN B 267 2.10 12.18 19.13
CA ASN B 267 1.70 13.22 18.22
C ASN B 267 0.57 12.77 17.33
N ASN B 268 -0.01 13.73 16.64
CA ASN B 268 -0.85 13.47 15.53
C ASN B 268 -0.14 12.55 14.50
N ASN B 269 -0.96 11.64 13.95
CA ASN B 269 -0.60 10.53 13.03
C ASN B 269 0.44 9.57 13.62
N GLY B 270 0.49 9.54 14.93
CA GLY B 270 1.49 8.78 15.62
C GLY B 270 1.17 7.31 15.64
N VAL B 271 2.19 6.47 15.80
CA VAL B 271 1.93 5.01 15.91
C VAL B 271 2.46 4.40 17.16
N VAL B 272 1.70 3.49 17.69
CA VAL B 272 2.08 2.84 18.90
C VAL B 272 2.14 1.37 18.52
N ILE B 273 3.27 0.72 18.75
CA ILE B 273 3.39 -0.73 18.63
C ILE B 273 3.28 -1.38 20.01
N LEU B 274 2.34 -2.28 20.13
CA LEU B 274 2.19 -3.07 21.32
C LEU B 274 2.89 -4.37 21.04
N PHE B 275 3.82 -4.71 21.91
CA PHE B 275 4.70 -5.83 21.70
C PHE B 275 4.91 -6.72 22.93
N GLY B 276 5.32 -6.12 24.02
CA GLY B 276 5.49 -6.80 25.26
C GLY B 276 4.19 -7.28 25.82
N PHE B 277 4.24 -8.34 26.60
CA PHE B 277 3.05 -8.86 27.26
C PHE B 277 3.35 -9.47 28.61
N ASN B 278 2.51 -9.10 29.57
CA ASN B 278 2.56 -9.55 30.92
C ASN B 278 1.12 -9.68 31.39
N GLY B 279 0.60 -10.91 31.36
CA GLY B 279 -0.75 -11.20 31.82
C GLY B 279 -1.04 -10.81 33.28
N LYS B 280 0.00 -10.79 34.13
CA LYS B 280 -0.12 -10.39 35.56
C LYS B 280 -0.21 -8.90 35.83
N ALA B 281 0.09 -8.04 34.85
CA ALA B 281 0.18 -6.59 35.12
C ALA B 281 -1.18 -6.04 35.44
N PRO B 282 -1.25 -5.07 36.37
CA PRO B 282 -2.56 -4.62 36.80
C PRO B 282 -3.27 -3.63 35.85
N GLY B 283 -4.59 -3.57 36.02
CA GLY B 283 -5.44 -2.65 35.32
C GLY B 283 -5.02 -1.22 35.48
N TYR B 284 -5.22 -0.44 34.43
CA TYR B 284 -5.13 1.00 34.50
C TYR B 284 -6.39 1.56 33.85
N PRO B 285 -7.03 2.54 34.52
CA PRO B 285 -8.27 3.02 33.98
C PRO B 285 -8.04 3.91 32.77
N VAL B 286 -8.75 3.59 31.70
CA VAL B 286 -8.72 4.38 30.49
C VAL B 286 -10.09 4.97 30.38
N ASN B 287 -10.15 6.30 30.28
CA ASN B 287 -11.43 7.01 30.29
C ASN B 287 -11.76 7.59 28.95
N GLY B 288 -12.94 8.20 28.89
CA GLY B 288 -13.45 8.87 27.70
C GLY B 288 -12.51 9.85 27.05
N GLU B 289 -11.73 10.50 27.89
CA GLU B 289 -10.82 11.52 27.44
C GLU B 289 -9.58 10.92 26.75
N ASP B 290 -9.15 9.74 27.24
CA ASP B 290 -8.04 8.95 26.69
C ASP B 290 -8.32 8.46 25.26
N ILE B 291 -9.52 7.91 25.09
CA ILE B 291 -10.07 7.49 23.85
C ILE B 291 -10.20 8.66 22.89
N ASP B 292 -10.68 9.79 23.37
CA ASP B 292 -10.81 10.94 22.47
C ASP B 292 -9.43 11.47 21.99
N TYR B 293 -8.45 11.45 22.88
CA TYR B 293 -7.03 11.79 22.54
C TYR B 293 -6.59 10.97 21.29
N ILE B 294 -6.94 9.69 21.27
CA ILE B 294 -6.54 8.74 20.22
C ILE B 294 -7.26 9.10 18.92
N VAL B 295 -8.59 9.17 19.00
CA VAL B 295 -9.42 9.57 17.88
C VAL B 295 -8.99 10.88 17.25
N GLU B 296 -8.79 11.89 18.08
CA GLU B 296 -8.60 13.24 17.54
C GLU B 296 -7.24 13.38 16.93
N ARG B 297 -6.36 12.46 17.24
CA ARG B 297 -5.03 12.52 16.70
C ARG B 297 -4.75 11.53 15.51
N ASN B 298 -5.76 10.80 15.03
CA ASN B 298 -5.57 9.79 14.02
C ASN B 298 -4.41 8.86 14.39
N ILE B 299 -4.38 8.47 15.65
CA ILE B 299 -3.38 7.58 16.15
C ILE B 299 -3.74 6.13 15.85
N THR B 300 -2.72 5.33 15.53
CA THR B 300 -2.87 3.88 15.45
C THR B 300 -2.13 3.12 16.54
N ILE B 301 -2.79 2.13 17.11
CA ILE B 301 -2.20 1.28 18.13
C ILE B 301 -2.26 -0.12 17.53
N ALA B 302 -1.08 -0.68 17.17
CA ALA B 302 -1.02 -1.99 16.52
C ALA B 302 -0.32 -3.04 17.39
N GLY B 303 -1.02 -4.09 17.75
CA GLY B 303 -0.33 -5.23 18.35
C GLY B 303 0.43 -6.06 17.33
N SER B 304 1.61 -6.56 17.70
CA SER B 304 2.47 -7.26 16.71
C SER B 304 3.09 -8.47 17.37
N VAL B 305 2.98 -9.63 16.75
CA VAL B 305 3.56 -10.83 17.27
C VAL B 305 4.21 -11.63 16.18
N ASP B 306 5.36 -12.21 16.51
CA ASP B 306 6.10 -13.13 15.66
C ASP B 306 6.61 -12.48 14.43
N ALA B 307 7.03 -13.25 13.46
CA ALA B 307 7.56 -12.72 12.24
C ALA B 307 7.53 -13.76 11.17
N ALA B 308 7.73 -13.38 9.93
CA ALA B 308 7.97 -14.32 8.85
C ALA B 308 9.44 -14.58 8.49
N LYS B 309 9.62 -15.65 7.75
CA LYS B 309 10.95 -16.02 7.30
C LYS B 309 11.71 -14.88 6.66
N ILE B 310 11.04 -14.07 5.86
CA ILE B 310 11.80 -13.00 5.25
C ILE B 310 12.42 -12.05 6.33
N HIS B 311 11.73 -11.91 7.45
CA HIS B 311 12.20 -11.10 8.55
C HIS B 311 13.38 -11.72 9.34
N TYR B 312 13.50 -13.05 9.35
CA TYR B 312 14.77 -13.71 9.85
C TYR B 312 15.95 -13.32 8.95
N VAL B 313 15.75 -13.32 7.64
CA VAL B 313 16.81 -12.93 6.72
C VAL B 313 17.21 -11.43 6.85
N GLN B 314 16.21 -10.54 6.99
CA GLN B 314 16.45 -9.15 7.21
C GLN B 314 17.19 -8.99 8.52
N ALA B 315 16.84 -9.78 9.53
CA ALA B 315 17.50 -9.70 10.84
C ALA B 315 18.97 -10.01 10.74
N LEU B 316 19.33 -11.07 10.00
CA LEU B 316 20.71 -11.47 9.86
C LEU B 316 21.52 -10.43 9.08
N ASP B 317 20.92 -9.85 8.05
CA ASP B 317 21.57 -8.74 7.35
C ASP B 317 21.77 -7.53 8.28
N SER B 318 20.81 -7.24 9.16
CA SER B 318 21.11 -6.19 10.13
C SER B 318 22.20 -6.53 11.11
N LEU B 319 22.18 -7.74 11.65
CA LEU B 319 23.19 -8.09 12.63
C LEU B 319 24.62 -8.01 11.97
N SER B 320 24.80 -8.43 10.73
CA SER B 320 26.06 -8.21 10.02
C SER B 320 26.42 -6.70 9.88
N ASN B 321 25.54 -5.92 9.26
CA ASN B 321 25.77 -4.49 9.14
C ASN B 321 26.14 -3.98 10.55
N TRP B 322 25.39 -4.35 11.60
CA TRP B 322 25.74 -3.80 12.91
C TRP B 322 27.12 -4.28 13.38
N TYR B 323 27.41 -5.56 13.18
CA TYR B 323 28.68 -6.13 13.62
C TYR B 323 29.92 -5.58 12.94
N HIS B 324 29.90 -5.33 11.64
CA HIS B 324 31.05 -4.81 10.97
C HIS B 324 31.32 -3.27 11.16
N ARG B 325 30.51 -2.58 12.00
CA ARG B 325 30.62 -1.16 12.27
C ARG B 325 30.82 -0.93 13.74
N HIS B 326 30.14 -1.71 14.57
CA HIS B 326 30.22 -1.62 16.03
C HIS B 326 30.43 -3.00 16.72
N PRO B 327 31.54 -3.68 16.39
CA PRO B 327 31.98 -4.96 16.95
C PRO B 327 31.76 -5.23 18.43
N GLN B 328 32.34 -4.42 19.32
CA GLN B 328 32.30 -4.74 20.73
C GLN B 328 30.96 -4.46 21.32
N THR B 329 30.30 -3.43 20.79
CA THR B 329 28.98 -3.08 21.30
C THR B 329 28.01 -4.22 21.05
N ILE B 330 28.06 -4.79 19.84
CA ILE B 330 27.15 -5.88 19.49
C ILE B 330 27.47 -7.14 20.27
N LYS B 331 28.76 -7.45 20.42
CA LYS B 331 29.20 -8.60 21.29
C LYS B 331 28.70 -8.43 22.68
N ASP B 332 28.56 -7.19 23.13
CA ASP B 332 28.19 -6.96 24.54
C ASP B 332 26.71 -7.12 24.80
N ILE B 333 25.93 -7.39 23.77
CA ILE B 333 24.49 -7.62 24.00
C ILE B 333 24.39 -8.92 24.67
N ILE B 334 25.29 -9.83 24.32
CA ILE B 334 25.32 -11.16 24.98
C ILE B 334 26.09 -11.07 26.29
N THR B 335 25.39 -11.13 27.42
CA THR B 335 25.96 -10.78 28.71
C THR B 335 26.19 -11.94 29.64
N TYR B 336 25.78 -13.15 29.28
CA TYR B 336 26.09 -14.33 30.07
C TYR B 336 25.95 -15.58 29.20
N GLU B 337 27.05 -16.33 29.08
CA GLU B 337 27.07 -17.71 28.49
C GLU B 337 27.01 -18.79 29.53
N ALA B 338 25.88 -19.48 29.57
CA ALA B 338 25.61 -20.51 30.52
C ALA B 338 25.78 -21.90 29.97
N LYS B 339 25.87 -22.82 30.92
CA LYS B 339 25.93 -24.25 30.64
C LYS B 339 24.52 -24.74 30.73
N PRO B 340 24.17 -25.77 29.94
CA PRO B 340 22.85 -26.35 29.98
C PRO B 340 22.36 -26.74 31.37
N GLU B 341 23.27 -27.08 32.27
CA GLU B 341 22.86 -27.52 33.57
C GLU B 341 22.62 -26.35 34.48
N GLU B 342 23.02 -25.14 34.09
CA GLU B 342 22.71 -23.94 34.91
C GLU B 342 21.23 -23.52 34.81
N THR B 343 20.31 -24.40 35.21
CA THR B 343 18.90 -24.19 35.00
C THR B 343 18.39 -23.02 35.83
N ASN B 344 19.22 -22.60 36.76
CA ASN B 344 18.99 -21.41 37.53
C ASN B 344 18.68 -20.14 36.69
N ILE B 345 19.27 -20.02 35.50
CA ILE B 345 19.00 -18.89 34.57
C ILE B 345 17.53 -18.68 34.16
N PHE B 346 16.69 -19.70 34.33
CA PHE B 346 15.26 -19.63 34.00
C PHE B 346 14.46 -19.05 35.17
N PHE B 347 15.14 -18.79 36.29
CA PHE B 347 14.47 -18.30 37.51
C PHE B 347 15.10 -17.04 38.03
N GLN B 348 16.34 -16.77 37.66
CA GLN B 348 17.03 -15.57 38.12
C GLN B 348 17.75 -14.89 37.00
N LYS B 349 17.49 -13.60 36.85
CA LYS B 349 18.12 -12.77 35.85
C LYS B 349 19.54 -12.39 36.27
N PRO B 350 20.57 -13.13 35.81
CA PRO B 350 21.91 -12.76 36.26
C PRO B 350 22.19 -11.27 36.07
N LYS B 351 23.12 -10.76 36.85
CA LYS B 351 23.22 -9.33 37.09
C LYS B 351 23.85 -8.65 35.89
N GLY B 352 23.18 -7.59 35.40
CA GLY B 352 23.56 -6.91 34.15
C GLY B 352 22.92 -7.43 32.85
N GLU B 353 21.98 -8.35 32.96
CA GLU B 353 21.43 -9.04 31.79
C GLU B 353 20.81 -8.16 30.72
N ILE B 354 21.24 -8.43 29.52
CA ILE B 354 20.58 -8.01 28.32
C ILE B 354 20.09 -9.31 27.66
N LYS B 355 21.01 -10.05 27.04
CA LYS B 355 20.75 -11.41 26.57
C LYS B 355 21.61 -12.47 27.23
N THR B 356 20.99 -13.38 27.95
CA THR B 356 21.57 -14.62 28.40
C THR B 356 21.46 -15.73 27.34
N VAL B 357 22.54 -16.50 27.10
CA VAL B 357 22.46 -17.65 26.22
C VAL B 357 23.09 -18.91 26.82
N ILE B 358 22.60 -20.06 26.37
CA ILE B 358 23.19 -21.35 26.69
C ILE B 358 24.09 -21.72 25.57
N LYS B 359 25.37 -22.00 25.89
CA LYS B 359 26.31 -22.58 24.90
C LYS B 359 26.10 -24.10 24.97
N TRP B 360 25.74 -24.72 23.85
CA TRP B 360 25.42 -26.12 23.89
C TRP B 360 26.71 -26.96 23.82
N PRO B 361 26.91 -27.87 24.75
CA PRO B 361 28.12 -28.73 24.65
C PRO B 361 28.08 -29.63 23.44
N SER C 2 -26.80 -38.05 -18.49
CA SER C 2 -27.85 -37.55 -19.45
C SER C 2 -27.26 -37.27 -20.82
N THR C 3 -28.12 -37.30 -21.82
CA THR C 3 -27.83 -36.63 -23.06
C THR C 3 -28.41 -35.23 -22.87
N ILE C 4 -27.70 -34.20 -23.32
CA ILE C 4 -28.17 -32.82 -23.18
C ILE C 4 -27.75 -32.03 -24.40
N ASN C 5 -28.30 -30.83 -24.57
CA ASN C 5 -27.88 -29.92 -25.62
C ASN C 5 -26.72 -29.07 -25.11
N ALA C 6 -25.81 -28.72 -26.03
CA ALA C 6 -24.63 -27.88 -25.77
C ALA C 6 -24.10 -27.25 -27.07
N ILE C 7 -23.51 -26.05 -26.95
CA ILE C 7 -22.70 -25.48 -28.04
C ILE C 7 -21.21 -25.79 -27.73
N VAL C 8 -20.53 -26.44 -28.67
CA VAL C 8 -19.20 -26.97 -28.49
C VAL C 8 -18.23 -26.61 -29.64
N THR C 9 -16.93 -26.62 -29.34
CA THR C 9 -15.86 -26.44 -30.31
C THR C 9 -14.94 -27.65 -30.13
N ASP C 10 -13.95 -27.78 -30.99
CA ASP C 10 -12.94 -28.80 -30.83
C ASP C 10 -11.67 -27.99 -30.56
N ALA C 11 -11.35 -27.78 -29.30
CA ALA C 11 -10.32 -26.78 -29.02
C ALA C 11 -8.96 -27.44 -29.10
N PRO C 12 -8.01 -26.76 -29.74
CA PRO C 12 -8.00 -25.41 -30.32
C PRO C 12 -8.22 -25.40 -31.82
N LYS C 13 -8.63 -26.53 -32.37
CA LYS C 13 -8.81 -26.64 -33.81
C LYS C 13 -9.89 -25.66 -34.30
N GLY C 14 -10.97 -25.49 -33.55
CA GLY C 14 -12.01 -24.54 -33.99
C GLY C 14 -13.31 -25.18 -34.38
N GLY C 15 -14.10 -24.45 -35.13
CA GLY C 15 -15.44 -24.84 -35.43
C GLY C 15 -16.39 -24.72 -34.25
N VAL C 16 -17.69 -24.82 -34.57
CA VAL C 16 -18.76 -24.70 -33.58
C VAL C 16 -20.06 -25.35 -34.07
N LYS C 17 -20.70 -26.15 -33.20
CA LYS C 17 -21.94 -26.85 -33.52
C LYS C 17 -22.84 -26.85 -32.28
N TYR C 18 -24.11 -26.47 -32.47
CA TYR C 18 -25.16 -26.69 -31.47
C TYR C 18 -25.69 -28.10 -31.72
N THR C 19 -25.51 -28.98 -30.74
CA THR C 19 -25.70 -30.39 -30.97
C THR C 19 -25.86 -31.04 -29.61
N LYS C 20 -26.04 -32.37 -29.57
CA LYS C 20 -26.33 -33.08 -28.30
C LYS C 20 -25.07 -33.78 -27.84
N ILE C 21 -24.99 -34.09 -26.55
CA ILE C 21 -23.80 -34.69 -25.98
C ILE C 21 -24.11 -35.52 -24.76
N ASP C 22 -23.24 -36.50 -24.51
CA ASP C 22 -23.34 -37.36 -23.35
C ASP C 22 -22.58 -36.63 -22.25
N MET C 23 -23.23 -36.37 -21.11
CA MET C 23 -22.59 -35.73 -19.94
C MET C 23 -23.19 -36.24 -18.63
N PRO C 24 -22.47 -37.15 -17.94
CA PRO C 24 -23.00 -37.86 -16.79
C PRO C 24 -22.94 -37.05 -15.50
N GLU C 25 -23.87 -37.29 -14.59
CA GLU C 25 -23.84 -36.68 -13.27
C GLU C 25 -22.69 -37.28 -12.49
N PRO C 26 -21.88 -36.43 -11.83
CA PRO C 26 -21.06 -36.97 -10.75
C PRO C 26 -21.91 -37.26 -9.51
N GLU C 27 -21.69 -38.41 -8.88
CA GLU C 27 -22.26 -38.70 -7.56
C GLU C 27 -21.97 -37.55 -6.59
N LYS C 28 -20.76 -36.99 -6.70
CA LYS C 28 -20.27 -35.90 -5.84
C LYS C 28 -20.43 -34.53 -6.53
N TYR C 29 -21.37 -33.73 -6.03
CA TYR C 29 -21.58 -32.35 -6.51
C TYR C 29 -22.19 -31.49 -5.41
N GLU C 30 -21.91 -30.20 -5.45
CA GLU C 30 -22.53 -29.28 -4.51
C GLU C 30 -23.67 -28.52 -5.16
N ALA C 31 -23.69 -28.42 -6.47
CA ALA C 31 -24.69 -27.55 -7.10
C ALA C 31 -24.87 -27.87 -8.53
N LYS C 32 -26.10 -27.66 -8.98
CA LYS C 32 -26.57 -28.02 -10.32
C LYS C 32 -27.35 -26.83 -10.84
N LEU C 33 -27.11 -26.46 -12.09
CA LEU C 33 -27.51 -25.17 -12.57
C LEU C 33 -27.85 -25.30 -14.01
N LYS C 34 -28.53 -24.30 -14.55
CA LYS C 34 -28.76 -24.27 -15.97
C LYS C 34 -28.47 -22.86 -16.37
N PRO C 35 -28.27 -22.66 -17.65
CA PRO C 35 -27.93 -21.33 -18.15
C PRO C 35 -29.15 -20.52 -18.50
N VAL C 36 -29.17 -19.26 -18.09
CA VAL C 36 -30.15 -18.32 -18.55
C VAL C 36 -29.61 -17.47 -19.67
N TYR C 37 -28.46 -16.86 -19.51
CA TYR C 37 -27.86 -16.07 -20.57
C TYR C 37 -26.35 -16.35 -20.68
N ILE C 38 -25.78 -16.18 -21.87
CA ILE C 38 -24.35 -16.34 -22.05
C ILE C 38 -23.87 -15.33 -23.03
N GLY C 39 -23.03 -14.40 -22.60
CA GLY C 39 -22.51 -13.40 -23.50
C GLY C 39 -21.40 -13.96 -24.38
N ILE C 40 -21.03 -13.29 -25.45
CA ILE C 40 -19.92 -13.78 -26.22
C ILE C 40 -19.00 -12.61 -26.48
N CYS C 41 -17.70 -12.87 -26.55
CA CYS C 41 -16.75 -11.79 -26.81
C CYS C 41 -15.79 -12.28 -27.86
N GLY C 42 -14.82 -11.46 -28.19
CA GLY C 42 -13.77 -11.82 -29.15
C GLY C 42 -13.09 -13.12 -28.81
N THR C 43 -12.98 -13.47 -27.53
CA THR C 43 -12.29 -14.70 -27.20
C THR C 43 -13.02 -15.92 -27.75
N ASP C 44 -14.34 -15.99 -27.57
CA ASP C 44 -15.17 -17.05 -28.15
C ASP C 44 -15.00 -17.10 -29.70
N ARG C 45 -14.95 -15.95 -30.34
CA ARG C 45 -14.89 -15.95 -31.78
C ARG C 45 -13.53 -16.49 -32.26
N GLY C 46 -12.46 -16.05 -31.60
CA GLY C 46 -11.14 -16.59 -31.75
C GLY C 46 -11.09 -18.08 -31.48
N GLU C 47 -11.72 -18.55 -30.41
CA GLU C 47 -11.81 -20.02 -30.18
C GLU C 47 -12.37 -20.77 -31.41
N VAL C 48 -13.54 -20.33 -31.87
CA VAL C 48 -14.27 -20.91 -32.99
C VAL C 48 -13.45 -20.86 -34.28
N ALA C 49 -12.74 -19.76 -34.46
CA ALA C 49 -12.00 -19.51 -35.66
C ALA C 49 -10.66 -20.27 -35.76
N GLY C 50 -10.28 -21.04 -34.73
CA GLY C 50 -8.99 -21.73 -34.72
C GLY C 50 -7.79 -20.84 -34.46
N ALA C 51 -8.01 -19.63 -33.97
CA ALA C 51 -6.95 -18.66 -33.83
C ALA C 51 -6.21 -18.66 -32.46
N LEU C 52 -6.50 -19.61 -31.58
CA LEU C 52 -5.91 -19.56 -30.23
C LEU C 52 -5.28 -20.84 -29.77
N SER C 53 -3.97 -20.90 -29.87
CA SER C 53 -3.21 -22.14 -29.63
C SER C 53 -3.20 -22.65 -28.21
N PHE C 54 -3.52 -21.77 -27.23
CA PHE C 54 -3.52 -22.10 -25.76
C PHE C 54 -4.77 -22.83 -25.24
N THR C 55 -5.84 -22.80 -26.04
CA THR C 55 -7.11 -23.44 -25.65
C THR C 55 -7.05 -24.96 -25.84
N TYR C 56 -7.81 -25.69 -25.02
CA TYR C 56 -7.82 -27.13 -25.06
C TYR C 56 -9.05 -27.78 -24.42
N ASN C 57 -9.38 -28.99 -24.89
CA ASN C 57 -10.58 -29.70 -24.44
C ASN C 57 -10.23 -30.31 -23.11
N PRO C 58 -11.20 -30.54 -22.21
CA PRO C 58 -10.82 -31.16 -20.93
C PRO C 58 -10.16 -32.55 -21.13
N GLU C 59 -9.46 -33.07 -20.11
CA GLU C 59 -8.68 -34.28 -20.29
C GLU C 59 -9.58 -35.44 -20.69
N GLY C 60 -9.22 -36.06 -21.81
CA GLY C 60 -9.86 -37.26 -22.31
C GLY C 60 -11.18 -36.97 -23.00
N GLU C 61 -11.25 -35.85 -23.70
CA GLU C 61 -12.49 -35.51 -24.37
C GLU C 61 -12.11 -34.89 -25.67
N ASN C 62 -13.05 -34.85 -26.60
CA ASN C 62 -12.78 -34.47 -27.97
C ASN C 62 -13.56 -33.22 -28.37
N PHE C 63 -14.26 -32.62 -27.40
CA PHE C 63 -14.89 -31.28 -27.61
C PHE C 63 -14.78 -30.35 -26.34
N LEU C 64 -15.05 -29.07 -26.54
CA LEU C 64 -15.13 -28.12 -25.42
C LEU C 64 -16.44 -27.35 -25.48
N VAL C 65 -17.26 -27.50 -24.43
CA VAL C 65 -18.43 -26.58 -24.32
C VAL C 65 -17.93 -25.13 -24.22
N LEU C 66 -18.20 -24.32 -25.24
CA LEU C 66 -17.93 -22.92 -25.21
C LEU C 66 -18.78 -22.14 -24.17
N GLY C 67 -18.46 -20.86 -24.00
CA GLY C 67 -19.20 -19.96 -23.16
C GLY C 67 -18.59 -19.70 -21.81
N HIS C 68 -18.17 -18.46 -21.57
CA HIS C 68 -17.67 -18.14 -20.20
C HIS C 68 -18.34 -16.95 -19.50
N GLU C 69 -18.99 -16.06 -20.26
CA GLU C 69 -19.77 -14.94 -19.71
C GLU C 69 -21.23 -15.32 -19.42
N ALA C 70 -21.42 -16.06 -18.34
CA ALA C 70 -22.66 -16.72 -17.97
C ALA C 70 -23.51 -16.08 -16.84
N LEU C 71 -24.84 -16.12 -17.03
CA LEU C 71 -25.82 -15.94 -15.97
C LEU C 71 -26.62 -17.24 -15.95
N LEU C 72 -26.64 -17.90 -14.79
CA LEU C 72 -27.10 -19.22 -14.56
C LEU C 72 -28.12 -19.19 -13.41
N GLN C 73 -28.87 -20.29 -13.27
CA GLN C 73 -29.87 -20.40 -12.19
C GLN C 73 -29.68 -21.70 -11.49
N VAL C 74 -29.84 -21.68 -10.19
CA VAL C 74 -29.56 -22.84 -9.39
C VAL C 74 -30.82 -23.76 -9.40
N LEU C 75 -30.66 -24.95 -9.99
CA LEU C 75 -31.70 -26.01 -9.98
C LEU C 75 -31.63 -26.77 -8.69
N ASP C 76 -30.43 -27.19 -8.30
CA ASP C 76 -30.25 -27.95 -7.06
C ASP C 76 -28.93 -27.52 -6.40
N VAL C 77 -28.92 -27.62 -5.07
CA VAL C 77 -27.75 -27.24 -4.31
C VAL C 77 -27.66 -27.83 -2.90
N SER C 78 -26.51 -28.42 -2.61
CA SER C 78 -26.17 -28.85 -1.28
C SER C 78 -26.36 -27.74 -0.22
N ASP C 79 -26.47 -28.17 1.04
CA ASP C 79 -26.75 -27.30 2.22
C ASP C 79 -25.73 -26.21 2.56
N ASN C 80 -26.17 -24.95 2.50
CA ASN C 80 -25.27 -23.81 2.74
C ASN C 80 -26.03 -22.51 3.01
N ASN C 81 -25.30 -21.56 3.57
CA ASN C 81 -25.88 -20.33 4.09
C ASN C 81 -26.07 -19.21 3.05
N TYR C 82 -25.81 -19.48 1.78
CA TYR C 82 -25.66 -18.39 0.78
C TYR C 82 -26.51 -18.57 -0.46
N ILE C 83 -26.64 -19.79 -0.99
CA ILE C 83 -27.45 -19.97 -2.20
C ILE C 83 -28.45 -21.11 -2.09
N LYS C 84 -29.61 -20.94 -2.71
CA LYS C 84 -30.68 -21.93 -2.70
C LYS C 84 -31.25 -22.10 -4.07
N ARG C 85 -32.16 -23.04 -4.26
CA ARG C 85 -32.76 -23.27 -5.57
C ARG C 85 -33.38 -22.01 -6.09
N GLY C 86 -33.16 -21.72 -7.35
CA GLY C 86 -33.81 -20.62 -8.02
C GLY C 86 -33.10 -19.30 -7.93
N ASP C 87 -32.11 -19.23 -7.06
CA ASP C 87 -31.13 -18.15 -7.02
C ASP C 87 -30.40 -18.10 -8.36
N PHE C 88 -30.25 -16.90 -8.90
CA PHE C 88 -29.40 -16.66 -10.04
C PHE C 88 -27.94 -16.40 -9.58
N VAL C 89 -26.97 -16.91 -10.35
CA VAL C 89 -25.57 -16.73 -10.01
C VAL C 89 -24.73 -16.46 -11.25
N VAL C 90 -23.57 -15.82 -11.03
CA VAL C 90 -22.53 -15.68 -12.04
C VAL C 90 -21.39 -16.65 -11.62
N PRO C 91 -21.02 -17.56 -12.54
CA PRO C 91 -20.02 -18.55 -12.21
C PRO C 91 -18.59 -17.97 -12.45
N LEU C 92 -17.64 -18.37 -11.64
CA LEU C 92 -16.24 -17.95 -11.85
C LEU C 92 -15.74 -18.51 -13.20
N VAL C 93 -15.08 -17.66 -14.03
CA VAL C 93 -14.38 -18.16 -15.24
C VAL C 93 -13.08 -18.94 -14.92
N ARG C 94 -12.10 -18.24 -14.37
CA ARG C 94 -10.87 -18.84 -13.96
C ARG C 94 -10.98 -19.52 -12.62
N ARG C 95 -10.44 -20.71 -12.54
CA ARG C 95 -10.39 -21.45 -11.30
C ARG C 95 -8.96 -21.72 -10.89
N PRO C 96 -8.73 -21.75 -9.51
CA PRO C 96 -7.31 -21.83 -9.14
C PRO C 96 -6.57 -23.17 -9.18
N GLY C 97 -5.27 -23.10 -9.45
CA GLY C 97 -4.34 -24.16 -9.23
C GLY C 97 -3.81 -24.09 -7.84
N LYS C 98 -2.48 -24.25 -7.69
CA LYS C 98 -1.83 -24.47 -6.38
C LYS C 98 -0.78 -23.38 -6.02
N CYS C 99 -0.51 -22.48 -6.97
CA CYS C 99 0.46 -21.40 -6.83
C CYS C 99 0.08 -20.36 -5.78
N VAL C 100 1.11 -19.75 -5.19
CA VAL C 100 0.96 -18.84 -4.04
C VAL C 100 -0.24 -17.85 -4.28
N ASN C 101 -0.45 -17.43 -5.51
CA ASN C 101 -1.58 -16.59 -5.81
C ASN C 101 -2.93 -17.39 -5.88
N CYS C 102 -2.88 -18.53 -6.56
CA CYS C 102 -4.08 -19.32 -6.77
C CYS C 102 -4.67 -19.72 -5.42
N ARG C 103 -3.82 -20.05 -4.46
CA ARG C 103 -4.30 -20.61 -3.18
C ARG C 103 -4.95 -19.62 -2.18
N ILE C 104 -4.83 -18.33 -2.45
CA ILE C 104 -5.59 -17.31 -1.71
C ILE C 104 -6.74 -16.70 -2.54
N GLY C 105 -7.04 -17.33 -3.69
CA GLY C 105 -8.18 -16.94 -4.49
C GLY C 105 -7.87 -15.81 -5.43
N ARG C 106 -6.61 -15.72 -5.84
CA ARG C 106 -6.23 -14.73 -6.83
C ARG C 106 -5.59 -15.42 -8.02
N GLN C 107 -6.24 -16.52 -8.43
CA GLN C 107 -5.89 -17.18 -9.67
C GLN C 107 -5.79 -16.19 -10.82
N ASP C 108 -6.48 -15.06 -10.76
CA ASP C 108 -6.24 -14.02 -11.77
C ASP C 108 -4.77 -13.53 -11.83
N ASN C 109 -4.02 -13.68 -10.77
CA ASN C 109 -2.60 -13.33 -10.83
C ASN C 109 -1.78 -14.63 -10.71
N CYS C 110 -2.17 -15.72 -11.39
CA CYS C 110 -1.50 -17.02 -11.23
C CYS C 110 -0.04 -16.72 -11.48
N SER C 111 0.83 -17.34 -10.68
CA SER C 111 2.28 -17.06 -10.90
C SER C 111 2.84 -18.03 -11.98
N ILE C 112 2.08 -19.07 -12.33
CA ILE C 112 2.55 -20.15 -13.24
C ILE C 112 1.91 -20.07 -14.62
N GLY C 113 0.65 -19.65 -14.66
CA GLY C 113 -0.16 -19.71 -15.85
C GLY C 113 -0.69 -21.14 -16.02
N ASP C 114 -0.97 -21.50 -17.28
CA ASP C 114 -1.45 -22.86 -17.63
C ASP C 114 -0.27 -23.78 -17.36
N PRO C 115 -0.48 -24.94 -16.73
CA PRO C 115 -1.74 -25.60 -16.34
C PRO C 115 -2.14 -25.51 -14.86
N ASP C 116 -1.54 -24.60 -14.09
CA ASP C 116 -2.00 -24.34 -12.72
C ASP C 116 -3.47 -23.81 -12.78
N LYS C 117 -3.72 -22.64 -13.36
CA LYS C 117 -5.11 -22.16 -13.47
C LYS C 117 -5.81 -22.83 -14.64
N HIS C 118 -7.14 -22.86 -14.60
CA HIS C 118 -7.98 -23.26 -15.77
C HIS C 118 -9.19 -22.38 -15.89
N GLU C 119 -9.59 -22.14 -17.14
CA GLU C 119 -10.75 -21.33 -17.48
C GLU C 119 -11.90 -22.10 -18.18
N ALA C 120 -13.08 -21.89 -17.65
CA ALA C 120 -14.29 -22.46 -18.16
C ALA C 120 -14.52 -21.96 -19.57
N GLY C 121 -14.71 -22.90 -20.49
CA GLY C 121 -14.93 -22.58 -21.88
C GLY C 121 -13.71 -22.25 -22.67
N ILE C 122 -12.55 -22.34 -22.05
CA ILE C 122 -11.33 -21.93 -22.68
C ILE C 122 -10.18 -22.93 -22.60
N THR C 123 -9.81 -23.32 -21.39
CA THR C 123 -8.62 -24.13 -21.12
C THR C 123 -8.89 -25.31 -20.23
N GLY C 124 -9.39 -26.37 -20.83
CA GLY C 124 -9.46 -27.67 -20.15
C GLY C 124 -10.63 -27.87 -19.25
N LEU C 125 -11.61 -26.99 -19.40
CA LEU C 125 -12.80 -27.05 -18.52
C LEU C 125 -14.03 -26.59 -19.34
N HIS C 126 -15.11 -27.36 -19.26
CA HIS C 126 -16.29 -27.07 -20.06
C HIS C 126 -16.95 -25.80 -19.65
N GLY C 127 -17.35 -25.06 -20.65
CA GLY C 127 -18.07 -23.83 -20.47
C GLY C 127 -19.51 -24.06 -20.03
N PHE C 128 -20.30 -23.02 -20.32
CA PHE C 128 -21.63 -22.86 -19.73
C PHE C 128 -22.78 -22.94 -20.76
N MET C 129 -22.47 -22.95 -22.06
CA MET C 129 -23.53 -23.10 -23.07
C MET C 129 -23.93 -24.60 -23.18
N ARG C 130 -24.64 -25.08 -22.17
CA ARG C 130 -25.15 -26.43 -22.11
C ARG C 130 -26.32 -26.50 -21.09
N ASP C 131 -27.19 -27.51 -21.18
CA ASP C 131 -28.49 -27.48 -20.47
C ASP C 131 -28.32 -27.65 -18.99
N VAL C 132 -27.34 -28.47 -18.62
CA VAL C 132 -27.04 -28.72 -17.21
C VAL C 132 -25.53 -28.42 -16.96
N ILE C 133 -25.22 -27.96 -15.73
CA ILE C 133 -23.85 -27.56 -15.29
C ILE C 133 -23.71 -27.94 -13.84
N TYR C 134 -22.63 -28.59 -13.49
CA TYR C 134 -22.35 -28.95 -12.11
C TYR C 134 -21.12 -28.13 -11.63
N ASP C 135 -21.14 -27.67 -10.39
CA ASP C 135 -20.13 -26.83 -9.84
C ASP C 135 -20.08 -26.80 -8.32
N ASP C 136 -19.03 -26.17 -7.77
CA ASP C 136 -18.95 -25.95 -6.36
C ASP C 136 -19.44 -24.55 -6.08
N ILE C 137 -20.12 -24.44 -4.93
CA ILE C 137 -20.73 -23.23 -4.44
C ILE C 137 -19.69 -22.11 -4.41
N GLN C 138 -18.48 -22.39 -3.90
CA GLN C 138 -17.43 -21.35 -3.80
C GLN C 138 -17.17 -20.67 -5.12
N ASN C 139 -17.50 -21.32 -6.25
CA ASN C 139 -17.26 -20.75 -7.58
C ASN C 139 -18.38 -19.99 -8.16
N LEU C 140 -19.33 -19.67 -7.32
CA LEU C 140 -20.57 -19.02 -7.80
C LEU C 140 -20.75 -17.73 -7.04
N VAL C 141 -21.10 -16.67 -7.75
CA VAL C 141 -21.33 -15.37 -7.12
C VAL C 141 -22.83 -15.05 -7.21
N LYS C 142 -23.45 -14.85 -6.06
CA LYS C 142 -24.90 -14.65 -6.05
C LYS C 142 -25.34 -13.28 -6.56
N VAL C 143 -26.31 -13.29 -7.48
CA VAL C 143 -26.98 -12.05 -7.87
C VAL C 143 -28.02 -11.69 -6.79
N ASN C 144 -27.83 -10.55 -6.10
CA ASN C 144 -28.68 -10.15 -4.97
C ASN C 144 -29.75 -9.12 -5.32
N ASP C 145 -29.61 -8.45 -6.46
CA ASP C 145 -30.59 -7.49 -6.97
C ASP C 145 -31.56 -8.20 -7.97
N PRO C 146 -32.85 -8.31 -7.58
CA PRO C 146 -33.78 -9.00 -8.47
C PRO C 146 -34.16 -8.14 -9.68
N ASP C 147 -33.89 -6.85 -9.65
CA ASP C 147 -34.23 -5.98 -10.75
C ASP C 147 -33.35 -6.07 -11.99
N LEU C 148 -32.19 -6.72 -11.86
CA LEU C 148 -31.15 -6.59 -12.90
C LEU C 148 -31.54 -7.47 -14.05
N GLY C 149 -32.11 -8.62 -13.73
CA GLY C 149 -32.32 -9.65 -14.71
C GLY C 149 -31.12 -9.90 -15.64
N LYS C 150 -31.38 -9.78 -16.93
CA LYS C 150 -30.43 -10.11 -17.96
C LYS C 150 -29.16 -9.23 -17.87
N ILE C 151 -29.24 -8.10 -17.18
CA ILE C 151 -28.14 -7.17 -17.10
C ILE C 151 -26.97 -7.86 -16.41
N ALA C 152 -27.25 -8.69 -15.42
CA ALA C 152 -26.24 -9.46 -14.73
C ALA C 152 -25.27 -10.28 -15.61
N VAL C 153 -25.64 -10.55 -16.86
CA VAL C 153 -24.79 -11.30 -17.76
C VAL C 153 -23.50 -10.49 -18.01
N LEU C 154 -23.61 -9.18 -17.82
CA LEU C 154 -22.47 -8.28 -18.00
C LEU C 154 -21.43 -8.32 -16.85
N THR C 155 -21.71 -9.10 -15.83
CA THR C 155 -20.81 -9.26 -14.70
C THR C 155 -19.38 -9.64 -15.15
N GLU C 156 -19.30 -10.68 -16.00
CA GLU C 156 -18.00 -11.23 -16.41
C GLU C 156 -17.17 -10.17 -17.16
N PRO C 157 -17.76 -9.48 -18.13
CA PRO C 157 -16.91 -8.46 -18.77
C PRO C 157 -16.49 -7.33 -17.83
N LEU C 158 -17.36 -6.99 -16.86
CA LEU C 158 -17.13 -5.85 -15.99
C LEU C 158 -16.13 -6.23 -14.90
N LYS C 159 -16.11 -7.46 -14.46
CA LYS C 159 -15.13 -7.79 -13.43
C LYS C 159 -13.68 -7.57 -13.89
N ASN C 160 -13.40 -7.75 -15.16
CA ASN C 160 -12.09 -7.54 -15.68
C ASN C 160 -11.75 -6.06 -15.53
N VAL C 161 -12.75 -5.20 -15.68
CA VAL C 161 -12.57 -3.77 -15.50
C VAL C 161 -12.23 -3.47 -14.03
N MET C 162 -12.92 -4.12 -13.13
CA MET C 162 -12.74 -3.83 -11.76
C MET C 162 -11.28 -4.19 -11.39
N LYS C 163 -10.75 -5.34 -11.90
CA LYS C 163 -9.42 -5.79 -11.46
C LYS C 163 -8.38 -4.81 -12.02
N ALA C 164 -8.62 -4.34 -13.23
CA ALA C 164 -7.77 -3.38 -13.84
C ALA C 164 -7.64 -2.10 -13.03
N PHE C 165 -8.77 -1.66 -12.46
CA PHE C 165 -8.81 -0.43 -11.63
C PHE C 165 -8.17 -0.70 -10.27
N GLU C 166 -8.32 -1.89 -9.77
CA GLU C 166 -7.47 -2.30 -8.62
C GLU C 166 -5.94 -2.14 -8.92
N VAL C 167 -5.52 -2.55 -10.10
CA VAL C 167 -4.14 -2.44 -10.54
C VAL C 167 -3.77 -0.98 -10.69
N PHE C 168 -4.69 -0.20 -11.23
CA PHE C 168 -4.53 1.25 -11.22
C PHE C 168 -4.33 1.80 -9.83
N ASP C 169 -5.14 1.37 -8.89
CA ASP C 169 -5.04 1.84 -7.52
C ASP C 169 -3.71 1.45 -6.83
N VAL C 170 -3.21 0.27 -7.14
CA VAL C 170 -1.99 -0.21 -6.56
C VAL C 170 -0.80 0.60 -7.13
N VAL C 171 -0.73 0.74 -8.45
CA VAL C 171 0.46 1.36 -9.06
C VAL C 171 0.51 2.84 -8.97
N SER C 172 -0.66 3.48 -8.98
CA SER C 172 -0.75 4.94 -8.79
C SER C 172 -0.29 5.36 -7.39
N LYS C 173 -0.08 4.41 -6.47
CA LYS C 173 0.53 4.74 -5.19
C LYS C 173 1.97 5.13 -5.23
N ARG C 174 2.59 5.03 -6.37
CA ARG C 174 3.96 5.41 -6.52
C ARG C 174 4.18 6.93 -6.28
N SER C 175 3.15 7.75 -6.44
CA SER C 175 3.23 9.15 -6.18
C SER C 175 1.90 9.68 -5.79
N ILE C 176 1.82 10.98 -5.57
CA ILE C 176 0.50 11.59 -5.41
C ILE C 176 -0.09 11.84 -6.79
N PHE C 177 -1.15 11.07 -7.08
CA PHE C 177 -1.83 11.12 -8.39
C PHE C 177 -2.94 12.18 -8.35
N GLN C 178 -3.51 12.40 -7.16
CA GLN C 178 -4.67 13.25 -6.98
C GLN C 178 -4.30 14.70 -7.16
N ASN C 179 -5.30 15.57 -7.25
CA ASN C 179 -5.08 17.01 -7.15
C ASN C 179 -4.76 17.34 -5.72
N ASP C 180 -4.27 18.54 -5.53
CA ASP C 180 -3.83 18.97 -4.21
C ASP C 180 -4.98 19.33 -3.33
N ASP C 181 -6.20 19.16 -3.81
CA ASP C 181 -7.38 19.17 -2.97
C ASP C 181 -7.79 17.77 -2.56
N SER C 182 -7.02 16.78 -2.98
CA SER C 182 -7.28 15.36 -2.72
C SER C 182 -8.22 14.59 -3.66
N THR C 183 -8.73 15.23 -4.70
CA THR C 183 -9.76 14.68 -5.54
C THR C 183 -9.22 14.28 -6.88
N PHE C 184 -10.04 13.62 -7.67
CA PHE C 184 -9.67 13.35 -9.07
C PHE C 184 -10.31 14.33 -10.09
N ILE C 185 -10.92 15.42 -9.58
CA ILE C 185 -11.58 16.41 -10.43
C ILE C 185 -10.70 16.96 -11.56
N GLY C 186 -11.14 16.75 -12.80
CA GLY C 186 -10.41 17.21 -13.97
C GLY C 186 -9.31 16.29 -14.46
N LYS C 187 -9.07 15.17 -13.80
CA LYS C 187 -8.05 14.25 -14.32
C LYS C 187 -8.66 13.57 -15.51
N LYS C 188 -7.85 13.37 -16.53
CA LYS C 188 -8.31 12.89 -17.80
C LYS C 188 -8.09 11.39 -17.99
N MET C 189 -9.19 10.68 -18.23
CA MET C 189 -9.11 9.33 -18.65
C MET C 189 -9.43 9.28 -20.14
N VAL C 190 -8.56 8.67 -20.94
CA VAL C 190 -8.87 8.32 -22.29
C VAL C 190 -8.89 6.78 -22.47
N VAL C 191 -9.96 6.26 -23.09
CA VAL C 191 -10.10 4.83 -23.36
C VAL C 191 -10.00 4.54 -24.90
N ILE C 192 -9.02 3.73 -25.30
CA ILE C 192 -8.84 3.42 -26.70
C ILE C 192 -9.86 2.35 -27.04
N GLY C 193 -10.73 2.65 -27.99
CA GLY C 193 -11.83 1.79 -28.37
C GLY C 193 -13.21 2.21 -27.93
N SER C 194 -14.21 1.77 -28.68
CA SER C 194 -15.62 2.09 -28.46
C SER C 194 -16.54 0.90 -28.32
N GLY C 195 -15.98 -0.23 -27.95
CA GLY C 195 -16.69 -1.47 -27.76
C GLY C 195 -17.20 -1.71 -26.38
N SER C 196 -17.58 -2.94 -26.14
CA SER C 196 -18.14 -3.40 -24.88
C SER C 196 -17.27 -3.07 -23.62
N GLU C 197 -16.01 -3.48 -23.70
CA GLU C 197 -15.07 -3.30 -22.61
C GLU C 197 -14.77 -1.81 -22.39
N ALA C 198 -14.58 -1.07 -23.46
CA ALA C 198 -14.38 0.35 -23.36
C ALA C 198 -15.56 1.10 -22.69
N PHE C 199 -16.79 0.64 -22.97
CA PHE C 199 -17.94 1.28 -22.32
C PHE C 199 -17.85 1.11 -20.83
N LEU C 200 -17.63 -0.14 -20.42
CA LEU C 200 -17.52 -0.50 -19.04
C LEU C 200 -16.32 0.22 -18.35
N TYR C 201 -15.15 0.31 -19.01
CA TYR C 201 -14.03 1.17 -18.51
C TYR C 201 -14.52 2.59 -18.25
N SER C 202 -15.19 3.13 -19.23
CA SER C 202 -15.64 4.50 -19.19
C SER C 202 -16.62 4.76 -18.03
N PHE C 203 -17.52 3.84 -17.74
CA PHE C 203 -18.52 4.14 -16.72
C PHE C 203 -17.84 4.08 -15.39
N VAL C 204 -17.01 3.05 -15.19
CA VAL C 204 -16.22 2.98 -13.95
C VAL C 204 -15.34 4.19 -13.81
N GLY C 205 -14.72 4.63 -14.89
CA GLY C 205 -13.88 5.82 -14.81
C GLY C 205 -14.63 7.01 -14.25
N LYS C 206 -15.87 7.12 -14.72
CA LYS C 206 -16.79 8.18 -14.33
C LYS C 206 -17.09 8.11 -12.87
N ASP C 207 -17.39 6.93 -12.38
CA ASP C 207 -17.64 6.76 -10.93
C ASP C 207 -16.44 7.11 -10.06
N ARG C 208 -15.21 6.91 -10.56
CA ARG C 208 -13.99 7.36 -9.85
C ARG C 208 -13.67 8.83 -10.03
N GLY C 209 -14.41 9.56 -10.89
CA GLY C 209 -14.30 11.02 -10.94
C GLY C 209 -13.42 11.55 -12.02
N PHE C 210 -13.01 10.67 -12.93
CA PHE C 210 -12.30 11.18 -14.12
C PHE C 210 -13.23 11.95 -15.09
N ASP C 211 -12.70 12.89 -15.84
CA ASP C 211 -13.25 13.27 -17.15
C ASP C 211 -12.85 12.15 -18.14
N VAL C 212 -13.80 11.48 -18.80
CA VAL C 212 -13.51 10.31 -19.66
C VAL C 212 -13.80 10.62 -21.14
N THR C 213 -12.97 10.10 -22.04
CA THR C 213 -13.18 10.19 -23.45
C THR C 213 -12.86 8.83 -24.03
N MET C 214 -13.84 8.18 -24.69
CA MET C 214 -13.60 7.03 -25.59
C MET C 214 -13.08 7.55 -26.92
N VAL C 215 -12.22 6.81 -27.57
CA VAL C 215 -11.69 7.25 -28.84
C VAL C 215 -11.72 6.10 -29.85
N ASN C 216 -11.97 6.39 -31.12
CA ASN C 216 -11.83 5.36 -32.19
C ASN C 216 -11.34 5.99 -33.48
N ARG C 217 -10.93 5.17 -34.46
CA ARG C 217 -10.40 5.71 -35.73
C ARG C 217 -11.53 5.98 -36.75
N HIS C 218 -12.75 6.18 -36.25
CA HIS C 218 -13.95 6.35 -37.08
C HIS C 218 -15.02 6.90 -36.15
N ASP C 219 -16.08 7.47 -36.72
CA ASP C 219 -17.14 8.08 -35.95
C ASP C 219 -17.95 6.98 -35.36
N GLU C 220 -18.85 7.33 -34.45
CA GLU C 220 -19.72 6.33 -33.91
C GLU C 220 -21.19 6.55 -34.20
N THR C 221 -21.98 5.55 -33.87
CA THR C 221 -23.36 5.52 -34.19
C THR C 221 -24.11 6.41 -33.22
N GLU C 222 -25.16 7.07 -33.70
CA GLU C 222 -25.97 7.92 -32.84
C GLU C 222 -26.38 7.13 -31.58
N ASN C 223 -26.60 5.82 -31.73
CA ASN C 223 -26.93 4.97 -30.60
C ASN C 223 -25.81 5.08 -29.51
N LYS C 224 -24.60 4.66 -29.86
CA LYS C 224 -23.46 4.72 -28.92
C LYS C 224 -23.28 6.13 -28.36
N MET C 225 -23.27 7.12 -29.24
CA MET C 225 -23.14 8.54 -28.83
C MET C 225 -24.11 8.93 -27.70
N LYS C 226 -25.34 8.45 -27.78
CA LYS C 226 -26.35 8.82 -26.79
C LYS C 226 -26.06 8.12 -25.49
N MET C 227 -25.74 6.84 -25.56
CA MET C 227 -25.30 6.10 -24.39
C MET C 227 -24.14 6.79 -23.62
N MET C 228 -23.12 7.23 -24.34
CA MET C 228 -22.00 7.95 -23.77
C MET C 228 -22.44 9.30 -23.13
N ASP C 229 -23.22 10.07 -23.89
CA ASP C 229 -23.81 11.35 -23.47
C ASP C 229 -24.58 11.19 -22.17
N ASP C 230 -25.40 10.15 -22.11
CA ASP C 230 -26.08 9.82 -20.90
C ASP C 230 -25.14 9.63 -19.66
N PHE C 231 -23.91 9.09 -19.86
CA PHE C 231 -23.02 8.85 -18.71
C PHE C 231 -22.05 9.99 -18.47
N GLY C 232 -22.03 10.95 -19.39
CA GLY C 232 -21.15 12.07 -19.25
C GLY C 232 -19.78 11.73 -19.81
N VAL C 233 -19.77 10.82 -20.77
CA VAL C 233 -18.58 10.38 -21.44
C VAL C 233 -18.46 10.99 -22.79
N GLY C 234 -17.35 11.63 -23.05
CA GLY C 234 -17.05 12.18 -24.33
C GLY C 234 -16.60 11.15 -25.34
N PHE C 235 -16.61 11.56 -26.61
CA PHE C 235 -16.07 10.73 -27.65
C PHE C 235 -15.26 11.56 -28.57
N SER C 236 -14.23 10.96 -29.13
CA SER C 236 -13.42 11.63 -30.16
C SER C 236 -12.88 10.64 -31.18
N ASN C 237 -12.94 11.08 -32.45
CA ASN C 237 -12.32 10.38 -33.57
C ASN C 237 -10.95 10.94 -33.57
N TYR C 238 -9.93 10.10 -33.38
CA TYR C 238 -8.57 10.65 -33.21
C TYR C 238 -7.95 11.09 -34.54
N LEU C 239 -8.52 10.64 -35.67
CA LEU C 239 -8.07 11.16 -36.96
C LEU C 239 -8.57 12.59 -37.14
N LYS C 240 -9.61 12.97 -36.41
CA LYS C 240 -10.15 14.34 -36.39
C LYS C 240 -9.65 15.19 -35.20
N ASP C 241 -9.72 14.66 -33.98
CA ASP C 241 -9.24 15.39 -32.81
C ASP C 241 -8.55 14.47 -31.79
N MET C 242 -7.26 14.69 -31.61
CA MET C 242 -6.38 13.90 -30.77
C MET C 242 -6.42 14.46 -29.36
N PRO C 243 -6.89 13.64 -28.41
CA PRO C 243 -6.73 14.09 -27.04
C PRO C 243 -5.25 14.17 -26.68
N ASP C 244 -4.89 15.17 -25.87
CA ASP C 244 -3.63 15.12 -25.16
C ASP C 244 -3.81 15.35 -23.62
N LYS C 245 -2.69 15.42 -22.92
CA LYS C 245 -2.65 15.69 -21.52
C LYS C 245 -3.43 14.63 -20.73
N ILE C 246 -3.04 13.37 -20.97
CA ILE C 246 -3.76 12.23 -20.45
C ILE C 246 -3.14 11.71 -19.15
N ASP C 247 -4.00 11.50 -18.15
CA ASP C 247 -3.59 10.97 -16.85
C ASP C 247 -3.71 9.44 -16.70
N LEU C 248 -4.78 8.88 -17.26
CA LEU C 248 -5.08 7.46 -17.25
C LEU C 248 -5.45 7.07 -18.70
N LEU C 249 -4.64 6.20 -19.30
CA LEU C 249 -4.85 5.70 -20.63
C LEU C 249 -5.19 4.20 -20.47
N VAL C 250 -6.32 3.75 -21.04
CA VAL C 250 -6.68 2.35 -21.07
C VAL C 250 -6.83 1.85 -22.51
N ASP C 251 -6.09 0.81 -22.89
CA ASP C 251 -6.24 0.26 -24.22
C ASP C 251 -7.09 -0.96 -24.28
N THR C 252 -8.14 -0.94 -25.11
CA THR C 252 -8.92 -2.15 -25.43
C THR C 252 -8.66 -2.65 -26.87
N SER C 253 -7.89 -1.90 -27.66
CA SER C 253 -7.63 -2.26 -29.06
C SER C 253 -6.58 -3.35 -29.23
N GLY C 254 -5.58 -3.39 -28.38
CA GLY C 254 -4.48 -4.30 -28.61
C GLY C 254 -3.58 -3.84 -29.73
N ASP C 255 -3.79 -2.64 -30.24
CA ASP C 255 -2.98 -2.19 -31.35
C ASP C 255 -1.80 -1.30 -30.98
N PRO C 256 -0.55 -1.76 -31.27
CA PRO C 256 0.62 -1.03 -30.81
C PRO C 256 0.75 0.36 -31.29
N SER C 257 0.50 0.58 -32.58
CA SER C 257 0.67 1.91 -33.17
C SER C 257 -0.22 2.84 -32.40
N THR C 258 -1.43 2.41 -32.12
CA THR C 258 -2.38 3.26 -31.45
C THR C 258 -1.94 3.49 -29.98
N ILE C 259 -1.49 2.44 -29.32
CA ILE C 259 -1.05 2.54 -27.95
C ILE C 259 0.04 3.57 -27.77
N PHE C 260 1.11 3.44 -28.53
CA PHE C 260 2.24 4.31 -28.40
C PHE C 260 1.97 5.72 -28.86
N LYS C 261 1.03 5.94 -29.77
CA LYS C 261 0.77 7.34 -30.15
C LYS C 261 0.11 8.00 -28.93
N PHE C 262 -0.81 7.28 -28.29
CA PHE C 262 -1.44 7.83 -27.08
C PHE C 262 -0.51 7.92 -25.83
N VAL C 263 0.39 6.96 -25.65
CA VAL C 263 1.39 7.04 -24.57
C VAL C 263 2.19 8.36 -24.64
N LYS C 264 2.51 8.83 -25.85
CA LYS C 264 3.24 10.07 -26.03
C LYS C 264 2.40 11.30 -25.72
N LYS C 265 1.12 11.10 -25.38
CA LYS C 265 0.34 12.13 -24.77
C LYS C 265 0.14 12.00 -23.24
N VAL C 266 0.75 10.97 -22.61
CA VAL C 266 0.51 10.76 -21.19
C VAL C 266 1.29 11.76 -20.35
N ASN C 267 0.61 12.31 -19.33
CA ASN C 267 1.28 13.20 -18.36
C ASN C 267 2.26 12.52 -17.38
N ASN C 268 2.97 13.35 -16.65
CA ASN C 268 3.79 12.90 -15.57
C ASN C 268 2.95 12.12 -14.60
N ASN C 269 3.56 11.02 -14.12
CA ASN C 269 2.94 10.10 -13.17
C ASN C 269 1.73 9.43 -13.74
N GLY C 270 1.61 9.42 -15.07
CA GLY C 270 0.42 8.84 -15.72
C GLY C 270 0.49 7.31 -15.68
N VAL C 271 -0.65 6.68 -15.83
CA VAL C 271 -0.78 5.24 -15.86
C VAL C 271 -1.48 4.76 -17.13
N VAL C 272 -0.89 3.73 -17.77
CA VAL C 272 -1.35 3.10 -18.96
C VAL C 272 -1.75 1.66 -18.61
N ILE C 273 -3.01 1.32 -18.84
CA ILE C 273 -3.48 -0.01 -18.65
C ILE C 273 -3.64 -0.70 -20.04
N LEU C 274 -3.00 -1.84 -20.20
CA LEU C 274 -3.07 -2.57 -21.42
C LEU C 274 -3.99 -3.72 -21.13
N PHE C 275 -5.03 -3.83 -21.93
CA PHE C 275 -6.05 -4.80 -21.68
C PHE C 275 -6.36 -5.61 -22.90
N GLY C 276 -6.29 -4.96 -24.04
CA GLY C 276 -6.65 -5.55 -25.29
C GLY C 276 -5.71 -6.53 -25.94
N PHE C 277 -6.27 -7.59 -26.49
CA PHE C 277 -5.51 -8.58 -27.23
C PHE C 277 -5.75 -8.34 -28.71
N ASN C 278 -4.71 -8.22 -29.49
CA ASN C 278 -4.85 -8.38 -30.92
C ASN C 278 -3.55 -8.95 -31.48
N GLY C 279 -3.39 -10.27 -31.42
CA GLY C 279 -2.17 -10.92 -31.94
C GLY C 279 -1.88 -10.62 -33.42
N LYS C 280 -2.91 -10.40 -34.19
CA LYS C 280 -2.70 -9.99 -35.57
C LYS C 280 -2.13 -8.55 -35.72
N ALA C 281 -2.23 -7.71 -34.68
CA ALA C 281 -1.89 -6.29 -34.84
C ALA C 281 -0.44 -6.02 -35.32
N PRO C 282 -0.25 -5.09 -36.27
CA PRO C 282 1.07 -4.86 -36.83
C PRO C 282 2.08 -4.15 -35.92
N GLY C 283 3.34 -4.40 -36.22
CA GLY C 283 4.47 -3.87 -35.48
C GLY C 283 4.50 -2.36 -35.54
N TYR C 284 4.83 -1.72 -34.42
CA TYR C 284 5.02 -0.29 -34.47
C TYR C 284 6.37 -0.02 -33.89
N PRO C 285 7.20 0.81 -34.57
CA PRO C 285 8.58 0.89 -34.08
C PRO C 285 8.69 1.82 -32.85
N VAL C 286 9.12 1.26 -31.73
CA VAL C 286 9.39 2.04 -30.53
C VAL C 286 10.87 2.41 -30.45
N ASN C 287 11.13 3.70 -30.46
CA ASN C 287 12.49 4.23 -30.52
C ASN C 287 12.92 4.77 -29.15
N GLY C 288 14.19 5.12 -29.07
CA GLY C 288 14.83 5.51 -27.85
C GLY C 288 14.19 6.71 -27.19
N GLU C 289 13.56 7.54 -28.01
CA GLU C 289 12.89 8.74 -27.54
C GLU C 289 11.58 8.34 -26.93
N ASP C 290 11.00 7.26 -27.42
CA ASP C 290 9.77 6.74 -26.83
C ASP C 290 10.06 6.19 -25.42
N ILE C 291 11.17 5.48 -25.28
CA ILE C 291 11.56 4.98 -23.98
C ILE C 291 11.83 6.13 -23.01
N ASP C 292 12.67 7.07 -23.43
CA ASP C 292 12.96 8.29 -22.64
C ASP C 292 11.71 9.05 -22.13
N TYR C 293 10.71 9.20 -22.99
CA TYR C 293 9.40 9.81 -22.67
C TYR C 293 8.74 9.13 -21.43
N ILE C 294 8.77 7.82 -21.39
CA ILE C 294 8.23 7.01 -20.27
C ILE C 294 9.05 7.21 -19.00
N VAL C 295 10.36 7.07 -19.15
CA VAL C 295 11.29 7.21 -18.00
C VAL C 295 11.16 8.57 -17.35
N GLU C 296 11.37 9.64 -18.14
CA GLU C 296 11.38 10.99 -17.60
C GLU C 296 10.06 11.37 -16.93
N ARG C 297 8.96 10.73 -17.31
CA ARG C 297 7.70 11.03 -16.71
C ARG C 297 7.24 10.09 -15.61
N ASN C 298 8.06 9.13 -15.21
CA ASN C 298 7.65 8.17 -14.21
C ASN C 298 6.28 7.57 -14.54
N ILE C 299 6.08 7.26 -15.82
CA ILE C 299 4.91 6.54 -16.34
C ILE C 299 4.97 5.03 -16.03
N THR C 300 3.82 4.44 -15.69
CA THR C 300 3.66 3.01 -15.48
C THR C 300 2.69 2.41 -16.54
N ILE C 301 3.17 1.38 -17.24
CA ILE C 301 2.40 0.65 -18.23
C ILE C 301 2.12 -0.72 -17.60
N ALA C 302 0.86 -1.01 -17.34
CA ALA C 302 0.50 -2.21 -16.65
C ALA C 302 -0.46 -3.08 -17.45
N GLY C 303 -0.09 -4.34 -17.65
CA GLY C 303 -0.99 -5.25 -18.30
C GLY C 303 -1.86 -5.91 -17.27
N SER C 304 -3.13 -6.10 -17.60
CA SER C 304 -4.12 -6.68 -16.68
C SER C 304 -4.97 -7.68 -17.41
N VAL C 305 -5.16 -8.84 -16.80
CA VAL C 305 -6.00 -9.87 -17.34
C VAL C 305 -6.81 -10.52 -16.24
N ASP C 306 -8.07 -10.88 -16.57
CA ASP C 306 -8.99 -11.56 -15.66
C ASP C 306 -9.29 -10.76 -14.36
N ALA C 307 -9.82 -11.43 -13.34
CA ALA C 307 -10.15 -10.86 -12.05
C ALA C 307 -10.52 -11.96 -11.05
N ALA C 308 -10.47 -11.59 -9.78
CA ALA C 308 -10.86 -12.42 -8.68
C ALA C 308 -12.35 -12.36 -8.38
N LYS C 309 -12.80 -13.34 -7.62
CA LYS C 309 -14.17 -13.37 -7.16
C LYS C 309 -14.69 -12.02 -6.65
N ILE C 310 -13.87 -11.36 -5.81
CA ILE C 310 -14.30 -10.14 -5.18
C ILE C 310 -14.69 -9.13 -6.25
N HIS C 311 -14.01 -9.16 -7.37
CA HIS C 311 -14.31 -8.21 -8.45
C HIS C 311 -15.63 -8.54 -9.21
N TYR C 312 -16.09 -9.79 -9.09
CA TYR C 312 -17.38 -10.19 -9.66
C TYR C 312 -18.46 -9.51 -8.76
N VAL C 313 -18.28 -9.67 -7.44
CA VAL C 313 -19.18 -9.02 -6.48
C VAL C 313 -19.23 -7.54 -6.75
N GLN C 314 -18.08 -6.91 -6.99
CA GLN C 314 -18.09 -5.48 -7.23
C GLN C 314 -18.78 -5.13 -8.49
N ALA C 315 -18.61 -5.94 -9.51
CA ALA C 315 -19.24 -5.70 -10.79
C ALA C 315 -20.77 -5.75 -10.69
N LEU C 316 -21.29 -6.72 -9.99
CA LEU C 316 -22.73 -6.81 -9.76
C LEU C 316 -23.26 -5.52 -9.10
N ASP C 317 -22.54 -5.02 -8.09
CA ASP C 317 -22.93 -3.82 -7.35
C ASP C 317 -22.90 -2.62 -8.23
N SER C 318 -21.87 -2.48 -9.04
CA SER C 318 -21.92 -1.37 -9.99
C SER C 318 -23.06 -1.54 -11.03
N LEU C 319 -23.38 -2.79 -11.45
CA LEU C 319 -24.40 -2.97 -12.53
C LEU C 319 -25.74 -2.48 -11.98
N SER C 320 -26.09 -2.89 -10.76
CA SER C 320 -27.19 -2.33 -10.01
C SER C 320 -27.19 -0.81 -9.92
N ASN C 321 -26.13 -0.22 -9.39
CA ASN C 321 -26.13 1.20 -9.25
C ASN C 321 -26.49 1.85 -10.55
N TRP C 322 -25.78 1.46 -11.60
CA TRP C 322 -25.99 2.05 -12.93
C TRP C 322 -27.36 1.77 -13.57
N TYR C 323 -27.96 0.62 -13.27
CA TYR C 323 -29.26 0.24 -13.84
C TYR C 323 -30.41 1.09 -13.25
N HIS C 324 -30.37 1.27 -11.95
CA HIS C 324 -31.23 2.18 -11.27
C HIS C 324 -31.04 3.65 -11.60
N ARG C 325 -29.92 4.06 -12.19
CA ARG C 325 -29.74 5.47 -12.50
C ARG C 325 -29.89 5.78 -13.99
N HIS C 326 -29.62 4.80 -14.83
CA HIS C 326 -29.67 4.98 -16.27
C HIS C 326 -30.14 3.69 -16.99
N PRO C 327 -31.37 3.21 -16.70
CA PRO C 327 -31.77 1.89 -17.21
C PRO C 327 -31.71 1.77 -18.72
N GLN C 328 -32.04 2.82 -19.46
CA GLN C 328 -32.12 2.66 -20.90
C GLN C 328 -30.72 2.41 -21.45
N THR C 329 -29.74 3.14 -20.95
CA THR C 329 -28.37 2.99 -21.44
C THR C 329 -27.79 1.57 -21.15
N ILE C 330 -27.89 1.14 -19.91
CA ILE C 330 -27.41 -0.15 -19.52
C ILE C 330 -28.08 -1.22 -20.35
N LYS C 331 -29.41 -1.22 -20.44
CA LYS C 331 -30.16 -2.19 -21.31
C LYS C 331 -29.67 -2.17 -22.78
N ASP C 332 -29.35 -1.00 -23.29
CA ASP C 332 -28.83 -0.89 -24.64
C ASP C 332 -27.46 -1.56 -24.86
N ILE C 333 -26.79 -1.98 -23.79
CA ILE C 333 -25.46 -2.56 -23.97
C ILE C 333 -25.63 -3.89 -24.68
N ILE C 334 -26.68 -4.61 -24.28
CA ILE C 334 -27.07 -5.88 -24.89
C ILE C 334 -27.83 -5.59 -26.20
N THR C 335 -27.16 -5.78 -27.33
CA THR C 335 -27.67 -5.38 -28.61
C THR C 335 -28.24 -6.46 -29.49
N TYR C 336 -28.19 -7.70 -29.06
CA TYR C 336 -28.91 -8.76 -29.73
C TYR C 336 -29.00 -9.90 -28.81
N GLU C 337 -30.08 -10.65 -28.90
CA GLU C 337 -30.23 -11.86 -28.16
C GLU C 337 -30.41 -12.88 -29.23
N ALA C 338 -29.72 -14.00 -29.09
CA ALA C 338 -29.69 -15.04 -30.05
C ALA C 338 -30.21 -16.29 -29.43
N LYS C 339 -30.67 -17.22 -30.29
CA LYS C 339 -31.05 -18.57 -29.90
C LYS C 339 -29.79 -19.37 -30.08
N PRO C 340 -29.63 -20.51 -29.37
CA PRO C 340 -28.42 -21.31 -29.44
C PRO C 340 -28.15 -21.89 -30.82
N GLU C 341 -29.21 -22.05 -31.62
CA GLU C 341 -29.07 -22.48 -33.01
C GLU C 341 -28.29 -21.46 -33.77
N GLU C 342 -28.43 -20.15 -33.48
CA GLU C 342 -27.81 -19.13 -34.36
C GLU C 342 -26.29 -19.08 -34.27
N THR C 343 -25.63 -20.19 -34.52
CA THR C 343 -24.17 -20.29 -34.33
C THR C 343 -23.33 -19.38 -35.24
N ASN C 344 -23.96 -18.66 -36.16
CA ASN C 344 -23.27 -17.70 -37.02
C ASN C 344 -22.85 -16.39 -36.30
N ILE C 345 -23.34 -16.19 -35.07
CA ILE C 345 -22.85 -15.10 -34.20
C ILE C 345 -21.33 -15.25 -33.91
N PHE C 346 -20.82 -16.45 -33.91
CA PHE C 346 -19.40 -16.68 -33.70
C PHE C 346 -18.46 -16.30 -34.87
N PHE C 347 -19.02 -16.11 -36.07
CA PHE C 347 -18.23 -15.67 -37.24
C PHE C 347 -18.62 -14.29 -37.75
N GLN C 348 -19.73 -13.74 -37.25
CA GLN C 348 -20.31 -12.55 -37.85
C GLN C 348 -21.03 -11.76 -36.76
N LYS C 349 -20.93 -10.46 -36.88
CA LYS C 349 -21.36 -9.61 -35.81
C LYS C 349 -22.68 -9.02 -36.17
N PRO C 350 -23.70 -9.25 -35.24
CA PRO C 350 -24.97 -8.59 -35.58
C PRO C 350 -24.76 -7.10 -35.76
N LYS C 351 -25.58 -6.44 -36.57
CA LYS C 351 -25.33 -5.06 -36.92
C LYS C 351 -25.32 -4.12 -35.73
N GLY C 352 -24.33 -3.22 -35.73
CA GLY C 352 -24.13 -2.26 -34.63
C GLY C 352 -23.93 -2.90 -33.26
N GLU C 353 -23.19 -3.99 -33.21
CA GLU C 353 -22.97 -4.75 -31.98
C GLU C 353 -22.22 -4.04 -30.85
N ILE C 354 -22.71 -4.23 -29.63
CA ILE C 354 -21.98 -3.89 -28.44
C ILE C 354 -21.76 -5.18 -27.67
N LYS C 355 -22.80 -5.72 -27.08
CA LYS C 355 -22.71 -7.03 -26.52
C LYS C 355 -23.80 -7.98 -27.04
N THR C 356 -23.42 -9.00 -27.78
CA THR C 356 -24.33 -10.06 -28.16
C THR C 356 -24.40 -11.13 -27.08
N VAL C 357 -25.58 -11.68 -26.87
CA VAL C 357 -25.80 -12.73 -25.90
C VAL C 357 -26.72 -13.80 -26.48
N ILE C 358 -26.73 -14.94 -25.80
CA ILE C 358 -27.47 -16.09 -26.17
C ILE C 358 -28.50 -16.27 -25.07
N LYS C 359 -29.80 -16.21 -25.41
CA LYS C 359 -30.83 -16.61 -24.43
C LYS C 359 -31.00 -18.10 -24.54
N TRP C 360 -30.89 -18.83 -23.43
CA TRP C 360 -31.07 -20.28 -23.42
C TRP C 360 -32.50 -20.60 -22.95
N PRO C 361 -33.10 -21.67 -23.47
CA PRO C 361 -34.25 -22.26 -22.74
C PRO C 361 -34.19 -23.77 -22.72
N SER D 2 -23.76 44.79 7.02
CA SER D 2 -24.98 44.00 6.72
C SER D 2 -25.45 43.18 7.93
N THR D 3 -26.72 43.35 8.27
CA THR D 3 -27.34 42.59 9.33
C THR D 3 -27.82 41.29 8.68
N ILE D 4 -27.74 40.18 9.44
CA ILE D 4 -28.27 38.86 9.00
C ILE D 4 -28.71 38.04 10.21
N ASN D 5 -29.70 37.16 10.00
CA ASN D 5 -30.16 36.23 11.04
C ASN D 5 -29.23 35.03 11.10
N ALA D 6 -28.78 34.69 12.30
CA ALA D 6 -27.76 33.68 12.42
C ALA D 6 -27.79 33.05 13.78
N ILE D 7 -27.71 31.73 13.86
CA ILE D 7 -27.61 31.13 15.18
C ILE D 7 -26.13 30.97 15.58
N VAL D 8 -25.83 31.47 16.78
CA VAL D 8 -24.45 31.56 17.26
C VAL D 8 -24.38 31.11 18.72
N THR D 9 -23.17 31.15 19.26
CA THR D 9 -22.86 30.74 20.61
C THR D 9 -21.60 31.48 20.99
N ASP D 10 -21.05 31.17 22.15
CA ASP D 10 -19.83 31.78 22.63
C ASP D 10 -19.00 30.62 23.14
N ALA D 11 -18.26 29.99 22.24
CA ALA D 11 -17.40 28.88 22.62
C ALA D 11 -16.13 29.43 23.28
N PRO D 12 -15.55 28.70 24.22
CA PRO D 12 -15.94 27.38 24.74
C PRO D 12 -17.09 27.33 25.77
N LYS D 13 -17.59 28.49 26.20
CA LYS D 13 -18.62 28.56 27.27
C LYS D 13 -20.00 28.09 26.80
N GLY D 14 -20.50 28.73 25.74
CA GLY D 14 -21.68 28.23 25.04
C GLY D 14 -23.05 28.59 25.60
N GLY D 15 -24.08 28.09 24.92
CA GLY D 15 -25.44 28.57 25.06
C GLY D 15 -25.81 29.11 23.69
N VAL D 16 -27.07 28.95 23.26
CA VAL D 16 -27.49 29.38 21.92
C VAL D 16 -28.51 30.52 21.92
N LYS D 17 -28.41 31.40 20.94
CA LYS D 17 -29.48 32.34 20.61
C LYS D 17 -29.53 32.58 19.11
N TYR D 18 -30.74 32.64 18.59
CA TYR D 18 -31.05 32.84 17.18
C TYR D 18 -31.13 34.32 16.85
N THR D 19 -30.01 35.01 16.91
CA THR D 19 -29.96 36.45 16.76
C THR D 19 -29.84 36.94 15.31
N LYS D 20 -29.37 38.18 15.23
CA LYS D 20 -28.87 38.83 14.04
C LYS D 20 -27.50 39.37 14.43
N ILE D 21 -26.65 39.62 13.45
CA ILE D 21 -25.26 40.04 13.71
C ILE D 21 -24.64 40.83 12.56
N ASP D 22 -23.50 41.45 12.86
CA ASP D 22 -22.74 42.18 11.84
C ASP D 22 -21.77 41.22 11.12
N MET D 23 -22.12 40.92 9.87
CA MET D 23 -21.27 40.19 8.94
C MET D 23 -21.06 41.06 7.69
N PRO D 24 -19.92 41.79 7.63
CA PRO D 24 -19.60 42.60 6.45
C PRO D 24 -19.06 41.75 5.30
N GLU D 25 -19.32 42.17 4.07
CA GLU D 25 -18.89 41.42 2.88
C GLU D 25 -17.35 41.47 2.72
N PRO D 26 -16.63 40.36 3.08
CA PRO D 26 -15.17 40.48 3.06
C PRO D 26 -14.60 40.72 1.64
N GLU D 27 -13.34 41.15 1.59
CA GLU D 27 -12.74 41.66 0.35
C GLU D 27 -12.65 40.60 -0.76
N LYS D 28 -11.83 39.57 -0.57
CA LYS D 28 -11.58 38.54 -1.58
C LYS D 28 -12.40 37.27 -1.27
N TYR D 29 -13.25 36.88 -2.22
CA TYR D 29 -14.25 35.84 -2.03
C TYR D 29 -14.68 35.41 -3.44
N GLU D 30 -15.02 34.16 -3.62
CA GLU D 30 -15.44 33.70 -4.93
C GLU D 30 -16.92 33.28 -4.96
N ALA D 31 -17.56 33.17 -3.79
CA ALA D 31 -18.93 32.70 -3.76
C ALA D 31 -19.69 33.16 -2.54
N LYS D 32 -20.99 33.35 -2.74
CA LYS D 32 -21.90 33.93 -1.77
C LYS D 32 -22.97 32.88 -1.69
N LEU D 33 -23.25 32.41 -0.50
CA LEU D 33 -24.16 31.29 -0.38
C LEU D 33 -25.13 31.55 0.72
N LYS D 34 -26.21 30.77 0.70
CA LYS D 34 -27.07 30.70 1.85
C LYS D 34 -27.35 29.23 2.13
N PRO D 35 -27.65 28.92 3.40
CA PRO D 35 -27.96 27.60 3.85
C PRO D 35 -29.37 27.19 3.47
N VAL D 36 -29.50 26.04 2.84
CA VAL D 36 -30.77 25.40 2.64
C VAL D 36 -31.13 24.57 3.84
N TYR D 37 -30.34 23.51 4.14
CA TYR D 37 -30.54 22.68 5.36
C TYR D 37 -29.23 22.53 6.12
N ILE D 38 -29.31 22.28 7.44
CA ILE D 38 -28.12 22.13 8.29
C ILE D 38 -28.41 21.05 9.31
N GLY D 39 -27.60 19.97 9.30
CA GLY D 39 -27.81 18.83 10.23
C GLY D 39 -27.29 19.21 11.58
N ILE D 40 -27.60 18.46 12.63
CA ILE D 40 -26.86 18.66 13.90
C ILE D 40 -26.58 17.31 14.60
N CYS D 41 -25.61 17.34 15.52
CA CYS D 41 -25.09 16.12 16.15
C CYS D 41 -24.47 16.50 17.48
N GLY D 42 -23.97 15.49 18.20
CA GLY D 42 -23.44 15.66 19.58
C GLY D 42 -22.32 16.67 19.77
N THR D 43 -21.61 16.97 18.70
CA THR D 43 -20.57 18.01 18.75
C THR D 43 -21.22 19.39 18.83
N ASP D 44 -22.25 19.61 18.02
CA ASP D 44 -23.06 20.82 18.13
C ASP D 44 -23.71 20.96 19.54
N ARG D 45 -24.15 19.86 20.16
CA ARG D 45 -24.74 19.90 21.51
C ARG D 45 -23.69 20.12 22.62
N GLY D 46 -22.57 19.40 22.52
CA GLY D 46 -21.45 19.61 23.42
C GLY D 46 -21.01 21.06 23.41
N GLU D 47 -20.98 21.67 22.26
CA GLU D 47 -20.56 23.06 22.10
C GLU D 47 -21.49 24.02 22.86
N VAL D 48 -22.79 23.76 22.78
CA VAL D 48 -23.76 24.56 23.53
C VAL D 48 -23.61 24.43 25.05
N ALA D 49 -23.40 23.22 25.52
CA ALA D 49 -23.34 22.98 26.94
C ALA D 49 -22.22 23.79 27.48
N GLY D 50 -21.18 23.93 26.68
CA GLY D 50 -19.87 24.35 27.14
C GLY D 50 -19.00 23.14 27.35
N ALA D 51 -19.45 21.97 26.90
CA ALA D 51 -18.77 20.70 27.15
C ALA D 51 -17.34 20.53 26.58
N LEU D 52 -16.92 21.33 25.59
CA LEU D 52 -15.68 21.01 24.85
C LEU D 52 -14.55 22.05 24.94
N SER D 53 -13.55 21.73 25.76
CA SER D 53 -12.34 22.53 25.95
C SER D 53 -11.73 23.21 24.71
N PHE D 54 -11.69 22.48 23.59
CA PHE D 54 -10.95 22.91 22.39
C PHE D 54 -11.67 23.90 21.47
N THR D 55 -12.99 24.06 21.61
CA THR D 55 -13.69 25.03 20.77
C THR D 55 -13.34 26.46 21.14
N TYR D 56 -13.61 27.38 20.23
CA TYR D 56 -13.36 28.81 20.45
C TYR D 56 -13.85 29.66 19.28
N ASN D 57 -13.84 30.97 19.48
CA ASN D 57 -14.38 31.91 18.49
C ASN D 57 -13.29 32.43 17.58
N PRO D 58 -13.66 32.92 16.38
CA PRO D 58 -12.60 33.43 15.53
C PRO D 58 -11.80 34.50 16.21
N GLU D 59 -10.61 34.72 15.69
CA GLU D 59 -9.75 35.73 16.25
C GLU D 59 -10.56 37.02 16.38
N GLY D 60 -10.67 37.51 17.63
CA GLY D 60 -11.22 38.84 17.91
C GLY D 60 -12.71 39.04 17.65
N GLU D 61 -13.53 38.04 17.95
CA GLU D 61 -14.96 38.14 17.85
C GLU D 61 -15.57 37.54 19.11
N ASN D 62 -16.70 38.09 19.56
CA ASN D 62 -17.31 37.70 20.85
C ASN D 62 -18.11 36.38 20.69
N PHE D 63 -18.40 36.00 19.44
CA PHE D 63 -19.36 34.93 19.12
C PHE D 63 -18.86 33.97 18.00
N LEU D 64 -19.58 32.85 17.82
CA LEU D 64 -19.29 31.77 16.84
C LEU D 64 -20.56 31.20 16.20
N VAL D 65 -20.82 31.57 14.95
CA VAL D 65 -21.83 30.86 14.18
C VAL D 65 -21.66 29.33 14.25
N LEU D 66 -22.80 28.64 14.41
CA LEU D 66 -22.84 27.22 14.53
C LEU D 66 -23.23 26.56 13.23
N GLY D 67 -23.02 25.24 13.23
CA GLY D 67 -23.39 24.33 12.14
C GLY D 67 -22.21 23.93 11.25
N HIS D 68 -21.94 22.62 11.15
CA HIS D 68 -20.94 22.08 10.21
C HIS D 68 -21.47 21.04 9.18
N GLU D 69 -22.63 20.45 9.46
CA GLU D 69 -23.32 19.60 8.48
C GLU D 69 -24.30 20.39 7.60
N ALA D 70 -23.94 20.69 6.37
CA ALA D 70 -24.62 21.72 5.61
C ALA D 70 -24.91 21.34 4.21
N LEU D 71 -26.06 21.83 3.76
CA LEU D 71 -26.40 21.92 2.35
C LEU D 71 -26.69 23.37 2.14
N LEU D 72 -26.19 23.91 1.05
CA LEU D 72 -26.05 25.34 0.86
C LEU D 72 -26.40 25.54 -0.56
N GLN D 73 -26.89 26.75 -0.88
CA GLN D 73 -27.11 27.08 -2.29
C GLN D 73 -26.26 28.30 -2.67
N VAL D 74 -25.83 28.33 -3.92
CA VAL D 74 -24.96 29.37 -4.41
C VAL D 74 -25.87 30.55 -4.87
N LEU D 75 -25.50 31.76 -4.48
CA LEU D 75 -26.26 32.96 -4.84
C LEU D 75 -25.53 33.70 -5.96
N ASP D 76 -24.22 33.89 -5.82
CA ASP D 76 -23.34 34.44 -6.86
C ASP D 76 -21.99 33.72 -6.89
N VAL D 77 -21.32 33.65 -8.03
CA VAL D 77 -19.97 33.06 -8.11
C VAL D 77 -19.15 33.49 -9.34
N SER D 78 -17.83 33.46 -9.26
CA SER D 78 -16.98 33.90 -10.36
C SER D 78 -16.97 32.97 -11.55
N ASP D 79 -16.47 33.41 -12.70
CA ASP D 79 -16.51 32.57 -13.91
C ASP D 79 -15.63 31.34 -13.68
N ASN D 80 -16.28 30.18 -13.63
CA ASN D 80 -15.58 28.94 -13.35
C ASN D 80 -16.27 27.74 -13.99
N ASN D 81 -15.56 26.64 -14.13
CA ASN D 81 -16.10 25.50 -14.81
C ASN D 81 -16.81 24.54 -13.93
N TYR D 82 -16.90 24.85 -12.65
CA TYR D 82 -17.52 23.91 -11.73
C TYR D 82 -18.87 24.35 -11.19
N ILE D 83 -18.98 25.58 -10.70
CA ILE D 83 -20.24 26.00 -10.11
C ILE D 83 -20.83 27.31 -10.60
N LYS D 84 -22.14 27.39 -10.44
CA LYS D 84 -22.94 28.49 -10.98
C LYS D 84 -24.01 28.91 -9.97
N ARG D 85 -24.64 30.07 -10.23
CA ARG D 85 -25.87 30.52 -9.53
C ARG D 85 -26.88 29.36 -9.53
N GLY D 86 -27.44 29.01 -8.38
CA GLY D 86 -28.42 27.91 -8.36
C GLY D 86 -27.97 26.51 -7.95
N ASP D 87 -26.75 26.08 -8.33
CA ASP D 87 -26.21 24.78 -7.83
C ASP D 87 -26.22 24.72 -6.29
N PHE D 88 -26.59 23.57 -5.73
CA PHE D 88 -26.46 23.27 -4.29
C PHE D 88 -25.08 22.62 -3.99
N VAL D 89 -24.49 22.90 -2.83
CA VAL D 89 -23.13 22.44 -2.49
C VAL D 89 -23.01 21.95 -1.06
N VAL D 90 -22.12 20.96 -0.81
CA VAL D 90 -21.70 20.70 0.57
C VAL D 90 -20.35 21.42 0.76
N PRO D 91 -20.23 22.19 1.85
CA PRO D 91 -19.01 22.88 2.19
C PRO D 91 -18.06 22.04 3.08
N LEU D 92 -16.76 22.14 2.82
CA LEU D 92 -15.76 21.53 3.75
C LEU D 92 -15.92 22.02 5.18
N VAL D 93 -16.03 21.11 6.15
CA VAL D 93 -15.84 21.54 7.53
C VAL D 93 -14.40 21.96 7.88
N ARG D 94 -13.41 21.12 7.58
CA ARG D 94 -12.00 21.41 7.92
C ARG D 94 -11.33 22.09 6.78
N ARG D 95 -10.62 23.16 7.12
CA ARG D 95 -9.91 23.99 6.15
C ARG D 95 -8.42 23.96 6.50
N PRO D 96 -7.56 23.82 5.49
CA PRO D 96 -6.15 23.45 5.79
C PRO D 96 -5.21 24.55 6.24
N GLY D 97 -4.21 24.16 7.02
CA GLY D 97 -3.07 24.98 7.31
C GLY D 97 -1.96 24.76 6.33
N LYS D 98 -0.76 24.55 6.83
CA LYS D 98 0.47 24.62 6.05
C LYS D 98 1.35 23.35 6.12
N CYS D 99 1.05 22.46 7.06
CA CYS D 99 1.81 21.22 7.27
C CYS D 99 1.73 20.30 6.04
N VAL D 100 2.62 19.30 6.02
CA VAL D 100 2.79 18.39 4.87
C VAL D 100 1.47 17.72 4.51
N ASN D 101 0.61 17.47 5.47
CA ASN D 101 -0.67 16.86 5.09
C ASN D 101 -1.74 17.91 4.64
N CYS D 102 -1.84 19.07 5.28
CA CYS D 102 -2.85 20.04 4.81
C CYS D 102 -2.53 20.42 3.43
N ARG D 103 -1.27 20.68 3.23
CA ARG D 103 -0.94 21.25 1.92
C ARG D 103 -1.24 20.35 0.73
N ILE D 104 -1.55 19.08 0.98
CA ILE D 104 -2.00 18.22 -0.13
C ILE D 104 -3.49 17.99 0.00
N GLY D 105 -4.16 18.75 0.88
CA GLY D 105 -5.61 18.60 1.02
C GLY D 105 -6.01 17.45 1.91
N ARG D 106 -5.09 17.06 2.78
CA ARG D 106 -5.45 16.05 3.73
C ARG D 106 -5.37 16.57 5.17
N GLN D 107 -5.99 17.73 5.36
CA GLN D 107 -6.06 18.40 6.65
C GLN D 107 -6.76 17.60 7.67
N ASP D 108 -7.57 16.65 7.20
CA ASP D 108 -8.09 15.63 8.10
C ASP D 108 -6.96 14.84 8.80
N ASN D 109 -5.78 14.80 8.18
CA ASN D 109 -4.63 14.14 8.79
C ASN D 109 -3.59 15.16 9.20
N CYS D 110 -4.06 16.29 9.75
CA CYS D 110 -3.16 17.42 10.07
C CYS D 110 -2.12 16.84 11.01
N SER D 111 -0.88 17.20 10.75
CA SER D 111 0.25 16.67 11.54
C SER D 111 0.50 17.50 12.83
N ILE D 112 -0.09 18.70 12.87
CA ILE D 112 0.12 19.70 13.91
C ILE D 112 -1.06 19.75 14.84
N GLY D 113 -2.24 19.69 14.28
CA GLY D 113 -3.49 19.85 15.02
C GLY D 113 -3.85 21.33 15.01
N ASP D 114 -4.58 21.75 16.02
CA ASP D 114 -4.86 23.16 16.19
C ASP D 114 -3.57 23.94 16.57
N PRO D 115 -3.29 25.08 15.97
CA PRO D 115 -4.01 25.97 15.06
C PRO D 115 -3.63 25.93 13.57
N ASP D 116 -3.16 24.80 13.04
CA ASP D 116 -2.84 24.72 11.60
C ASP D 116 -4.16 24.61 10.81
N LYS D 117 -4.99 23.68 11.22
CA LYS D 117 -6.31 23.49 10.61
C LYS D 117 -7.39 24.12 11.44
N HIS D 118 -8.51 24.47 10.81
CA HIS D 118 -9.66 25.01 11.53
C HIS D 118 -10.95 24.36 11.03
N GLU D 119 -11.91 24.19 11.93
CA GLU D 119 -13.15 23.55 11.56
C GLU D 119 -14.27 24.57 11.67
N ALA D 120 -14.91 24.84 10.54
CA ALA D 120 -16.13 25.70 10.51
C ALA D 120 -17.08 25.33 11.58
N GLY D 121 -17.36 26.28 12.46
CA GLY D 121 -18.30 26.10 13.55
C GLY D 121 -17.81 25.47 14.82
N ILE D 122 -16.53 25.16 14.88
CA ILE D 122 -15.94 24.58 16.08
C ILE D 122 -14.68 25.32 16.54
N THR D 123 -13.79 25.58 15.62
CA THR D 123 -12.45 26.03 15.98
C THR D 123 -12.06 27.24 15.14
N GLY D 124 -12.60 28.38 15.53
CA GLY D 124 -12.12 29.68 15.08
C GLY D 124 -12.63 30.12 13.73
N LEU D 125 -13.66 29.44 13.24
CA LEU D 125 -14.22 29.77 11.93
C LEU D 125 -15.70 29.64 12.09
N HIS D 126 -16.43 30.60 11.54
CA HIS D 126 -17.87 30.63 11.65
C HIS D 126 -18.54 29.46 10.86
N GLY D 127 -19.48 28.80 11.52
CA GLY D 127 -20.33 27.83 10.86
C GLY D 127 -21.29 28.37 9.81
N PHE D 128 -22.29 27.56 9.50
CA PHE D 128 -23.11 27.76 8.34
C PHE D 128 -24.60 28.14 8.61
N MET D 129 -24.99 28.22 9.88
CA MET D 129 -26.35 28.67 10.31
C MET D 129 -26.45 30.22 10.40
N ARG D 130 -26.46 30.84 9.24
CA ARG D 130 -26.32 32.27 9.12
C ARG D 130 -26.71 32.56 7.67
N ASP D 131 -27.45 33.65 7.48
CA ASP D 131 -28.25 33.81 6.26
C ASP D 131 -27.36 33.88 5.06
N VAL D 132 -26.19 34.48 5.23
CA VAL D 132 -25.21 34.62 4.15
C VAL D 132 -23.81 34.05 4.55
N ILE D 133 -23.16 33.39 3.57
CA ILE D 133 -21.89 32.67 3.76
C ILE D 133 -21.01 33.00 2.59
N TYR D 134 -19.79 33.43 2.85
CA TYR D 134 -18.86 33.61 1.75
C TYR D 134 -17.82 32.50 1.79
N ASP D 135 -17.27 32.12 0.64
CA ASP D 135 -16.37 31.01 0.62
C ASP D 135 -15.62 30.92 -0.68
N ASP D 136 -14.50 30.18 -0.69
CA ASP D 136 -13.82 29.90 -1.93
C ASP D 136 -14.41 28.64 -2.56
N ILE D 137 -14.25 28.52 -3.87
CA ILE D 137 -14.92 27.49 -4.65
C ILE D 137 -14.28 26.12 -4.36
N GLN D 138 -12.99 26.15 -4.00
CA GLN D 138 -12.24 24.95 -3.67
C GLN D 138 -12.85 24.23 -2.48
N ASN D 139 -13.44 24.97 -1.56
CA ASN D 139 -14.05 24.39 -0.37
C ASN D 139 -15.48 23.94 -0.52
N LEU D 140 -15.93 23.94 -1.75
CA LEU D 140 -17.29 23.59 -2.04
C LEU D 140 -17.32 22.28 -2.82
N VAL D 141 -18.23 21.41 -2.39
CA VAL D 141 -18.54 20.19 -3.10
C VAL D 141 -19.92 20.23 -3.77
N LYS D 142 -19.94 20.07 -5.08
CA LYS D 142 -21.22 20.11 -5.81
C LYS D 142 -22.09 18.85 -5.63
N VAL D 143 -23.38 19.06 -5.41
CA VAL D 143 -24.35 17.96 -5.53
C VAL D 143 -24.69 17.84 -7.04
N ASN D 144 -24.43 16.68 -7.62
CA ASN D 144 -24.66 16.44 -9.06
C ASN D 144 -25.93 15.62 -9.32
N ASP D 145 -26.53 15.10 -8.26
CA ASP D 145 -27.78 14.41 -8.35
C ASP D 145 -28.99 15.29 -7.89
N PRO D 146 -29.92 15.69 -8.81
CA PRO D 146 -31.13 16.53 -8.43
C PRO D 146 -32.21 15.86 -7.61
N ASP D 147 -32.25 14.53 -7.62
CA ASP D 147 -33.28 13.78 -6.89
C ASP D 147 -33.00 13.70 -5.48
N LEU D 148 -31.85 14.20 -5.08
CA LEU D 148 -31.37 13.97 -3.74
C LEU D 148 -32.00 14.99 -2.80
N GLY D 149 -32.11 16.22 -3.25
CA GLY D 149 -32.68 17.24 -2.41
C GLY D 149 -32.01 17.22 -1.07
N LYS D 150 -32.78 16.97 -0.02
CA LYS D 150 -32.32 17.26 1.33
C LYS D 150 -31.53 16.09 1.88
N ILE D 151 -31.48 15.01 1.12
CA ILE D 151 -30.73 13.86 1.49
C ILE D 151 -29.28 14.29 1.59
N ALA D 152 -28.90 15.19 0.71
CA ALA D 152 -27.53 15.60 0.59
C ALA D 152 -27.00 16.26 1.86
N VAL D 153 -27.87 16.55 2.80
CA VAL D 153 -27.46 17.11 4.07
C VAL D 153 -26.58 16.12 4.82
N LEU D 154 -26.78 14.87 4.50
CA LEU D 154 -26.12 13.75 5.18
C LEU D 154 -24.66 13.56 4.70
N THR D 155 -24.19 14.41 3.78
CA THR D 155 -22.91 14.24 3.16
C THR D 155 -21.81 14.34 4.21
N GLU D 156 -22.01 15.23 5.17
CA GLU D 156 -21.01 15.50 6.17
C GLU D 156 -20.89 14.36 7.17
N PRO D 157 -22.02 13.88 7.70
CA PRO D 157 -21.73 12.77 8.64
C PRO D 157 -21.17 11.51 7.93
N LEU D 158 -21.61 11.22 6.72
CA LEU D 158 -21.15 10.07 5.94
C LEU D 158 -19.66 10.17 5.54
N LYS D 159 -19.20 11.37 5.28
CA LYS D 159 -17.88 11.54 4.74
C LYS D 159 -16.89 11.10 5.84
N ASN D 160 -17.24 11.27 7.11
CA ASN D 160 -16.38 10.76 8.15
C ASN D 160 -16.28 9.25 8.10
N VAL D 161 -17.38 8.61 7.77
CA VAL D 161 -17.43 7.17 7.65
C VAL D 161 -16.57 6.74 6.47
N MET D 162 -16.53 7.52 5.41
CA MET D 162 -15.78 7.15 4.24
C MET D 162 -14.27 7.16 4.59
N LYS D 163 -13.84 8.19 5.28
CA LYS D 163 -12.47 8.30 5.72
C LYS D 163 -12.16 7.11 6.62
N ALA D 164 -13.05 6.76 7.50
CA ALA D 164 -12.77 5.64 8.36
C ALA D 164 -12.55 4.33 7.66
N PHE D 165 -13.30 4.10 6.60
CA PHE D 165 -13.15 2.91 5.82
C PHE D 165 -11.86 2.98 4.96
N GLU D 166 -11.39 4.16 4.62
CA GLU D 166 -10.09 4.34 4.00
C GLU D 166 -8.98 3.95 5.02
N VAL D 167 -9.17 4.28 6.30
CA VAL D 167 -8.21 3.89 7.34
C VAL D 167 -8.16 2.35 7.49
N PHE D 168 -9.35 1.73 7.50
CA PHE D 168 -9.48 0.27 7.47
C PHE D 168 -8.79 -0.33 6.26
N ASP D 169 -8.92 0.28 5.09
CA ASP D 169 -8.32 -0.31 3.91
C ASP D 169 -6.76 -0.30 4.03
N VAL D 170 -6.20 0.81 4.51
CA VAL D 170 -4.77 0.98 4.65
C VAL D 170 -4.26 -0.02 5.69
N VAL D 171 -4.85 -0.04 6.88
CA VAL D 171 -4.29 -0.84 7.94
C VAL D 171 -4.52 -2.33 7.82
N SER D 172 -5.61 -2.74 7.20
CA SER D 172 -5.86 -4.15 7.05
C SER D 172 -4.90 -4.76 5.99
N LYS D 173 -4.04 -3.97 5.33
CA LYS D 173 -3.02 -4.53 4.46
C LYS D 173 -1.93 -5.21 5.23
N ARG D 174 -1.93 -5.17 6.53
CA ARG D 174 -0.86 -5.77 7.27
C ARG D 174 -0.81 -7.31 7.10
N SER D 175 -1.93 -7.86 6.69
CA SER D 175 -2.12 -9.30 6.59
C SER D 175 -3.23 -9.51 5.58
N ILE D 176 -3.50 -10.75 5.20
CA ILE D 176 -4.63 -10.98 4.28
C ILE D 176 -5.86 -11.08 5.14
N PHE D 177 -6.71 -10.07 5.04
CA PHE D 177 -7.91 -9.96 5.88
C PHE D 177 -9.02 -10.81 5.27
N GLN D 178 -9.01 -10.93 3.93
CA GLN D 178 -10.09 -11.57 3.17
C GLN D 178 -10.07 -13.06 3.36
N ASN D 179 -11.14 -13.70 2.92
CA ASN D 179 -11.23 -15.14 2.88
C ASN D 179 -10.37 -15.62 1.75
N ASP D 180 -10.11 -16.91 1.73
CA ASP D 180 -9.30 -17.51 0.68
C ASP D 180 -9.96 -17.54 -0.69
N ASP D 181 -11.19 -17.06 -0.80
CA ASP D 181 -11.79 -16.80 -2.12
C ASP D 181 -11.60 -15.41 -2.62
N SER D 182 -10.94 -14.59 -1.81
CA SER D 182 -10.66 -13.19 -2.05
C SER D 182 -11.74 -12.22 -1.61
N THR D 183 -12.83 -12.73 -1.09
CA THR D 183 -14.00 -11.96 -0.73
C THR D 183 -14.08 -11.64 0.74
N PHE D 184 -15.01 -10.77 1.11
CA PHE D 184 -15.30 -10.49 2.51
C PHE D 184 -16.50 -11.22 2.98
N ILE D 185 -17.00 -12.16 2.18
CA ILE D 185 -18.21 -12.90 2.54
C ILE D 185 -18.15 -13.55 3.90
N GLY D 186 -19.13 -13.27 4.76
CA GLY D 186 -19.16 -13.84 6.12
C GLY D 186 -18.27 -13.12 7.13
N LYS D 187 -17.47 -12.11 6.72
CA LYS D 187 -16.70 -11.36 7.70
C LYS D 187 -17.67 -10.49 8.52
N LYS D 188 -17.41 -10.41 9.80
CA LYS D 188 -18.35 -9.89 10.75
C LYS D 188 -17.97 -8.45 11.21
N MET D 189 -18.79 -7.46 10.87
CA MET D 189 -18.60 -6.10 11.37
C MET D 189 -19.61 -5.88 12.48
N VAL D 190 -19.17 -5.35 13.63
CA VAL D 190 -20.07 -4.93 14.71
C VAL D 190 -19.82 -3.46 14.93
N VAL D 191 -20.92 -2.67 14.91
CA VAL D 191 -20.88 -1.21 15.09
C VAL D 191 -21.44 -0.97 16.47
N ILE D 192 -20.67 -0.37 17.36
CA ILE D 192 -21.23 -0.09 18.67
C ILE D 192 -22.06 1.19 18.61
N GLY D 193 -23.32 1.04 18.96
CA GLY D 193 -24.27 2.12 18.93
C GLY D 193 -25.23 2.07 17.80
N SER D 194 -26.37 2.76 17.96
CA SER D 194 -27.48 2.76 17.01
C SER D 194 -27.87 4.11 16.44
N GLY D 195 -26.98 5.08 16.48
CA GLY D 195 -27.25 6.44 16.11
C GLY D 195 -27.07 6.73 14.66
N SER D 196 -26.90 7.98 14.31
CA SER D 196 -26.85 8.26 12.89
C SER D 196 -25.54 7.76 12.26
N GLU D 197 -24.42 7.98 12.93
CA GLU D 197 -23.14 7.52 12.36
C GLU D 197 -23.15 5.97 12.31
N ALA D 198 -23.63 5.33 13.36
CA ALA D 198 -23.73 3.91 13.26
C ALA D 198 -24.46 3.45 12.01
N PHE D 199 -25.52 4.15 11.61
CA PHE D 199 -26.34 3.69 10.47
C PHE D 199 -25.53 3.88 9.23
N LEU D 200 -24.81 4.98 9.22
CA LEU D 200 -24.01 5.25 8.05
C LEU D 200 -22.80 4.21 7.90
N TYR D 201 -22.17 3.82 9.01
CA TYR D 201 -21.17 2.71 9.04
C TYR D 201 -21.78 1.39 8.60
N SER D 202 -22.95 1.07 9.14
CA SER D 202 -23.61 -0.21 8.81
C SER D 202 -23.94 -0.35 7.30
N PHE D 203 -24.42 0.74 6.68
CA PHE D 203 -24.76 0.68 5.32
C PHE D 203 -23.50 0.52 4.47
N VAL D 204 -22.44 1.29 4.78
CA VAL D 204 -21.17 1.19 4.08
C VAL D 204 -20.56 -0.22 4.27
N GLY D 205 -20.57 -0.73 5.48
CA GLY D 205 -20.16 -2.11 5.76
C GLY D 205 -20.85 -3.06 4.83
N LYS D 206 -22.15 -2.86 4.69
CA LYS D 206 -22.96 -3.76 3.94
C LYS D 206 -22.58 -3.71 2.49
N ASP D 207 -22.33 -2.52 1.98
CA ASP D 207 -21.79 -2.42 0.62
C ASP D 207 -20.36 -3.00 0.45
N ARG D 208 -19.55 -3.03 1.51
CA ARG D 208 -18.19 -3.61 1.43
C ARG D 208 -18.26 -5.12 1.53
N GLY D 209 -19.41 -5.68 1.91
CA GLY D 209 -19.62 -7.14 1.89
C GLY D 209 -19.64 -7.79 3.22
N PHE D 210 -19.58 -7.03 4.30
CA PHE D 210 -19.59 -7.62 5.64
C PHE D 210 -21.00 -8.02 6.11
N ASP D 211 -21.12 -8.96 7.04
CA ASP D 211 -22.34 -9.18 7.80
C ASP D 211 -22.25 -8.20 8.94
N VAL D 212 -23.24 -7.32 9.07
CA VAL D 212 -23.19 -6.16 9.97
C VAL D 212 -24.29 -6.35 11.03
N THR D 213 -23.93 -6.09 12.29
CA THR D 213 -24.84 -5.92 13.41
C THR D 213 -24.52 -4.63 14.17
N MET D 214 -25.50 -3.73 14.36
CA MET D 214 -25.40 -2.65 15.35
C MET D 214 -25.74 -3.20 16.67
N VAL D 215 -25.24 -2.59 17.70
CA VAL D 215 -25.49 -3.10 19.03
C VAL D 215 -25.66 -1.97 20.00
N ASN D 216 -26.25 -2.29 21.16
CA ASN D 216 -26.56 -1.30 22.20
C ASN D 216 -26.93 -1.95 23.49
N ARG D 217 -27.06 -1.14 24.52
CA ARG D 217 -27.46 -1.63 25.83
C ARG D 217 -29.01 -1.54 26.07
N HIS D 218 -29.82 -1.56 25.00
CA HIS D 218 -31.29 -1.51 25.08
C HIS D 218 -31.92 -1.86 23.73
N ASP D 219 -33.17 -2.30 23.71
CA ASP D 219 -33.84 -2.67 22.45
C ASP D 219 -34.02 -1.38 21.64
N GLU D 220 -34.46 -1.48 20.39
CA GLU D 220 -34.64 -0.29 19.54
C GLU D 220 -36.01 -0.13 18.84
N THR D 221 -36.36 1.12 18.57
CA THR D 221 -37.65 1.46 18.00
C THR D 221 -37.87 0.75 16.68
N GLU D 222 -38.97 0.02 16.57
CA GLU D 222 -39.37 -0.66 15.33
C GLU D 222 -39.18 0.24 14.10
N ASN D 223 -39.25 1.55 14.33
CA ASN D 223 -38.85 2.56 13.34
C ASN D 223 -37.38 2.26 12.91
N LYS D 224 -36.48 2.14 13.89
CA LYS D 224 -35.07 1.89 13.59
C LYS D 224 -34.92 0.49 13.05
N MET D 225 -35.57 -0.46 13.72
CA MET D 225 -35.41 -1.87 13.41
C MET D 225 -35.77 -2.25 12.00
N LYS D 226 -36.62 -1.45 11.36
CA LYS D 226 -37.12 -1.79 10.03
C LYS D 226 -36.28 -1.11 8.94
N MET D 227 -35.60 -0.02 9.32
CA MET D 227 -34.53 0.49 8.45
C MET D 227 -33.36 -0.51 8.42
N MET D 228 -32.92 -0.95 9.60
CA MET D 228 -31.87 -1.99 9.68
C MET D 228 -32.30 -3.13 8.79
N ASP D 229 -33.45 -3.71 9.09
CA ASP D 229 -33.95 -4.85 8.30
C ASP D 229 -34.01 -4.59 6.79
N ASP D 230 -34.40 -3.40 6.39
CA ASP D 230 -34.49 -3.07 4.95
C ASP D 230 -33.13 -3.04 4.24
N PHE D 231 -32.07 -2.77 4.98
CA PHE D 231 -30.72 -2.78 4.42
C PHE D 231 -30.00 -4.12 4.62
N GLY D 232 -30.50 -4.91 5.56
CA GLY D 232 -29.93 -6.23 5.77
C GLY D 232 -28.95 -6.22 6.93
N VAL D 233 -29.05 -5.18 7.75
CA VAL D 233 -28.25 -5.03 8.93
C VAL D 233 -29.00 -5.57 10.11
N GLY D 234 -28.35 -6.44 10.87
CA GLY D 234 -28.90 -6.98 12.08
C GLY D 234 -28.70 -6.03 13.22
N PHE D 235 -29.39 -6.31 14.33
CA PHE D 235 -29.31 -5.54 15.56
C PHE D 235 -29.27 -6.51 16.69
N SER D 236 -28.68 -6.13 17.81
CA SER D 236 -28.73 -6.91 19.02
C SER D 236 -28.47 -6.00 20.18
N ASN D 237 -29.06 -6.33 21.34
CA ASN D 237 -28.87 -5.60 22.58
C ASN D 237 -27.96 -6.49 23.36
N TYR D 238 -26.81 -5.97 23.78
CA TYR D 238 -25.75 -6.88 24.23
C TYR D 238 -25.85 -7.29 25.71
N LEU D 239 -27.01 -6.97 26.32
CA LEU D 239 -27.34 -7.52 27.63
C LEU D 239 -28.12 -8.84 27.42
N LYS D 240 -28.90 -8.92 26.34
CA LYS D 240 -29.54 -10.19 25.96
C LYS D 240 -28.61 -11.11 25.13
N ASP D 241 -28.08 -10.63 23.99
CA ASP D 241 -27.05 -11.40 23.26
C ASP D 241 -25.77 -10.60 22.87
N MET D 242 -24.63 -11.18 23.24
CA MET D 242 -23.32 -10.56 23.14
C MET D 242 -22.61 -11.12 21.90
N PRO D 243 -22.42 -10.33 20.83
CA PRO D 243 -21.90 -10.97 19.63
C PRO D 243 -20.45 -11.36 19.78
N ASP D 244 -20.06 -12.34 18.97
CA ASP D 244 -18.79 -13.04 19.05
C ASP D 244 -17.99 -12.97 17.71
N LYS D 245 -16.69 -13.20 17.79
CA LYS D 245 -15.86 -13.42 16.60
C LYS D 245 -15.96 -12.30 15.59
N ILE D 246 -15.55 -11.13 16.04
CA ILE D 246 -15.71 -9.92 15.26
C ILE D 246 -14.43 -9.63 14.51
N ASP D 247 -14.59 -9.23 13.25
CA ASP D 247 -13.48 -8.93 12.33
C ASP D 247 -13.25 -7.43 12.20
N LEU D 248 -14.32 -6.65 12.23
CA LEU D 248 -14.27 -5.18 12.16
C LEU D 248 -15.23 -4.65 13.22
N LEU D 249 -14.68 -4.09 14.27
CA LEU D 249 -15.39 -3.46 15.37
C LEU D 249 -15.24 -1.95 15.21
N VAL D 250 -16.37 -1.26 15.07
CA VAL D 250 -16.40 0.22 15.03
C VAL D 250 -17.15 0.80 16.24
N ASP D 251 -16.51 1.69 16.98
CA ASP D 251 -17.18 2.39 18.05
C ASP D 251 -17.67 3.82 17.73
N THR D 252 -18.99 4.01 17.84
CA THR D 252 -19.64 5.36 17.92
C THR D 252 -19.99 5.78 19.37
N SER D 253 -19.73 4.93 20.36
CA SER D 253 -20.14 5.21 21.74
C SER D 253 -19.19 6.12 22.43
N GLY D 254 -17.88 5.89 22.29
CA GLY D 254 -16.88 6.65 23.02
C GLY D 254 -16.66 6.16 24.44
N ASP D 255 -17.31 5.06 24.78
CA ASP D 255 -17.29 4.54 26.14
C ASP D 255 -16.27 3.43 26.29
N PRO D 256 -15.26 3.63 27.15
CA PRO D 256 -14.22 2.63 27.30
C PRO D 256 -14.70 1.25 27.70
N SER D 257 -15.60 1.18 28.67
CA SER D 257 -15.98 -0.15 29.16
C SER D 257 -16.52 -0.95 28.01
N THR D 258 -17.29 -0.30 27.14
CA THR D 258 -17.96 -1.02 26.06
C THR D 258 -16.89 -1.40 24.98
N ILE D 259 -16.06 -0.41 24.63
CA ILE D 259 -15.02 -0.58 23.61
C ILE D 259 -14.24 -1.83 23.95
N PHE D 260 -13.71 -1.84 25.16
CA PHE D 260 -12.85 -2.94 25.62
C PHE D 260 -13.51 -4.28 25.83
N LYS D 261 -14.80 -4.33 26.17
CA LYS D 261 -15.48 -5.63 26.31
C LYS D 261 -15.62 -6.20 24.92
N PHE D 262 -15.89 -5.34 23.95
CA PHE D 262 -16.00 -5.80 22.59
C PHE D 262 -14.62 -6.08 21.90
N VAL D 263 -13.57 -5.41 22.33
CA VAL D 263 -12.23 -5.67 21.84
C VAL D 263 -11.85 -7.13 22.15
N LYS D 264 -12.28 -7.63 23.28
CA LYS D 264 -12.05 -9.01 23.67
C LYS D 264 -12.80 -10.06 22.86
N LYS D 265 -13.66 -9.66 21.95
CA LYS D 265 -14.29 -10.58 21.00
C LYS D 265 -13.70 -10.56 19.60
N VAL D 266 -12.63 -9.83 19.41
CA VAL D 266 -12.10 -9.55 18.06
C VAL D 266 -11.19 -10.68 17.67
N ASN D 267 -11.36 -11.16 16.46
CA ASN D 267 -10.50 -12.20 15.94
C ASN D 267 -9.05 -11.77 15.59
N ASN D 268 -8.25 -12.76 15.25
CA ASN D 268 -6.93 -12.54 14.71
C ASN D 268 -7.04 -11.63 13.55
N ASN D 269 -6.14 -10.63 13.49
CA ASN D 269 -6.05 -9.69 12.38
C ASN D 269 -7.22 -8.75 12.31
N GLY D 270 -7.98 -8.65 13.40
CA GLY D 270 -9.11 -7.76 13.46
C GLY D 270 -8.71 -6.33 13.50
N VAL D 271 -9.59 -5.49 13.01
CA VAL D 271 -9.37 -4.06 13.06
C VAL D 271 -10.47 -3.41 13.91
N VAL D 272 -10.04 -2.55 14.83
CA VAL D 272 -10.92 -1.77 15.66
C VAL D 272 -10.82 -0.32 15.25
N ILE D 273 -11.95 0.30 14.86
CA ILE D 273 -12.00 1.74 14.52
C ILE D 273 -12.57 2.49 15.71
N LEU D 274 -11.83 3.47 16.19
CA LEU D 274 -12.28 4.28 17.28
C LEU D 274 -12.70 5.57 16.62
N PHE D 275 -13.93 5.95 16.85
CA PHE D 275 -14.55 7.04 16.14
C PHE D 275 -15.29 8.00 17.06
N GLY D 276 -16.17 7.45 17.85
CA GLY D 276 -16.93 8.21 18.78
C GLY D 276 -16.16 8.73 19.95
N PHE D 277 -16.50 9.91 20.41
CA PHE D 277 -15.86 10.39 21.61
C PHE D 277 -16.81 10.97 22.61
N ASN D 278 -16.64 10.54 23.84
CA ASN D 278 -17.40 11.00 24.96
C ASN D 278 -16.42 11.34 26.05
N GLY D 279 -16.13 12.61 26.25
CA GLY D 279 -15.17 13.05 27.25
C GLY D 279 -15.54 12.76 28.69
N LYS D 280 -16.82 12.60 28.94
CA LYS D 280 -17.41 12.29 30.27
C LYS D 280 -17.35 10.80 30.66
N ALA D 281 -17.18 9.91 29.67
CA ALA D 281 -17.27 8.46 29.93
C ALA D 281 -16.29 8.03 30.99
N PRO D 282 -16.77 7.26 31.99
CA PRO D 282 -15.83 6.82 32.99
C PRO D 282 -14.76 5.82 32.48
N GLY D 283 -13.74 5.66 33.30
CA GLY D 283 -12.63 4.81 33.08
C GLY D 283 -13.01 3.36 33.18
N TYR D 284 -12.33 2.54 32.36
CA TYR D 284 -12.42 1.11 32.48
C TYR D 284 -10.99 0.59 32.60
N PRO D 285 -10.79 -0.41 33.45
CA PRO D 285 -9.42 -0.82 33.77
C PRO D 285 -8.84 -1.80 32.75
N VAL D 286 -7.87 -1.33 31.98
CA VAL D 286 -7.26 -2.18 31.00
C VAL D 286 -6.12 -2.86 31.73
N ASN D 287 -6.11 -4.19 31.72
CA ASN D 287 -5.01 -4.92 32.35
C ASN D 287 -4.04 -5.66 31.38
N GLY D 288 -3.00 -6.21 31.96
CA GLY D 288 -2.01 -7.02 31.30
C GLY D 288 -2.52 -7.96 30.23
N GLU D 289 -3.61 -8.65 30.54
CA GLU D 289 -4.20 -9.66 29.64
C GLU D 289 -4.94 -9.02 28.49
N ASP D 290 -5.59 -7.89 28.72
CA ASP D 290 -6.21 -7.16 27.66
C ASP D 290 -5.14 -6.82 26.57
N ILE D 291 -4.00 -6.30 26.99
CA ILE D 291 -2.91 -5.98 26.07
C ILE D 291 -2.48 -7.23 25.29
N ASP D 292 -2.24 -8.29 26.02
CA ASP D 292 -1.80 -9.54 25.47
C ASP D 292 -2.80 -10.06 24.45
N TYR D 293 -4.09 -9.91 24.71
CA TYR D 293 -5.13 -10.27 23.75
C TYR D 293 -4.86 -9.60 22.38
N ILE D 294 -4.58 -8.30 22.43
CA ILE D 294 -4.32 -7.48 21.28
C ILE D 294 -3.03 -7.86 20.61
N VAL D 295 -1.98 -8.01 21.38
CA VAL D 295 -0.68 -8.38 20.82
C VAL D 295 -0.70 -9.72 20.09
N GLU D 296 -1.16 -10.75 20.74
CA GLU D 296 -1.08 -12.07 20.18
C GLU D 296 -2.02 -12.30 19.05
N ARG D 297 -2.94 -11.39 18.85
CA ARG D 297 -3.85 -11.51 17.74
C ARG D 297 -3.53 -10.60 16.63
N ASN D 298 -2.46 -9.83 16.75
CA ASN D 298 -2.14 -8.83 15.72
C ASN D 298 -3.31 -7.92 15.42
N ILE D 299 -4.01 -7.47 16.41
CA ILE D 299 -5.15 -6.55 16.20
C ILE D 299 -4.62 -5.13 16.05
N THR D 300 -5.34 -4.33 15.29
CA THR D 300 -5.06 -2.93 15.12
C THR D 300 -6.26 -2.09 15.59
N ILE D 301 -5.99 -1.09 16.42
CA ILE D 301 -6.95 -0.16 16.92
C ILE D 301 -6.57 1.18 16.30
N ALA D 302 -7.42 1.72 15.43
CA ALA D 302 -7.11 3.00 14.78
C ALA D 302 -8.13 4.06 15.10
N GLY D 303 -7.66 5.22 15.54
CA GLY D 303 -8.56 6.32 15.79
C GLY D 303 -8.74 7.05 14.50
N SER D 304 -9.97 7.50 14.19
CA SER D 304 -10.21 8.27 12.98
C SER D 304 -11.09 9.50 13.17
N VAL D 305 -10.72 10.61 12.57
CA VAL D 305 -11.45 11.84 12.66
C VAL D 305 -11.49 12.61 11.36
N ASP D 306 -12.66 13.14 11.00
CA ASP D 306 -12.87 14.03 9.88
C ASP D 306 -12.65 13.34 8.57
N ALA D 307 -12.48 14.08 7.51
CA ALA D 307 -12.23 13.54 6.22
C ALA D 307 -11.85 14.60 5.24
N ALA D 308 -11.38 14.13 4.11
CA ALA D 308 -10.92 14.95 3.04
C ALA D 308 -12.05 15.18 2.01
N LYS D 309 -11.87 16.20 1.20
CA LYS D 309 -12.80 16.53 0.15
C LYS D 309 -13.22 15.30 -0.66
N ILE D 310 -12.29 14.41 -0.95
CA ILE D 310 -12.58 13.35 -1.89
C ILE D 310 -13.63 12.50 -1.23
N HIS D 311 -13.59 12.42 0.08
CA HIS D 311 -14.64 11.62 0.73
C HIS D 311 -16.04 12.24 0.79
N TYR D 312 -16.11 13.55 0.56
CA TYR D 312 -17.41 14.21 0.50
C TYR D 312 -18.03 13.78 -0.82
N VAL D 313 -17.20 13.74 -1.86
CA VAL D 313 -17.59 13.26 -3.18
C VAL D 313 -18.11 11.83 -3.02
N GLN D 314 -17.34 10.96 -2.36
CA GLN D 314 -17.73 9.55 -2.25
C GLN D 314 -19.05 9.43 -1.50
N ALA D 315 -19.18 10.18 -0.42
CA ALA D 315 -20.37 10.13 0.39
C ALA D 315 -21.62 10.54 -0.46
N LEU D 316 -21.48 11.60 -1.26
CA LEU D 316 -22.49 11.95 -2.27
C LEU D 316 -22.84 10.83 -3.27
N ASP D 317 -21.81 10.18 -3.83
CA ASP D 317 -22.09 9.03 -4.73
C ASP D 317 -22.81 7.92 -4.03
N SER D 318 -22.46 7.69 -2.79
CA SER D 318 -23.13 6.66 -2.02
C SER D 318 -24.61 6.92 -1.79
N LEU D 319 -24.92 8.12 -1.31
CA LEU D 319 -26.34 8.53 -1.09
C LEU D 319 -27.19 8.40 -2.37
N SER D 320 -26.65 8.81 -3.52
CA SER D 320 -27.33 8.63 -4.79
C SER D 320 -27.56 7.19 -5.15
N ASN D 321 -26.60 6.34 -4.86
CA ASN D 321 -26.77 4.92 -5.11
C ASN D 321 -27.75 4.34 -4.14
N TRP D 322 -27.68 4.72 -2.86
CA TRP D 322 -28.60 4.18 -1.89
C TRP D 322 -30.05 4.66 -2.18
N TYR D 323 -30.21 5.98 -2.38
CA TYR D 323 -31.51 6.60 -2.64
C TYR D 323 -32.28 5.90 -3.76
N HIS D 324 -31.67 5.84 -4.94
CA HIS D 324 -32.22 5.17 -6.10
C HIS D 324 -32.50 3.66 -5.98
N ARG D 325 -32.07 3.01 -4.90
CA ARG D 325 -32.36 1.59 -4.74
C ARG D 325 -33.22 1.37 -3.49
N HIS D 326 -33.15 2.27 -2.50
CA HIS D 326 -34.03 2.18 -1.33
C HIS D 326 -34.56 3.55 -0.97
N PRO D 327 -35.26 4.23 -1.92
CA PRO D 327 -35.63 5.65 -1.69
C PRO D 327 -36.40 5.78 -0.40
N GLN D 328 -37.31 4.86 -0.15
CA GLN D 328 -38.10 5.03 1.05
C GLN D 328 -37.17 5.09 2.29
N THR D 329 -36.26 4.11 2.46
CA THR D 329 -35.42 3.99 3.70
C THR D 329 -34.44 5.15 3.96
N ILE D 330 -33.74 5.65 2.96
CA ILE D 330 -32.83 6.75 3.26
C ILE D 330 -33.56 7.97 3.76
N LYS D 331 -34.72 8.21 3.17
CA LYS D 331 -35.53 9.39 3.41
C LYS D 331 -35.88 9.39 4.87
N ASP D 332 -36.15 8.16 5.36
CA ASP D 332 -36.52 8.01 6.75
C ASP D 332 -35.42 8.34 7.76
N ILE D 333 -34.22 8.57 7.40
CA ILE D 333 -33.06 8.86 8.27
C ILE D 333 -33.23 10.23 8.92
N ILE D 334 -33.64 11.20 8.11
CA ILE D 334 -33.85 12.55 8.60
C ILE D 334 -35.22 12.56 9.30
N THR D 335 -35.20 12.60 10.63
CA THR D 335 -36.41 12.35 11.42
C THR D 335 -37.18 13.62 11.77
N TYR D 336 -36.54 14.77 11.68
CA TYR D 336 -37.19 16.01 12.01
C TYR D 336 -36.62 17.19 11.21
N GLU D 337 -37.48 17.97 10.55
CA GLU D 337 -37.07 19.30 10.04
C GLU D 337 -37.49 20.44 11.01
N ALA D 338 -36.53 20.96 11.76
CA ALA D 338 -36.78 22.02 12.73
C ALA D 338 -36.53 23.36 12.10
N LYS D 339 -36.96 24.42 12.81
CA LYS D 339 -36.80 25.82 12.40
C LYS D 339 -35.79 26.53 13.31
N PRO D 340 -35.03 27.51 12.75
CA PRO D 340 -33.96 28.13 13.55
C PRO D 340 -34.51 28.58 14.85
N GLU D 341 -35.74 29.00 14.79
CA GLU D 341 -36.41 29.55 15.91
C GLU D 341 -36.41 28.44 16.94
N GLU D 342 -36.62 27.21 16.51
CA GLU D 342 -36.75 26.12 17.46
C GLU D 342 -35.36 25.71 17.86
N THR D 343 -34.90 26.16 19.02
CA THR D 343 -33.56 25.84 19.49
C THR D 343 -33.62 24.97 20.71
N ASN D 344 -34.73 24.29 20.88
CA ASN D 344 -34.88 23.26 21.92
C ASN D 344 -34.02 22.07 21.50
N ILE D 345 -33.89 21.91 20.19
CA ILE D 345 -33.15 20.81 19.55
C ILE D 345 -31.75 20.63 20.11
N PHE D 346 -31.07 21.74 20.40
CA PHE D 346 -29.72 21.64 20.98
C PHE D 346 -29.70 21.06 22.41
N PHE D 347 -30.88 20.88 23.03
CA PHE D 347 -30.98 20.29 24.38
C PHE D 347 -31.75 18.96 24.41
N GLN D 348 -32.65 18.74 23.44
CA GLN D 348 -33.59 17.63 23.52
C GLN D 348 -33.78 16.86 22.21
N LYS D 349 -34.05 15.56 22.32
CA LYS D 349 -34.28 14.76 21.13
C LYS D 349 -35.77 14.66 20.76
N PRO D 350 -36.15 15.10 19.54
CA PRO D 350 -37.40 14.62 18.97
C PRO D 350 -37.54 13.09 19.14
N LYS D 351 -38.75 12.60 19.48
CA LYS D 351 -38.93 11.18 19.79
C LYS D 351 -38.29 10.20 18.77
N GLY D 352 -37.38 9.34 19.26
CA GLY D 352 -36.63 8.41 18.40
C GLY D 352 -35.94 9.05 17.19
N GLU D 353 -35.22 10.15 17.44
CA GLU D 353 -34.53 10.92 16.40
C GLU D 353 -33.23 10.27 15.97
N ILE D 354 -33.05 10.10 14.68
CA ILE D 354 -31.76 9.68 14.18
C ILE D 354 -30.98 10.85 13.64
N LYS D 355 -31.50 11.54 12.63
CA LYS D 355 -30.91 12.81 12.22
C LYS D 355 -31.88 13.97 12.30
N THR D 356 -31.46 15.06 12.94
CA THR D 356 -32.24 16.28 12.97
C THR D 356 -31.65 17.40 12.14
N VAL D 357 -32.36 17.67 11.07
CA VAL D 357 -32.08 18.72 10.13
C VAL D 357 -32.76 20.03 10.60
N ILE D 358 -32.26 21.16 10.10
CA ILE D 358 -32.80 22.48 10.37
C ILE D 358 -33.08 23.15 9.03
N LYS D 359 -34.34 23.52 8.77
CA LYS D 359 -34.66 24.17 7.50
C LYS D 359 -34.43 25.66 7.62
N TRP D 360 -33.77 26.23 6.63
CA TRP D 360 -33.41 27.62 6.74
C TRP D 360 -34.49 28.49 6.13
N PRO D 361 -34.85 29.59 6.80
CA PRO D 361 -35.74 30.56 6.17
C PRO D 361 -35.18 31.09 4.85
#